data_7VZN
#
_entry.id   7VZN
#
_cell.length_a   111.394
_cell.length_b   111.394
_cell.length_c   230.892
_cell.angle_alpha   90.000
_cell.angle_beta   90.000
_cell.angle_gamma   120.000
#
_symmetry.space_group_name_H-M   'P 31 2 1'
#
loop_
_entity.id
_entity.type
_entity.pdbx_description
1 polymer GdmN
2 non-polymer 'FE (III) ION'
3 non-polymer (5~{S},6~{E},8~{S},9~{S},12~{R},15~{E})-21-chloranyl-12,20-dimethoxy-6,8,16-trimethyl-5,9-bis(oxidanyl)-2-azabicyclo[16.3.1]docosa-1(21),6,15,18(22),19-pentaene-3,11-dione
4 non-polymer "5'-O-[(S)-(carbamoyloxy)(hydroxy)phosphoryl]adenosine"
5 non-polymer DI(HYDROXYETHYL)ETHER
6 non-polymer 1,2-ETHANEDIOL
7 non-polymer GLYCEROL
8 non-polymer 'PHOSPHORIC ACID MONO(FORMAMIDE)ESTER'
9 non-polymer 'SULFATE ION'
10 water water
#
_entity_poly.entity_id   1
_entity_poly.type   'polypeptide(L)'
_entity_poly.pdbx_seq_one_letter_code
;MLVLGLNGNFSAADTDVVPQLGEVFFHDSAASLIRDGELVAAVEEERLNRIKKTTKFPLNAVRECLALAGARPEDVDAVG
YYFPENHIDTVLNHLYTEYPRAPLRYSRELIRQRLKEGLGWDLPDEKLVYVPHHEAHAYSSYLHSGMDSALVLVLDGRGE
LHSGTVYRAEGTRLEKLADYPVPKSLGGLYLNATYLLGYGFGDEYKVMGLAPWGNPETYRDTFAKLYTLQDNGEYELHGN
IMVPNLVSPLFYAEGFRPRRKGEPFTQAHRDFAAALQETVEKIVLHILEYWAKTSGHSRLCFGGGVAHNSSLNGLILKSG
LFDEVFVHPASHDAGAGEGAAYAAAASLGTLERPGKRLLSASLGPALGGREQIRARLADWAPLIDVEFPDDAVETAAGLL
AEGQVLGWAYGRSEFGPRALGHRSIVADARPEENRTRINAMVKKREGFRPFAPVVTAEAARDYFDLSGADGNHEFMSFVV
PVLPERRTELGAVTHVDGTARVQVVSAESGERFHRLVRRFGELTGTPVLLNTSFNNNAEPIVQSLDDVVTSFLTTDLDVL
VVEDCLVRGKASPDLGVLVPRFRPVTRLVERRTAGPDASAGAKTHEIHLDYDGGPSAKVSPELYELLGAVDGTTTLGDLA
KTVGGLSDALATEVFALWEQRFLTLAPAGDIGPLADDGTRGH
;
_entity_poly.pdbx_strand_id   A,B
#
loop_
_chem_comp.id
_chem_comp.type
_chem_comp.name
_chem_comp.formula
83Z non-polymer (5~{S},6~{E},8~{S},9~{S},12~{R},15~{E})-21-chloranyl-12,20-dimethoxy-6,8,16-trimethyl-5,9-bis(oxidanyl)-2-azabicyclo[16.3.1]docosa-1(21),6,15,18(22),19-pentaene-3,11-dione 'C26 H34 Cl N O6'
CA0 non-polymer 5'-O-[(S)-(carbamoyloxy)(hydroxy)phosphoryl]adenosine 'C11 H15 N6 O8 P'
CP non-polymer 'PHOSPHORIC ACID MONO(FORMAMIDE)ESTER' 'C H4 N O5 P'
EDO non-polymer 1,2-ETHANEDIOL 'C2 H6 O2'
FE non-polymer 'FE (III) ION' 'Fe 3'
GOL non-polymer GLYCEROL 'C3 H8 O3'
PEG non-polymer DI(HYDROXYETHYL)ETHER 'C4 H10 O3'
SO4 non-polymer 'SULFATE ION' 'O4 S -2'
#
# COMPACT_ATOMS: atom_id res chain seq x y z
N MET A 1 -8.47 -42.73 -6.93
CA MET A 1 -8.25 -41.38 -7.46
C MET A 1 -8.51 -40.27 -6.43
N LEU A 2 -7.45 -39.75 -5.80
CA LEU A 2 -7.56 -38.80 -4.71
C LEU A 2 -6.82 -37.52 -5.10
N VAL A 3 -7.55 -36.40 -5.13
CA VAL A 3 -7.02 -35.16 -5.68
C VAL A 3 -7.25 -34.00 -4.72
N LEU A 4 -6.19 -33.23 -4.45
CA LEU A 4 -6.28 -32.07 -3.58
C LEU A 4 -6.51 -30.80 -4.41
N GLY A 5 -7.42 -29.95 -3.95
CA GLY A 5 -7.64 -28.65 -4.56
C GLY A 5 -7.12 -27.55 -3.64
N LEU A 6 -6.38 -26.60 -4.22
CA LEU A 6 -5.68 -25.57 -3.45
C LEU A 6 -6.03 -24.19 -3.99
N ASN A 7 -6.17 -23.23 -3.08
CA ASN A 7 -6.27 -21.83 -3.46
C ASN A 7 -5.71 -20.98 -2.33
N GLY A 8 -5.30 -19.76 -2.68
CA GLY A 8 -4.72 -18.83 -1.73
C GLY A 8 -3.28 -18.50 -2.08
N ASN A 9 -2.68 -17.65 -1.24
CA ASN A 9 -1.28 -17.28 -1.39
C ASN A 9 -0.41 -18.29 -0.64
N PHE A 10 0.86 -17.97 -0.41
CA PHE A 10 1.85 -18.96 0.03
C PHE A 10 2.53 -18.58 1.34
N SER A 11 1.97 -17.64 2.08
CA SER A 11 2.60 -17.15 3.30
C SER A 11 2.58 -18.21 4.41
N ALA A 12 3.59 -18.14 5.29
CA ALA A 12 3.65 -18.96 6.49
C ALA A 12 2.70 -18.42 7.55
N ALA A 13 2.64 -19.10 8.70
CA ALA A 13 1.71 -18.69 9.76
C ALA A 13 2.06 -17.31 10.32
N ASP A 14 3.35 -17.00 10.43
CA ASP A 14 3.79 -15.85 11.21
C ASP A 14 4.36 -14.71 10.39
N THR A 15 4.55 -14.91 9.08
CA THR A 15 5.00 -13.87 8.17
C THR A 15 4.21 -13.99 6.87
N ASP A 16 4.33 -13.00 6.01
CA ASP A 16 3.73 -13.07 4.68
C ASP A 16 4.83 -13.02 3.62
N VAL A 17 4.49 -13.45 2.39
CA VAL A 17 5.51 -13.56 1.33
C VAL A 17 6.23 -12.23 1.14
N VAL A 18 5.50 -11.12 1.19
CA VAL A 18 6.10 -9.80 1.38
C VAL A 18 5.46 -9.18 2.60
N PRO A 19 6.14 -8.22 3.25
CA PRO A 19 5.58 -7.64 4.48
C PRO A 19 4.27 -6.92 4.21
N GLN A 20 3.31 -7.16 5.12
N GLN A 20 3.30 -7.15 5.11
CA GLN A 20 1.98 -6.54 5.04
CA GLN A 20 1.99 -6.51 5.03
C GLN A 20 1.31 -6.80 3.69
C GLN A 20 1.29 -6.80 3.70
N LEU A 21 1.52 -7.99 3.15
CA LEU A 21 0.86 -8.41 1.91
C LEU A 21 -0.63 -8.09 1.95
N GLY A 22 -1.10 -7.34 0.95
CA GLY A 22 -2.49 -6.93 0.92
C GLY A 22 -3.50 -8.05 1.10
N GLU A 23 -4.59 -7.77 1.80
CA GLU A 23 -5.61 -8.79 2.09
C GLU A 23 -6.31 -9.33 0.83
N VAL A 24 -6.21 -8.64 -0.32
CA VAL A 24 -6.86 -9.15 -1.53
C VAL A 24 -5.93 -9.99 -2.41
N PHE A 25 -4.68 -10.23 -2.00
CA PHE A 25 -3.73 -10.96 -2.85
C PHE A 25 -3.85 -12.45 -2.59
N PHE A 26 -4.85 -13.05 -3.26
CA PHE A 26 -5.15 -14.48 -3.25
C PHE A 26 -5.68 -14.91 -1.88
N HIS A 27 -6.94 -14.55 -1.63
CA HIS A 27 -7.63 -14.59 -0.35
C HIS A 27 -8.51 -15.84 -0.22
N ASP A 28 -9.14 -16.01 0.95
CA ASP A 28 -10.03 -17.17 1.21
C ASP A 28 -9.31 -18.49 0.93
N SER A 29 -8.04 -18.56 1.31
CA SER A 29 -7.27 -19.80 1.19
C SER A 29 -8.04 -20.96 1.78
N ALA A 30 -8.06 -22.07 1.04
CA ALA A 30 -8.81 -23.25 1.43
C ALA A 30 -8.16 -24.50 0.83
N ALA A 31 -8.59 -25.65 1.30
CA ALA A 31 -8.19 -26.91 0.70
C ALA A 31 -9.42 -27.80 0.59
N SER A 32 -9.49 -28.55 -0.49
CA SER A 32 -10.58 -29.48 -0.74
C SER A 32 -9.97 -30.80 -1.17
N LEU A 33 -10.62 -31.90 -0.80
CA LEU A 33 -10.16 -33.23 -1.19
C LEU A 33 -11.30 -33.95 -1.86
N ILE A 34 -11.09 -34.41 -3.09
CA ILE A 34 -12.07 -35.22 -3.80
C ILE A 34 -11.51 -36.63 -3.95
N ARG A 35 -12.41 -37.62 -3.87
CA ARG A 35 -11.99 -39.02 -3.98
C ARG A 35 -13.04 -39.74 -4.82
N ASP A 36 -12.61 -40.35 -5.92
CA ASP A 36 -13.53 -40.98 -6.87
C ASP A 36 -14.65 -40.04 -7.26
N GLY A 37 -14.31 -38.76 -7.45
CA GLY A 37 -15.25 -37.76 -7.89
C GLY A 37 -16.13 -37.15 -6.81
N GLU A 38 -16.08 -37.65 -5.57
CA GLU A 38 -16.87 -37.08 -4.48
C GLU A 38 -16.01 -36.15 -3.66
N LEU A 39 -16.59 -35.02 -3.25
CA LEU A 39 -15.95 -34.11 -2.32
C LEU A 39 -16.04 -34.69 -0.92
N VAL A 40 -14.90 -35.13 -0.37
CA VAL A 40 -14.89 -35.84 0.90
C VAL A 40 -14.56 -34.90 2.05
N ALA A 41 -13.86 -33.81 1.76
CA ALA A 41 -13.55 -32.87 2.82
C ALA A 41 -13.18 -31.53 2.20
N ALA A 42 -13.56 -30.47 2.90
CA ALA A 42 -13.22 -29.12 2.46
C ALA A 42 -13.27 -28.20 3.68
N VAL A 43 -12.27 -27.34 3.81
CA VAL A 43 -12.28 -26.36 4.90
C VAL A 43 -11.45 -25.16 4.48
N GLU A 44 -11.94 -23.99 4.84
CA GLU A 44 -11.19 -22.75 4.62
C GLU A 44 -10.18 -22.53 5.73
N GLU A 45 -8.97 -22.08 5.34
CA GLU A 45 -7.91 -21.86 6.31
C GLU A 45 -8.30 -20.84 7.38
N GLU A 46 -9.16 -19.87 7.03
CA GLU A 46 -9.59 -18.88 8.02
C GLU A 46 -10.14 -19.53 9.28
N ARG A 47 -10.81 -20.68 9.15
CA ARG A 47 -11.38 -21.37 10.31
C ARG A 47 -10.29 -21.89 11.24
N LEU A 48 -9.10 -22.17 10.71
CA LEU A 48 -8.02 -22.77 11.47
C LEU A 48 -7.00 -21.76 11.97
N ASN A 49 -6.63 -20.75 11.16
CA ASN A 49 -5.76 -19.71 11.69
C ASN A 49 -6.52 -18.50 12.23
N ARG A 50 -7.86 -18.52 12.17
CA ARG A 50 -8.74 -17.51 12.77
C ARG A 50 -8.54 -16.12 12.16
N ILE A 51 -8.00 -16.03 10.94
CA ILE A 51 -7.90 -14.78 10.20
C ILE A 51 -8.96 -14.79 9.10
N LYS A 52 -9.99 -13.95 9.21
CA LYS A 52 -11.07 -13.91 8.21
C LYS A 52 -10.52 -13.75 6.79
N LYS A 53 -10.99 -14.62 5.88
CA LYS A 53 -10.66 -14.55 4.44
C LYS A 53 -9.15 -14.55 4.20
N THR A 54 -8.41 -15.25 5.06
CA THR A 54 -6.95 -15.22 5.06
C THR A 54 -6.35 -15.55 3.70
N THR A 55 -5.19 -14.94 3.41
CA THR A 55 -4.40 -15.21 2.22
C THR A 55 -3.28 -16.21 2.49
N LYS A 56 -3.09 -16.63 3.73
CA LYS A 56 -1.96 -17.50 4.06
C LYS A 56 -2.18 -18.89 3.47
N PHE A 57 -1.07 -19.56 3.20
CA PHE A 57 -1.12 -20.87 2.61
C PHE A 57 -1.96 -21.81 3.47
N PRO A 58 -2.88 -22.56 2.89
CA PRO A 58 -3.83 -23.36 3.65
C PRO A 58 -3.24 -24.68 4.15
N LEU A 59 -2.11 -24.58 4.85
CA LEU A 59 -1.41 -25.76 5.34
C LEU A 59 -2.26 -26.56 6.32
N ASN A 60 -2.89 -25.88 7.29
CA ASN A 60 -3.73 -26.58 8.25
C ASN A 60 -4.91 -27.23 7.55
N ALA A 61 -5.49 -26.53 6.57
CA ALA A 61 -6.64 -27.07 5.85
C ALA A 61 -6.28 -28.36 5.11
N VAL A 62 -5.08 -28.43 4.53
CA VAL A 62 -4.67 -29.66 3.86
C VAL A 62 -4.51 -30.79 4.87
N ARG A 63 -3.87 -30.50 6.00
CA ARG A 63 -3.70 -31.52 7.02
C ARG A 63 -5.05 -32.04 7.52
N GLU A 64 -6.01 -31.12 7.77
CA GLU A 64 -7.34 -31.52 8.22
C GLU A 64 -8.08 -32.30 7.15
N CYS A 65 -7.97 -31.90 5.88
CA CYS A 65 -8.64 -32.67 4.83
C CYS A 65 -8.13 -34.11 4.76
N LEU A 66 -6.80 -34.27 4.80
CA LEU A 66 -6.23 -35.62 4.74
C LEU A 66 -6.70 -36.46 5.91
N ALA A 67 -6.81 -35.85 7.10
CA ALA A 67 -7.28 -36.60 8.25
C ALA A 67 -8.72 -37.04 8.05
N LEU A 68 -9.59 -36.15 7.56
CA LEU A 68 -10.97 -36.52 7.32
C LEU A 68 -11.09 -37.64 6.29
N ALA A 69 -10.23 -37.67 5.29
CA ALA A 69 -10.26 -38.73 4.29
C ALA A 69 -9.53 -39.99 4.73
N GLY A 70 -8.88 -39.96 5.89
CA GLY A 70 -8.09 -41.11 6.31
C GLY A 70 -6.90 -41.38 5.42
N ALA A 71 -6.30 -40.33 4.86
CA ALA A 71 -5.25 -40.45 3.86
C ALA A 71 -3.96 -39.85 4.38
N ARG A 72 -2.84 -40.34 3.84
CA ARG A 72 -1.50 -39.81 3.98
C ARG A 72 -1.17 -38.93 2.78
N PRO A 73 -0.28 -37.95 2.92
CA PRO A 73 0.12 -37.13 1.77
C PRO A 73 0.48 -37.96 0.53
N GLU A 74 1.11 -39.12 0.74
CA GLU A 74 1.55 -39.96 -0.36
C GLU A 74 0.40 -40.58 -1.13
N ASP A 75 -0.80 -40.65 -0.56
CA ASP A 75 -1.94 -41.18 -1.27
C ASP A 75 -2.49 -40.23 -2.33
N VAL A 76 -2.11 -38.96 -2.30
CA VAL A 76 -2.72 -37.95 -3.17
C VAL A 76 -2.19 -38.14 -4.59
N ASP A 77 -3.10 -38.32 -5.55
CA ASP A 77 -2.66 -38.56 -6.93
C ASP A 77 -2.32 -37.28 -7.68
N ALA A 78 -2.94 -36.15 -7.32
CA ALA A 78 -2.64 -34.88 -7.98
C ALA A 78 -3.12 -33.73 -7.11
N VAL A 79 -2.56 -32.55 -7.38
CA VAL A 79 -2.86 -31.31 -6.69
C VAL A 79 -3.20 -30.28 -7.75
N GLY A 80 -4.40 -29.70 -7.66
CA GLY A 80 -4.80 -28.59 -8.53
C GLY A 80 -4.70 -27.25 -7.84
N TYR A 81 -4.18 -26.25 -8.55
CA TYR A 81 -4.13 -24.88 -8.05
C TYR A 81 -5.01 -23.98 -8.93
N TYR A 82 -5.80 -23.11 -8.29
CA TYR A 82 -6.94 -22.40 -8.94
C TYR A 82 -6.54 -21.21 -9.86
N PHE A 83 -5.29 -21.05 -10.29
CA PHE A 83 -4.88 -20.02 -11.24
C PHE A 83 -3.79 -20.62 -12.13
N PRO A 84 -3.66 -20.14 -13.37
CA PRO A 84 -2.53 -20.55 -14.22
C PRO A 84 -1.21 -20.11 -13.62
N GLU A 85 -0.18 -20.94 -13.86
CA GLU A 85 1.12 -20.73 -13.23
C GLU A 85 1.73 -19.38 -13.61
N ASN A 86 1.62 -19.01 -14.89
CA ASN A 86 2.26 -17.77 -15.35
C ASN A 86 1.61 -16.55 -14.71
N HIS A 87 0.31 -16.60 -14.41
CA HIS A 87 -0.35 -15.44 -13.82
C HIS A 87 0.05 -15.23 -12.37
N ILE A 88 -0.06 -16.27 -11.54
CA ILE A 88 0.33 -16.12 -10.13
C ILE A 88 1.81 -15.77 -10.02
N ASP A 89 2.65 -16.34 -10.89
CA ASP A 89 4.08 -16.04 -10.82
C ASP A 89 4.37 -14.60 -11.25
N THR A 90 3.65 -14.10 -12.24
CA THR A 90 3.84 -12.72 -12.68
C THR A 90 3.41 -11.73 -11.59
N VAL A 91 2.33 -12.07 -10.87
CA VAL A 91 1.95 -11.24 -9.72
C VAL A 91 3.00 -11.34 -8.62
N LEU A 92 3.42 -12.56 -8.27
CA LEU A 92 4.51 -12.68 -7.29
C LEU A 92 5.72 -11.87 -7.74
N ASN A 93 6.06 -11.94 -9.02
CA ASN A 93 7.22 -11.21 -9.52
C ASN A 93 7.05 -9.70 -9.33
N HIS A 94 5.82 -9.21 -9.54
CA HIS A 94 5.54 -7.79 -9.31
C HIS A 94 5.79 -7.41 -7.85
N LEU A 95 5.26 -8.20 -6.91
CA LEU A 95 5.51 -7.94 -5.49
C LEU A 95 7.01 -7.93 -5.19
N TYR A 96 7.77 -8.80 -5.87
CA TYR A 96 9.20 -8.87 -5.61
C TYR A 96 9.93 -7.65 -6.17
N THR A 97 9.39 -6.98 -7.19
CA THR A 97 10.03 -5.74 -7.65
C THR A 97 9.78 -4.62 -6.65
N GLU A 98 8.68 -4.69 -5.90
CA GLU A 98 8.40 -3.66 -4.91
C GLU A 98 9.06 -3.94 -3.57
N TYR A 99 9.57 -5.15 -3.35
CA TYR A 99 10.19 -5.53 -2.09
C TYR A 99 11.49 -6.23 -2.44
N PRO A 100 12.55 -5.46 -2.74
CA PRO A 100 13.78 -6.08 -3.26
C PRO A 100 14.52 -6.99 -2.29
N ARG A 101 14.12 -7.06 -1.01
CA ARG A 101 14.72 -8.03 -0.11
C ARG A 101 14.10 -9.41 -0.25
N ALA A 102 12.93 -9.52 -0.85
CA ALA A 102 12.27 -10.81 -0.92
C ALA A 102 12.97 -11.71 -1.92
N PRO A 103 13.29 -12.94 -1.56
CA PRO A 103 13.91 -13.85 -2.53
C PRO A 103 12.93 -14.23 -3.62
N LEU A 104 13.47 -14.54 -4.79
CA LEU A 104 12.65 -14.87 -5.94
C LEU A 104 12.24 -16.34 -5.83
N ARG A 105 11.15 -16.58 -5.10
CA ARG A 105 10.52 -17.90 -4.99
C ARG A 105 9.14 -17.81 -5.60
N TYR A 106 8.89 -18.57 -6.65
CA TYR A 106 7.62 -18.48 -7.35
C TYR A 106 6.71 -19.61 -6.89
N SER A 107 5.52 -19.71 -7.50
CA SER A 107 4.45 -20.49 -6.87
C SER A 107 4.83 -21.97 -6.77
N ARG A 108 5.45 -22.53 -7.81
CA ARG A 108 5.73 -23.97 -7.80
C ARG A 108 6.70 -24.32 -6.67
N GLU A 109 7.78 -23.55 -6.53
CA GLU A 109 8.71 -23.76 -5.43
C GLU A 109 8.05 -23.50 -4.08
N LEU A 110 7.15 -22.52 -4.02
CA LEU A 110 6.55 -22.20 -2.73
C LEU A 110 5.57 -23.28 -2.30
N ILE A 111 4.77 -23.79 -3.23
CA ILE A 111 3.84 -24.87 -2.93
C ILE A 111 4.60 -26.10 -2.47
N ARG A 112 5.64 -26.46 -3.21
CA ARG A 112 6.43 -27.64 -2.83
C ARG A 112 7.14 -27.42 -1.50
N GLN A 113 7.63 -26.21 -1.24
CA GLN A 113 8.27 -25.97 0.05
C GLN A 113 7.26 -26.08 1.20
N ARG A 114 6.06 -25.50 1.04
CA ARG A 114 5.08 -25.54 2.14
C ARG A 114 4.66 -26.97 2.45
N LEU A 115 4.42 -27.78 1.42
CA LEU A 115 3.96 -29.14 1.65
C LEU A 115 5.07 -30.02 2.21
N LYS A 116 6.33 -29.75 1.83
CA LYS A 116 7.44 -30.52 2.37
C LYS A 116 7.71 -30.16 3.83
N GLU A 117 7.97 -28.88 4.11
CA GLU A 117 8.22 -28.47 5.49
C GLU A 117 7.00 -28.68 6.36
N GLY A 118 5.80 -28.49 5.82
CA GLY A 118 4.61 -28.46 6.64
C GLY A 118 4.00 -29.82 6.90
N LEU A 119 4.05 -30.71 5.91
CA LEU A 119 3.46 -32.03 6.01
C LEU A 119 4.45 -33.16 5.73
N GLY A 120 5.73 -32.87 5.52
CA GLY A 120 6.69 -33.91 5.17
C GLY A 120 6.41 -34.53 3.83
N TRP A 121 5.86 -33.78 2.90
CA TRP A 121 5.34 -34.31 1.65
C TRP A 121 6.15 -33.74 0.50
N ASP A 122 6.81 -34.63 -0.23
CA ASP A 122 7.63 -34.25 -1.38
C ASP A 122 6.73 -34.40 -2.61
N LEU A 123 6.24 -33.26 -3.13
CA LEU A 123 5.29 -33.29 -4.26
C LEU A 123 6.06 -33.28 -5.57
N PRO A 124 5.90 -34.29 -6.42
CA PRO A 124 6.57 -34.26 -7.73
C PRO A 124 5.98 -33.19 -8.65
N ASP A 125 6.85 -32.58 -9.46
CA ASP A 125 6.39 -31.58 -10.42
C ASP A 125 5.20 -32.08 -11.21
N GLU A 126 5.24 -33.35 -11.63
CA GLU A 126 4.23 -33.87 -12.53
C GLU A 126 2.85 -34.00 -11.88
N LYS A 127 2.75 -33.90 -10.55
CA LYS A 127 1.44 -33.99 -9.91
C LYS A 127 0.77 -32.63 -9.69
N LEU A 128 1.51 -31.53 -9.82
CA LEU A 128 0.95 -30.19 -9.61
C LEU A 128 0.35 -29.67 -10.92
N VAL A 129 -0.96 -29.44 -10.94
CA VAL A 129 -1.67 -28.96 -12.13
C VAL A 129 -2.23 -27.57 -11.86
N TYR A 130 -1.86 -26.59 -12.68
CA TYR A 130 -2.44 -25.26 -12.59
C TYR A 130 -3.63 -25.15 -13.54
N VAL A 131 -4.65 -24.40 -13.12
CA VAL A 131 -5.96 -24.43 -13.77
C VAL A 131 -6.43 -23.02 -14.09
N PRO A 132 -7.03 -22.76 -15.26
CA PRO A 132 -7.65 -21.45 -15.48
C PRO A 132 -8.70 -21.17 -14.42
N HIS A 133 -8.72 -19.92 -13.93
CA HIS A 133 -9.48 -19.62 -12.72
C HIS A 133 -10.99 -19.83 -12.91
N HIS A 134 -11.56 -19.33 -14.00
CA HIS A 134 -13.00 -19.49 -14.16
C HIS A 134 -13.39 -20.91 -14.52
N GLU A 135 -12.49 -21.65 -15.15
CA GLU A 135 -12.73 -23.07 -15.33
C GLU A 135 -12.86 -23.79 -14.00
N ALA A 136 -11.98 -23.49 -13.04
CA ALA A 136 -12.08 -24.08 -11.70
C ALA A 136 -13.42 -23.74 -11.04
N HIS A 137 -13.80 -22.45 -11.07
CA HIS A 137 -15.12 -22.06 -10.57
C HIS A 137 -16.22 -22.87 -11.23
N ALA A 138 -16.14 -23.03 -12.56
CA ALA A 138 -17.27 -23.64 -13.27
C ALA A 138 -17.43 -25.11 -12.91
N TYR A 139 -16.32 -25.84 -12.81
CA TYR A 139 -16.41 -27.25 -12.42
C TYR A 139 -17.09 -27.39 -11.06
N SER A 140 -16.65 -26.58 -10.10
CA SER A 140 -17.20 -26.66 -8.75
C SER A 140 -18.69 -26.41 -8.75
N SER A 141 -19.13 -25.32 -9.38
CA SER A 141 -20.54 -24.96 -9.40
C SER A 141 -21.38 -25.97 -10.16
N TYR A 142 -20.85 -26.52 -11.26
CA TYR A 142 -21.68 -27.39 -12.10
C TYR A 142 -21.70 -28.84 -11.60
N LEU A 143 -20.55 -29.38 -11.22
CA LEU A 143 -20.50 -30.81 -10.90
C LEU A 143 -21.29 -31.13 -9.64
N HIS A 144 -21.55 -30.16 -8.78
CA HIS A 144 -22.35 -30.39 -7.59
C HIS A 144 -23.83 -30.07 -7.78
N SER A 145 -24.24 -29.71 -8.99
CA SER A 145 -25.62 -29.30 -9.22
C SER A 145 -26.56 -30.48 -9.42
N GLY A 146 -26.04 -31.68 -9.69
CA GLY A 146 -26.91 -32.78 -10.08
C GLY A 146 -27.52 -32.65 -11.47
N MET A 147 -27.12 -31.65 -12.24
CA MET A 147 -27.61 -31.47 -13.61
C MET A 147 -26.66 -32.16 -14.58
N ASP A 148 -27.21 -32.73 -15.66
CA ASP A 148 -26.34 -33.31 -16.68
C ASP A 148 -26.12 -32.39 -17.88
N SER A 149 -26.70 -31.19 -17.88
CA SER A 149 -26.40 -30.14 -18.84
C SER A 149 -26.96 -28.82 -18.32
N ALA A 150 -26.23 -27.72 -18.58
CA ALA A 150 -26.59 -26.42 -18.02
C ALA A 150 -25.80 -25.32 -18.69
N LEU A 151 -26.35 -24.11 -18.63
CA LEU A 151 -25.56 -22.89 -18.77
C LEU A 151 -24.83 -22.64 -17.46
N VAL A 152 -23.55 -22.30 -17.53
CA VAL A 152 -22.74 -22.03 -16.34
C VAL A 152 -22.17 -20.64 -16.47
N LEU A 153 -22.53 -19.75 -15.54
CA LEU A 153 -22.04 -18.40 -15.51
C LEU A 153 -21.10 -18.23 -14.31
N VAL A 154 -19.89 -17.73 -14.56
CA VAL A 154 -18.93 -17.39 -13.51
C VAL A 154 -18.71 -15.89 -13.56
N LEU A 155 -19.01 -15.20 -12.46
CA LEU A 155 -18.72 -13.78 -12.32
C LEU A 155 -17.97 -13.55 -11.01
N ASP A 156 -16.77 -12.98 -11.09
CA ASP A 156 -16.11 -12.55 -9.86
C ASP A 156 -15.44 -11.18 -10.07
N GLY A 157 -14.39 -10.90 -9.31
CA GLY A 157 -13.58 -9.73 -9.57
C GLY A 157 -12.73 -9.94 -10.81
N ARG A 158 -11.85 -10.95 -10.81
CA ARG A 158 -11.16 -11.33 -12.03
C ARG A 158 -10.55 -12.72 -11.89
N GLY A 159 -10.43 -13.41 -13.01
CA GLY A 159 -9.49 -14.49 -13.18
C GLY A 159 -8.18 -13.97 -13.76
N GLU A 160 -7.44 -14.86 -14.42
CA GLU A 160 -6.18 -14.42 -15.02
C GLU A 160 -6.42 -13.40 -16.13
N LEU A 161 -7.45 -13.61 -16.96
CA LEU A 161 -7.73 -12.76 -18.13
C LEU A 161 -9.13 -12.15 -18.20
N HIS A 162 -10.07 -12.60 -17.37
CA HIS A 162 -11.46 -12.23 -17.57
C HIS A 162 -12.10 -11.97 -16.22
N SER A 163 -13.09 -11.09 -16.21
CA SER A 163 -13.94 -10.88 -15.05
C SER A 163 -15.19 -11.75 -15.07
N GLY A 164 -15.51 -12.35 -16.22
CA GLY A 164 -16.72 -13.16 -16.35
C GLY A 164 -16.56 -14.17 -17.46
N THR A 165 -17.08 -15.38 -17.27
CA THR A 165 -17.05 -16.42 -18.28
C THR A 165 -18.38 -17.13 -18.31
N VAL A 166 -18.82 -17.49 -19.53
CA VAL A 166 -20.03 -18.25 -19.75
C VAL A 166 -19.64 -19.59 -20.40
N TYR A 167 -20.11 -20.70 -19.82
CA TYR A 167 -19.86 -22.04 -20.33
C TYR A 167 -21.15 -22.76 -20.68
N ARG A 168 -21.06 -23.69 -21.62
CA ARG A 168 -22.02 -24.78 -21.75
C ARG A 168 -21.44 -25.99 -21.05
N ALA A 169 -22.25 -26.67 -20.25
CA ALA A 169 -21.82 -27.88 -19.56
C ALA A 169 -22.73 -29.02 -20.01
N GLU A 170 -22.13 -30.15 -20.36
CA GLU A 170 -22.88 -31.34 -20.80
C GLU A 170 -22.10 -32.55 -20.34
N GLY A 171 -22.73 -33.45 -19.59
CA GLY A 171 -21.98 -34.55 -18.99
C GLY A 171 -20.94 -34.00 -18.03
N THR A 172 -19.66 -34.29 -18.28
CA THR A 172 -18.57 -33.71 -17.51
C THR A 172 -17.71 -32.76 -18.35
N ARG A 173 -18.22 -32.30 -19.49
CA ARG A 173 -17.46 -31.44 -20.40
C ARG A 173 -17.94 -29.99 -20.28
N LEU A 174 -16.99 -29.08 -20.11
CA LEU A 174 -17.25 -27.64 -20.18
C LEU A 174 -16.82 -27.13 -21.54
N GLU A 175 -17.63 -26.27 -22.14
CA GLU A 175 -17.31 -25.60 -23.39
C GLU A 175 -17.55 -24.11 -23.20
N LYS A 176 -16.49 -23.31 -23.31
CA LYS A 176 -16.65 -21.87 -23.17
C LYS A 176 -17.54 -21.32 -24.29
N LEU A 177 -18.53 -20.51 -23.92
CA LEU A 177 -19.34 -19.77 -24.86
C LEU A 177 -18.90 -18.32 -25.01
N ALA A 178 -18.50 -17.66 -23.92
CA ALA A 178 -18.21 -16.23 -23.96
C ALA A 178 -17.35 -15.88 -22.75
N ASP A 179 -16.75 -14.69 -22.81
CA ASP A 179 -16.08 -14.14 -21.64
C ASP A 179 -16.16 -12.62 -21.69
N TYR A 180 -15.80 -11.99 -20.57
CA TYR A 180 -15.92 -10.56 -20.41
C TYR A 180 -14.59 -10.10 -19.82
N PRO A 181 -14.02 -8.99 -20.31
CA PRO A 181 -12.65 -8.62 -19.93
C PRO A 181 -12.59 -8.10 -18.50
N VAL A 182 -11.36 -8.03 -17.98
CA VAL A 182 -11.15 -7.56 -16.61
C VAL A 182 -11.77 -6.20 -16.31
N PRO A 183 -11.62 -5.18 -17.16
CA PRO A 183 -12.21 -3.86 -16.82
C PRO A 183 -13.74 -3.85 -16.78
N LYS A 184 -14.43 -4.91 -17.21
CA LYS A 184 -15.88 -4.96 -17.05
C LYS A 184 -16.31 -5.65 -15.75
N SER A 185 -15.40 -5.77 -14.78
CA SER A 185 -15.66 -6.57 -13.59
C SER A 185 -16.81 -6.03 -12.76
N LEU A 186 -17.82 -6.87 -12.54
CA LEU A 186 -18.89 -6.51 -11.61
C LEU A 186 -18.48 -6.73 -10.17
N GLY A 187 -17.65 -7.74 -9.91
CA GLY A 187 -17.07 -7.86 -8.57
C GLY A 187 -16.23 -6.65 -8.20
N GLY A 188 -15.41 -6.17 -9.14
CA GLY A 188 -14.65 -4.95 -8.90
C GLY A 188 -15.55 -3.74 -8.72
N LEU A 189 -16.62 -3.63 -9.50
CA LEU A 189 -17.55 -2.53 -9.32
C LEU A 189 -18.18 -2.55 -7.92
N TYR A 190 -18.64 -3.73 -7.48
CA TYR A 190 -19.30 -3.81 -6.18
C TYR A 190 -18.32 -3.49 -5.04
N LEU A 191 -17.08 -3.97 -5.15
CA LEU A 191 -16.07 -3.69 -4.12
C LEU A 191 -15.66 -2.22 -4.13
N ASN A 192 -15.49 -1.62 -5.32
CA ASN A 192 -15.24 -0.18 -5.41
C ASN A 192 -16.32 0.62 -4.67
N ALA A 193 -17.59 0.27 -4.90
CA ALA A 193 -18.68 1.00 -4.28
C ALA A 193 -18.75 0.72 -2.78
N THR A 194 -18.47 -0.53 -2.38
CA THR A 194 -18.40 -0.88 -0.97
C THR A 194 -17.45 0.03 -0.20
N TYR A 195 -16.32 0.40 -0.82
CA TYR A 195 -15.36 1.30 -0.18
C TYR A 195 -15.92 2.70 0.06
N LEU A 196 -16.93 3.15 -0.70
CA LEU A 196 -17.55 4.45 -0.43
C LEU A 196 -18.42 4.45 0.81
N LEU A 197 -18.79 3.28 1.31
CA LEU A 197 -19.64 3.19 2.49
C LEU A 197 -18.83 2.93 3.75
N GLY A 198 -17.54 3.23 3.74
CA GLY A 198 -16.70 3.03 4.90
C GLY A 198 -16.40 1.58 5.21
N TYR A 199 -16.62 0.69 4.23
CA TYR A 199 -16.41 -0.75 4.33
C TYR A 199 -15.21 -1.18 3.47
N GLY A 200 -14.83 -2.44 3.63
CA GLY A 200 -13.71 -2.96 2.84
C GLY A 200 -13.97 -4.34 2.26
N PHE A 201 -12.91 -5.02 1.85
CA PHE A 201 -13.06 -6.37 1.32
C PHE A 201 -13.68 -7.26 2.37
N GLY A 202 -14.63 -8.09 1.94
CA GLY A 202 -15.39 -8.91 2.85
C GLY A 202 -16.71 -8.33 3.31
N ASP A 203 -16.94 -7.03 3.12
CA ASP A 203 -18.15 -6.37 3.60
C ASP A 203 -19.23 -6.26 2.53
N GLU A 204 -19.02 -6.85 1.35
CA GLU A 204 -19.96 -6.68 0.25
C GLU A 204 -21.38 -7.10 0.63
N TYR A 205 -21.52 -8.22 1.36
CA TYR A 205 -22.86 -8.65 1.72
C TYR A 205 -23.50 -7.77 2.78
N LYS A 206 -22.73 -6.91 3.48
CA LYS A 206 -23.35 -5.93 4.35
C LYS A 206 -23.96 -4.80 3.54
N VAL A 207 -23.27 -4.38 2.49
CA VAL A 207 -23.82 -3.41 1.53
C VAL A 207 -25.10 -3.96 0.91
N MET A 208 -25.07 -5.24 0.52
CA MET A 208 -26.27 -5.90 0.02
C MET A 208 -27.39 -5.87 1.05
N GLY A 209 -27.06 -6.08 2.33
CA GLY A 209 -28.07 -6.05 3.38
C GLY A 209 -28.61 -4.65 3.60
N LEU A 210 -27.81 -3.62 3.29
CA LEU A 210 -28.21 -2.22 3.45
C LEU A 210 -29.14 -1.77 2.33
N ALA A 211 -28.91 -2.26 1.11
CA ALA A 211 -29.62 -1.78 -0.07
C ALA A 211 -31.14 -1.72 0.06
N PRO A 212 -31.85 -2.70 0.68
CA PRO A 212 -33.32 -2.59 0.75
C PRO A 212 -33.83 -1.42 1.58
N TRP A 213 -32.98 -0.81 2.41
CA TRP A 213 -33.37 0.38 3.16
C TRP A 213 -33.30 1.65 2.33
N GLY A 214 -32.70 1.59 1.14
CA GLY A 214 -32.54 2.77 0.32
C GLY A 214 -33.51 2.81 -0.85
N ASN A 215 -33.59 4.00 -1.46
CA ASN A 215 -34.39 4.22 -2.65
C ASN A 215 -33.47 4.27 -3.86
N PRO A 216 -33.53 3.29 -4.78
CA PRO A 216 -32.59 3.30 -5.91
C PRO A 216 -32.80 4.44 -6.90
N GLU A 217 -33.89 5.22 -6.77
CA GLU A 217 -34.07 6.36 -7.68
C GLU A 217 -33.03 7.45 -7.46
N THR A 218 -32.61 7.68 -6.21
CA THR A 218 -31.78 8.85 -5.92
C THR A 218 -30.54 8.89 -6.80
N TYR A 219 -29.81 7.78 -6.87
CA TYR A 219 -28.54 7.74 -7.59
C TYR A 219 -28.61 6.90 -8.87
N ARG A 220 -29.82 6.55 -9.33
CA ARG A 220 -29.94 5.73 -10.54
C ARG A 220 -29.26 6.40 -11.73
N ASP A 221 -29.52 7.70 -11.93
CA ASP A 221 -28.94 8.37 -13.08
C ASP A 221 -27.44 8.62 -12.91
N THR A 222 -26.92 8.61 -11.68
CA THR A 222 -25.47 8.69 -11.52
C THR A 222 -24.80 7.38 -11.94
N PHE A 223 -25.30 6.24 -11.42
CA PHE A 223 -24.73 4.95 -11.82
C PHE A 223 -24.87 4.72 -13.31
N ALA A 224 -25.93 5.26 -13.93
CA ALA A 224 -26.15 5.11 -15.37
C ALA A 224 -25.01 5.70 -16.19
N LYS A 225 -24.25 6.64 -15.61
CA LYS A 225 -23.07 7.15 -16.28
C LYS A 225 -21.89 6.18 -16.22
N LEU A 226 -21.94 5.17 -15.34
CA LEU A 226 -20.82 4.25 -15.18
C LEU A 226 -20.96 2.96 -15.99
N TYR A 227 -22.10 2.70 -16.60
CA TYR A 227 -22.23 1.50 -17.43
C TYR A 227 -23.19 1.79 -18.59
N THR A 228 -23.04 0.99 -19.66
CA THR A 228 -23.98 1.00 -20.77
C THR A 228 -24.35 -0.44 -21.13
N LEU A 229 -25.64 -0.74 -21.15
CA LEU A 229 -26.10 -2.01 -21.71
C LEU A 229 -26.07 -1.93 -23.23
N GLN A 230 -25.49 -2.93 -23.89
CA GLN A 230 -25.39 -2.96 -25.34
C GLN A 230 -26.11 -4.18 -25.90
N ASP A 231 -26.20 -4.23 -27.24
CA ASP A 231 -26.94 -5.27 -27.94
C ASP A 231 -26.33 -6.65 -27.70
N ASN A 232 -27.18 -7.67 -27.79
CA ASN A 232 -26.73 -9.07 -27.81
C ASN A 232 -25.90 -9.41 -26.58
N GLY A 233 -26.41 -9.02 -25.40
CA GLY A 233 -25.83 -9.44 -24.14
C GLY A 233 -24.54 -8.76 -23.75
N GLU A 234 -24.16 -7.70 -24.45
CA GLU A 234 -22.93 -7.01 -24.13
C GLU A 234 -23.19 -5.86 -23.17
N TYR A 235 -22.12 -5.34 -22.59
CA TYR A 235 -22.21 -4.18 -21.72
C TYR A 235 -20.81 -3.57 -21.62
N GLU A 236 -20.78 -2.36 -21.09
CA GLU A 236 -19.54 -1.65 -20.91
C GLU A 236 -19.58 -0.97 -19.55
N LEU A 237 -18.44 -0.93 -18.87
CA LEU A 237 -18.24 -0.06 -17.72
C LEU A 237 -17.33 1.09 -18.14
N HIS A 238 -17.64 2.28 -17.67
CA HIS A 238 -16.92 3.48 -18.12
C HIS A 238 -15.91 3.89 -17.06
N GLY A 239 -14.63 3.65 -17.34
CA GLY A 239 -13.57 3.93 -16.40
C GLY A 239 -13.15 5.39 -16.37
N ASN A 240 -12.07 5.64 -15.63
CA ASN A 240 -11.51 6.98 -15.47
C ASN A 240 -10.01 6.81 -15.26
N ILE A 241 -9.27 7.92 -15.42
CA ILE A 241 -7.83 7.90 -15.23
C ILE A 241 -7.42 8.60 -13.95
N MET A 242 -8.36 8.93 -13.07
CA MET A 242 -7.96 9.64 -11.87
C MET A 242 -7.50 8.71 -10.76
N VAL A 243 -8.29 7.70 -10.40
CA VAL A 243 -7.96 6.83 -9.27
C VAL A 243 -8.38 5.40 -9.61
N PRO A 244 -7.78 4.39 -8.93
CA PRO A 244 -8.18 3.00 -9.20
C PRO A 244 -9.48 2.61 -8.51
N ASN A 245 -10.53 3.33 -8.83
CA ASN A 245 -11.88 3.06 -8.32
C ASN A 245 -12.86 3.57 -9.37
N LEU A 246 -13.75 2.70 -9.85
CA LEU A 246 -14.68 3.08 -10.90
C LEU A 246 -15.71 4.10 -10.45
N VAL A 247 -16.03 4.14 -9.15
CA VAL A 247 -17.21 4.82 -8.65
C VAL A 247 -16.88 6.14 -7.97
N SER A 248 -15.76 6.22 -7.25
CA SER A 248 -15.63 7.34 -6.33
C SER A 248 -15.44 8.71 -7.01
N PRO A 249 -14.76 8.84 -8.17
CA PRO A 249 -14.60 10.19 -8.76
C PRO A 249 -15.91 10.83 -9.18
N LEU A 250 -16.79 10.09 -9.87
CA LEU A 250 -18.06 10.67 -10.30
C LEU A 250 -18.90 11.05 -9.09
N PHE A 251 -19.00 10.16 -8.10
CA PHE A 251 -19.83 10.46 -6.95
C PHE A 251 -19.25 11.60 -6.10
N TYR A 252 -17.92 11.73 -6.04
CA TYR A 252 -17.31 12.90 -5.40
C TYR A 252 -17.71 14.19 -6.13
N ALA A 253 -17.62 14.21 -7.46
CA ALA A 253 -17.97 15.42 -8.21
C ALA A 253 -19.42 15.81 -8.01
N GLU A 254 -20.29 14.85 -7.69
CA GLU A 254 -21.68 15.19 -7.41
C GLU A 254 -21.95 15.47 -5.95
N GLY A 255 -20.92 15.53 -5.11
CA GLY A 255 -21.10 15.92 -3.72
C GLY A 255 -21.30 14.79 -2.74
N PHE A 256 -21.15 13.54 -3.17
CA PHE A 256 -21.29 12.40 -2.28
C PHE A 256 -19.96 12.16 -1.56
N ARG A 257 -20.00 12.16 -0.22
CA ARG A 257 -18.77 11.95 0.52
C ARG A 257 -18.74 10.55 1.12
N PRO A 258 -17.61 9.87 1.07
CA PRO A 258 -17.52 8.52 1.65
C PRO A 258 -17.81 8.49 3.14
N ARG A 259 -18.58 7.50 3.57
CA ARG A 259 -18.88 7.33 4.99
C ARG A 259 -17.61 7.01 5.78
N ARG A 260 -17.52 7.54 7.01
CA ARG A 260 -16.40 7.26 7.89
C ARG A 260 -16.72 6.09 8.79
N LYS A 261 -15.68 5.35 9.18
CA LYS A 261 -15.89 4.20 10.06
C LYS A 261 -16.41 4.68 11.41
N GLY A 262 -17.38 3.95 11.94
CA GLY A 262 -17.98 4.36 13.19
C GLY A 262 -18.96 5.51 13.12
N GLU A 263 -19.41 5.88 11.93
CA GLU A 263 -20.43 6.92 11.77
C GLU A 263 -21.69 6.31 11.18
N PRO A 264 -22.86 6.94 11.39
CA PRO A 264 -24.12 6.32 10.96
C PRO A 264 -24.21 6.14 9.46
N PHE A 265 -25.06 5.20 9.06
CA PHE A 265 -25.44 5.02 7.67
C PHE A 265 -26.63 5.91 7.39
N THR A 266 -26.40 7.02 6.70
CA THR A 266 -27.47 7.96 6.41
C THR A 266 -28.38 7.45 5.30
N GLN A 267 -29.45 8.20 5.05
CA GLN A 267 -30.35 7.85 3.94
C GLN A 267 -29.65 7.96 2.60
N ALA A 268 -28.72 8.90 2.46
CA ALA A 268 -27.93 8.96 1.24
C ALA A 268 -27.07 7.72 1.06
N HIS A 269 -26.49 7.20 2.16
CA HIS A 269 -25.72 5.95 2.07
C HIS A 269 -26.62 4.78 1.68
N ARG A 270 -27.79 4.69 2.32
CA ARG A 270 -28.73 3.61 1.98
C ARG A 270 -29.16 3.70 0.53
N ASP A 271 -29.40 4.92 0.05
CA ASP A 271 -29.81 5.13 -1.34
C ASP A 271 -28.70 4.71 -2.28
N PHE A 272 -27.45 5.05 -1.93
CA PHE A 272 -26.30 4.64 -2.72
C PHE A 272 -26.24 3.11 -2.83
N ALA A 273 -26.32 2.41 -1.69
CA ALA A 273 -26.36 0.94 -1.71
C ALA A 273 -27.48 0.43 -2.60
N ALA A 274 -28.66 1.06 -2.54
CA ALA A 274 -29.78 0.57 -3.34
C ALA A 274 -29.52 0.74 -4.84
N ALA A 275 -28.90 1.86 -5.23
CA ALA A 275 -28.64 2.06 -6.65
C ALA A 275 -27.50 1.16 -7.15
N LEU A 276 -26.50 0.88 -6.32
CA LEU A 276 -25.46 -0.08 -6.69
C LEU A 276 -26.05 -1.47 -6.93
N GLN A 277 -26.88 -1.94 -6.00
CA GLN A 277 -27.45 -3.28 -6.11
C GLN A 277 -28.32 -3.40 -7.35
N GLU A 278 -29.16 -2.39 -7.59
CA GLU A 278 -29.97 -2.38 -8.80
C GLU A 278 -29.10 -2.39 -10.05
N THR A 279 -27.97 -1.65 -10.03
CA THR A 279 -27.09 -1.64 -11.20
C THR A 279 -26.56 -3.04 -11.52
N VAL A 280 -26.07 -3.76 -10.51
CA VAL A 280 -25.49 -5.07 -10.80
C VAL A 280 -26.57 -6.04 -11.22
N GLU A 281 -27.75 -5.95 -10.61
CA GLU A 281 -28.89 -6.77 -11.03
C GLU A 281 -29.21 -6.51 -12.50
N LYS A 282 -29.26 -5.23 -12.91
CA LYS A 282 -29.59 -4.92 -14.29
C LYS A 282 -28.57 -5.51 -15.27
N ILE A 283 -27.28 -5.43 -14.94
CA ILE A 283 -26.25 -5.95 -15.85
C ILE A 283 -26.30 -7.48 -15.91
N VAL A 284 -26.39 -8.14 -14.74
CA VAL A 284 -26.36 -9.59 -14.74
C VAL A 284 -27.58 -10.16 -15.45
N LEU A 285 -28.76 -9.60 -15.19
CA LEU A 285 -29.96 -10.08 -15.87
C LEU A 285 -29.90 -9.84 -17.37
N HIS A 286 -29.25 -8.74 -17.78
CA HIS A 286 -28.99 -8.49 -19.20
C HIS A 286 -28.13 -9.59 -19.79
N ILE A 287 -27.01 -9.91 -19.14
CA ILE A 287 -26.16 -11.01 -19.58
C ILE A 287 -26.97 -12.30 -19.70
N LEU A 288 -27.72 -12.63 -18.64
CA LEU A 288 -28.38 -13.93 -18.58
C LEU A 288 -29.56 -13.99 -19.56
N GLU A 289 -30.28 -12.88 -19.74
CA GLU A 289 -31.35 -12.91 -20.72
C GLU A 289 -30.82 -13.30 -22.08
N TYR A 290 -29.67 -12.73 -22.45
CA TYR A 290 -29.12 -13.02 -23.76
C TYR A 290 -28.62 -14.46 -23.84
N TRP A 291 -27.86 -14.91 -22.83
CA TRP A 291 -27.24 -16.23 -22.94
C TRP A 291 -28.20 -17.37 -22.69
N ALA A 292 -29.30 -17.14 -21.97
CA ALA A 292 -30.38 -18.12 -21.88
C ALA A 292 -31.00 -18.39 -23.25
N LYS A 293 -31.41 -17.34 -23.96
CA LYS A 293 -32.06 -17.56 -25.25
C LYS A 293 -31.07 -18.02 -26.29
N THR A 294 -29.82 -17.58 -26.20
CA THR A 294 -28.83 -17.94 -27.22
C THR A 294 -28.36 -19.38 -27.07
N SER A 295 -28.03 -19.80 -25.84
CA SER A 295 -27.49 -21.14 -25.61
C SER A 295 -28.57 -22.21 -25.60
N GLY A 296 -29.82 -21.83 -25.38
CA GLY A 296 -30.93 -22.78 -25.33
C GLY A 296 -31.06 -23.56 -24.03
N HIS A 297 -30.30 -23.21 -22.97
CA HIS A 297 -30.36 -23.98 -21.73
C HIS A 297 -31.48 -23.48 -20.83
N SER A 298 -32.26 -24.43 -20.30
CA SER A 298 -33.26 -24.16 -19.29
C SER A 298 -32.69 -24.15 -17.86
N ARG A 299 -31.47 -24.62 -17.64
CA ARG A 299 -30.93 -24.71 -16.30
C ARG A 299 -29.66 -23.86 -16.19
N LEU A 300 -29.49 -23.20 -15.04
CA LEU A 300 -28.34 -22.33 -14.79
C LEU A 300 -27.57 -22.78 -13.56
N CYS A 301 -26.23 -22.84 -13.66
CA CYS A 301 -25.35 -22.86 -12.51
C CYS A 301 -24.62 -21.52 -12.47
N PHE A 302 -24.59 -20.88 -11.30
CA PHE A 302 -24.02 -19.55 -11.14
C PHE A 302 -22.96 -19.62 -10.05
N GLY A 303 -21.72 -19.31 -10.41
CA GLY A 303 -20.63 -19.30 -9.46
C GLY A 303 -19.74 -18.08 -9.61
N GLY A 304 -18.59 -18.09 -8.93
CA GLY A 304 -17.83 -16.88 -8.74
C GLY A 304 -18.31 -16.11 -7.52
N GLY A 305 -17.44 -15.23 -7.01
CA GLY A 305 -17.75 -14.50 -5.79
C GLY A 305 -19.02 -13.67 -5.89
N VAL A 306 -19.37 -13.20 -7.09
CA VAL A 306 -20.59 -12.43 -7.26
C VAL A 306 -21.83 -13.28 -6.97
N ALA A 307 -21.73 -14.59 -7.12
CA ALA A 307 -22.88 -15.45 -6.83
C ALA A 307 -23.16 -15.60 -5.33
N HIS A 308 -22.39 -14.97 -4.45
CA HIS A 308 -22.82 -14.83 -3.06
C HIS A 308 -23.72 -13.60 -2.87
N ASN A 309 -24.08 -12.91 -3.95
CA ASN A 309 -25.09 -11.84 -3.88
C ASN A 309 -26.45 -12.51 -3.93
N SER A 310 -26.97 -12.82 -2.73
CA SER A 310 -28.20 -13.59 -2.68
C SER A 310 -29.41 -12.80 -3.13
N SER A 311 -29.38 -11.46 -3.01
CA SER A 311 -30.45 -10.65 -3.62
C SER A 311 -30.47 -10.84 -5.13
N LEU A 312 -29.30 -10.68 -5.76
CA LEU A 312 -29.18 -10.98 -7.19
C LEU A 312 -29.74 -12.36 -7.51
N ASN A 313 -29.32 -13.37 -6.73
CA ASN A 313 -29.75 -14.74 -7.01
C ASN A 313 -31.26 -14.86 -6.96
N GLY A 314 -31.89 -14.26 -5.94
CA GLY A 314 -33.34 -14.29 -5.85
C GLY A 314 -34.04 -13.63 -7.02
N LEU A 315 -33.44 -12.56 -7.56
CA LEU A 315 -33.99 -11.96 -8.78
C LEU A 315 -33.83 -12.88 -9.98
N ILE A 316 -32.66 -13.51 -10.12
CA ILE A 316 -32.49 -14.51 -11.17
C ILE A 316 -33.55 -15.59 -11.05
N LEU A 317 -33.84 -16.00 -9.83
CA LEU A 317 -34.84 -17.02 -9.59
C LEU A 317 -36.22 -16.59 -10.05
N LYS A 318 -36.57 -15.31 -9.82
CA LYS A 318 -37.89 -14.80 -10.16
C LYS A 318 -37.99 -14.33 -11.61
N SER A 319 -36.88 -14.29 -12.34
CA SER A 319 -36.88 -13.66 -13.65
C SER A 319 -37.65 -14.46 -14.70
N GLY A 320 -37.90 -15.74 -14.46
CA GLY A 320 -38.45 -16.59 -15.49
C GLY A 320 -37.49 -17.02 -16.57
N LEU A 321 -36.22 -16.61 -16.48
CA LEU A 321 -35.29 -16.95 -17.56
C LEU A 321 -34.94 -18.43 -17.56
N PHE A 322 -35.00 -19.10 -16.40
CA PHE A 322 -34.59 -20.48 -16.27
C PHE A 322 -35.65 -21.26 -15.50
N ASP A 323 -35.65 -22.58 -15.72
CA ASP A 323 -36.49 -23.49 -14.94
C ASP A 323 -35.82 -23.93 -13.65
N GLU A 324 -34.49 -24.03 -13.64
CA GLU A 324 -33.73 -24.44 -12.47
C GLU A 324 -32.47 -23.61 -12.36
N VAL A 325 -32.05 -23.37 -11.11
CA VAL A 325 -30.85 -22.58 -10.80
C VAL A 325 -30.16 -23.27 -9.64
N PHE A 326 -28.83 -23.43 -9.74
CA PHE A 326 -28.03 -24.02 -8.67
C PHE A 326 -26.90 -23.07 -8.31
N VAL A 327 -26.66 -22.91 -7.00
CA VAL A 327 -25.53 -22.12 -6.50
C VAL A 327 -24.83 -22.95 -5.43
N HIS A 328 -23.50 -23.05 -5.52
CA HIS A 328 -22.69 -23.80 -4.58
C HIS A 328 -22.54 -23.02 -3.27
N PRO A 329 -22.45 -23.70 -2.12
CA PRO A 329 -22.26 -22.97 -0.84
C PRO A 329 -20.98 -22.17 -0.77
N ALA A 330 -19.95 -22.54 -1.53
CA ALA A 330 -18.68 -21.82 -1.53
C ALA A 330 -18.44 -21.44 -2.99
N SER A 331 -19.07 -20.34 -3.39
CA SER A 331 -18.94 -19.88 -4.77
C SER A 331 -17.79 -18.90 -4.96
N HIS A 332 -17.18 -18.43 -3.87
CA HIS A 332 -15.98 -17.60 -3.91
C HIS A 332 -14.75 -18.48 -4.14
N ASP A 333 -13.55 -17.91 -3.93
CA ASP A 333 -12.34 -18.58 -4.39
C ASP A 333 -12.06 -19.89 -3.66
N ALA A 334 -12.64 -20.12 -2.49
CA ALA A 334 -12.45 -21.41 -1.86
C ALA A 334 -13.07 -22.51 -2.71
N GLY A 335 -14.20 -22.20 -3.36
CA GLY A 335 -14.81 -23.14 -4.29
C GLY A 335 -14.05 -23.30 -5.59
N ALA A 336 -13.38 -22.23 -6.06
CA ALA A 336 -12.45 -22.39 -7.18
C ALA A 336 -11.33 -23.35 -6.85
N GLY A 337 -10.89 -23.36 -5.58
CA GLY A 337 -9.89 -24.34 -5.18
C GLY A 337 -10.40 -25.76 -5.31
N GLU A 338 -11.64 -26.00 -4.89
CA GLU A 338 -12.25 -27.32 -5.10
C GLU A 338 -12.36 -27.65 -6.59
N GLY A 339 -12.82 -26.69 -7.40
CA GLY A 339 -12.90 -26.91 -8.82
C GLY A 339 -11.57 -27.24 -9.45
N ALA A 340 -10.50 -26.67 -8.91
CA ALA A 340 -9.16 -26.97 -9.40
C ALA A 340 -8.78 -28.44 -9.19
N ALA A 341 -9.37 -29.11 -8.19
CA ALA A 341 -9.17 -30.56 -8.05
C ALA A 341 -9.83 -31.33 -9.18
N TYR A 342 -11.09 -31.01 -9.48
CA TYR A 342 -11.78 -31.66 -10.59
C TYR A 342 -11.04 -31.45 -11.92
N ALA A 343 -10.55 -30.22 -12.15
CA ALA A 343 -9.79 -29.95 -13.38
C ALA A 343 -8.49 -30.77 -13.40
N ALA A 344 -7.77 -30.80 -12.29
CA ALA A 344 -6.55 -31.60 -12.22
C ALA A 344 -6.86 -33.07 -12.48
N ALA A 345 -7.93 -33.58 -11.89
CA ALA A 345 -8.36 -34.96 -12.18
C ALA A 345 -8.71 -35.15 -13.65
N ALA A 346 -9.39 -34.18 -14.26
CA ALA A 346 -9.73 -34.30 -15.68
C ALA A 346 -8.47 -34.31 -16.56
N SER A 347 -7.42 -33.61 -16.15
CA SER A 347 -6.22 -33.53 -16.98
C SER A 347 -5.39 -34.81 -16.94
N LEU A 348 -5.62 -35.66 -15.95
CA LEU A 348 -4.85 -36.88 -15.75
C LEU A 348 -5.76 -38.09 -15.68
N GLY A 349 -6.64 -38.23 -16.68
CA GLY A 349 -7.60 -39.31 -16.72
C GLY A 349 -8.99 -38.79 -17.00
N THR A 350 -9.94 -39.72 -17.07
CA THR A 350 -11.33 -39.33 -17.22
C THR A 350 -11.84 -38.76 -15.90
N LEU A 351 -12.79 -37.83 -15.99
CA LEU A 351 -13.28 -37.11 -14.84
C LEU A 351 -14.39 -37.90 -14.17
N GLU A 352 -14.23 -38.19 -12.88
CA GLU A 352 -15.30 -38.71 -12.06
C GLU A 352 -16.00 -37.53 -11.39
N ARG A 353 -17.33 -37.55 -11.40
CA ARG A 353 -18.13 -36.45 -10.89
C ARG A 353 -19.00 -36.92 -9.73
N PRO A 354 -19.48 -36.00 -8.88
CA PRO A 354 -20.39 -36.41 -7.80
C PRO A 354 -21.61 -37.14 -8.35
N GLY A 355 -22.10 -38.11 -7.58
CA GLY A 355 -23.27 -38.85 -8.01
C GLY A 355 -24.57 -38.08 -7.89
N LYS A 356 -24.62 -37.08 -7.00
CA LYS A 356 -25.87 -36.40 -6.65
C LYS A 356 -25.63 -34.90 -6.44
N ARG A 357 -26.73 -34.15 -6.43
CA ARG A 357 -26.70 -32.75 -6.05
C ARG A 357 -26.21 -32.60 -4.60
N LEU A 358 -25.31 -31.64 -4.38
CA LEU A 358 -24.83 -31.34 -3.03
C LEU A 358 -25.96 -30.76 -2.18
N LEU A 359 -26.24 -31.38 -1.02
CA LEU A 359 -27.26 -30.88 -0.10
C LEU A 359 -26.70 -30.36 1.21
N SER A 360 -25.48 -30.72 1.57
CA SER A 360 -24.91 -30.39 2.86
C SER A 360 -23.52 -29.80 2.65
N ALA A 361 -23.24 -28.69 3.33
CA ALA A 361 -21.93 -28.07 3.34
C ALA A 361 -21.11 -28.49 4.55
N SER A 362 -21.60 -29.46 5.33
CA SER A 362 -20.96 -29.93 6.56
C SER A 362 -19.74 -30.77 6.19
N LEU A 363 -18.62 -30.09 5.96
CA LEU A 363 -17.50 -30.72 5.28
C LEU A 363 -16.14 -30.49 5.93
N GLY A 364 -16.04 -29.60 6.92
CA GLY A 364 -14.79 -29.37 7.59
C GLY A 364 -14.59 -30.36 8.71
N PRO A 365 -13.58 -30.13 9.54
CA PRO A 365 -13.37 -30.99 10.72
C PRO A 365 -14.58 -30.95 11.64
N ALA A 366 -14.82 -32.06 12.33
CA ALA A 366 -15.85 -32.11 13.37
C ALA A 366 -15.25 -31.60 14.67
N LEU A 367 -16.00 -31.76 15.78
CA LEU A 367 -15.60 -31.25 17.07
C LEU A 367 -14.84 -32.27 17.91
N GLY A 368 -14.99 -33.56 17.60
CA GLY A 368 -14.37 -34.65 18.33
C GLY A 368 -15.39 -35.70 18.73
N GLY A 369 -14.87 -36.82 19.24
CA GLY A 369 -15.71 -37.85 19.79
C GLY A 369 -16.30 -37.47 21.13
N ARG A 370 -17.25 -38.29 21.61
CA ARG A 370 -17.94 -37.96 22.85
C ARG A 370 -16.97 -37.91 24.03
N GLU A 371 -16.05 -38.88 24.12
CA GLU A 371 -15.17 -38.95 25.28
C GLU A 371 -14.26 -37.75 25.34
N GLN A 372 -13.66 -37.38 24.20
CA GLN A 372 -12.72 -36.26 24.24
C GLN A 372 -13.47 -34.93 24.42
N ILE A 373 -14.70 -34.84 23.94
CA ILE A 373 -15.47 -33.61 24.13
C ILE A 373 -15.83 -33.44 25.61
N ARG A 374 -16.33 -34.51 26.23
CA ARG A 374 -16.68 -34.47 27.65
C ARG A 374 -15.45 -34.19 28.51
N ALA A 375 -14.32 -34.83 28.18
CA ALA A 375 -13.07 -34.57 28.91
C ALA A 375 -12.59 -33.13 28.72
N ARG A 376 -12.68 -32.61 27.50
CA ARG A 376 -12.23 -31.23 27.28
C ARG A 376 -13.15 -30.24 27.99
N LEU A 377 -14.46 -30.51 27.99
CA LEU A 377 -15.39 -29.64 28.73
C LEU A 377 -15.10 -29.66 30.22
N ALA A 378 -14.59 -30.77 30.75
CA ALA A 378 -14.16 -30.79 32.15
C ALA A 378 -12.98 -29.86 32.38
N ASP A 379 -12.06 -29.72 31.40
CA ASP A 379 -10.97 -28.76 31.53
C ASP A 379 -11.50 -27.32 31.67
N TRP A 380 -12.65 -27.02 31.07
CA TRP A 380 -13.23 -25.68 31.16
C TRP A 380 -14.10 -25.49 32.40
N ALA A 381 -14.17 -26.48 33.29
CA ALA A 381 -15.06 -26.43 34.44
C ALA A 381 -14.98 -25.16 35.27
N PRO A 382 -13.81 -24.54 35.50
CA PRO A 382 -13.82 -23.30 36.30
C PRO A 382 -14.56 -22.15 35.63
N LEU A 383 -14.97 -22.29 34.37
CA LEU A 383 -15.73 -21.24 33.70
C LEU A 383 -17.15 -21.63 33.31
N ILE A 384 -17.47 -22.92 33.26
CA ILE A 384 -18.77 -23.36 32.73
C ILE A 384 -19.42 -24.41 33.64
N ASP A 385 -20.75 -24.45 33.59
CA ASP A 385 -21.57 -25.54 34.10
C ASP A 385 -22.18 -26.30 32.92
N VAL A 386 -22.13 -27.63 32.98
CA VAL A 386 -22.51 -28.49 31.86
C VAL A 386 -23.59 -29.46 32.33
N GLU A 387 -24.67 -29.58 31.55
CA GLU A 387 -25.70 -30.59 31.75
C GLU A 387 -25.72 -31.54 30.55
N PHE A 388 -26.16 -32.79 30.80
CA PHE A 388 -26.24 -33.82 29.77
C PHE A 388 -27.67 -34.32 29.66
N PRO A 389 -28.54 -33.59 28.98
CA PRO A 389 -29.95 -34.00 28.91
C PRO A 389 -30.13 -35.30 28.14
N ASP A 390 -31.23 -36.00 28.45
CA ASP A 390 -31.56 -37.22 27.74
C ASP A 390 -31.72 -36.98 26.25
N ASP A 391 -32.34 -35.86 25.87
CA ASP A 391 -32.61 -35.50 24.47
C ASP A 391 -32.29 -34.02 24.30
N ALA A 392 -31.08 -33.73 23.83
CA ALA A 392 -30.64 -32.34 23.78
C ALA A 392 -31.42 -31.54 22.74
N VAL A 393 -31.87 -32.18 21.66
CA VAL A 393 -32.65 -31.44 20.65
C VAL A 393 -34.01 -31.06 21.22
N GLU A 394 -34.68 -32.00 21.90
CA GLU A 394 -35.92 -31.68 22.60
C GLU A 394 -35.74 -30.53 23.58
N THR A 395 -34.68 -30.60 24.39
CA THR A 395 -34.41 -29.54 25.37
C THR A 395 -34.13 -28.21 24.67
N ALA A 396 -33.32 -28.22 23.59
CA ALA A 396 -32.99 -26.97 22.92
C ALA A 396 -34.21 -26.30 22.32
N ALA A 397 -35.11 -27.10 21.71
CA ALA A 397 -36.36 -26.55 21.18
C ALA A 397 -37.18 -25.88 22.28
N GLY A 398 -37.19 -26.45 23.49
CA GLY A 398 -37.92 -25.82 24.58
C GLY A 398 -37.28 -24.52 25.02
N LEU A 399 -35.95 -24.48 25.15
CA LEU A 399 -35.26 -23.23 25.47
C LEU A 399 -35.52 -22.16 24.42
N LEU A 400 -35.51 -22.53 23.14
CA LEU A 400 -35.81 -21.56 22.09
C LEU A 400 -37.24 -21.03 22.24
N ALA A 401 -38.20 -21.90 22.53
CA ALA A 401 -39.58 -21.45 22.69
C ALA A 401 -39.73 -20.57 23.92
N GLU A 402 -38.87 -20.75 24.92
CA GLU A 402 -38.86 -19.91 26.10
C GLU A 402 -38.10 -18.61 25.92
N GLY A 403 -37.58 -18.33 24.71
CA GLY A 403 -36.92 -17.07 24.44
C GLY A 403 -35.41 -17.04 24.59
N GLN A 404 -34.76 -18.19 24.70
CA GLN A 404 -33.31 -18.19 24.85
C GLN A 404 -32.63 -18.07 23.50
N VAL A 405 -31.44 -17.47 23.49
CA VAL A 405 -30.59 -17.38 22.30
C VAL A 405 -29.48 -18.39 22.49
N LEU A 406 -29.33 -19.30 21.52
CA LEU A 406 -28.51 -20.50 21.67
C LEU A 406 -27.34 -20.46 20.71
N GLY A 407 -26.15 -20.81 21.21
CA GLY A 407 -25.11 -21.35 20.35
C GLY A 407 -25.42 -22.81 20.04
N TRP A 408 -25.10 -23.22 18.82
CA TRP A 408 -25.47 -24.55 18.34
C TRP A 408 -24.30 -25.10 17.53
N ALA A 409 -23.61 -26.11 18.06
CA ALA A 409 -22.39 -26.62 17.42
C ALA A 409 -22.43 -28.14 17.38
N TYR A 410 -22.44 -28.69 16.18
CA TYR A 410 -22.57 -30.13 15.96
C TYR A 410 -21.77 -30.53 14.73
N GLY A 411 -20.99 -31.60 14.85
CA GLY A 411 -20.38 -32.25 13.70
C GLY A 411 -19.42 -31.35 12.93
N ARG A 412 -19.43 -31.55 11.62
CA ARG A 412 -18.43 -30.97 10.71
C ARG A 412 -18.83 -29.56 10.28
N SER A 413 -17.86 -28.66 10.31
CA SER A 413 -18.14 -27.25 10.07
C SER A 413 -18.52 -26.98 8.61
N GLU A 414 -19.31 -25.92 8.41
CA GLU A 414 -19.82 -25.52 7.09
C GLU A 414 -18.69 -25.02 6.20
N PHE A 415 -18.66 -25.50 4.95
CA PHE A 415 -17.79 -24.97 3.91
C PHE A 415 -18.52 -23.80 3.26
N GLY A 416 -17.83 -22.67 3.12
CA GLY A 416 -18.47 -21.46 2.63
C GLY A 416 -18.99 -20.59 3.77
N PRO A 417 -19.43 -19.35 3.47
CA PRO A 417 -19.64 -18.37 4.54
C PRO A 417 -20.87 -18.59 5.41
N ARG A 418 -21.85 -19.38 4.98
CA ARG A 418 -23.11 -19.45 5.72
C ARG A 418 -23.08 -20.54 6.79
N ALA A 419 -23.62 -20.21 7.96
CA ALA A 419 -23.92 -21.20 8.99
C ALA A 419 -25.26 -21.87 8.69
N LEU A 420 -25.29 -23.19 8.83
CA LEU A 420 -26.45 -23.94 8.35
C LEU A 420 -26.90 -25.01 9.35
N GLY A 421 -26.59 -24.85 10.63
CA GLY A 421 -26.93 -25.85 11.63
C GLY A 421 -25.77 -26.67 12.15
N HIS A 422 -24.52 -26.31 11.82
CA HIS A 422 -23.36 -26.94 12.42
C HIS A 422 -22.52 -26.00 13.25
N ARG A 423 -22.47 -24.71 12.89
CA ARG A 423 -21.83 -23.69 13.72
C ARG A 423 -22.75 -22.47 13.66
N SER A 424 -23.88 -22.56 14.36
CA SER A 424 -24.96 -21.59 14.24
C SER A 424 -25.27 -20.95 15.58
N ILE A 425 -25.82 -19.73 15.53
CA ILE A 425 -26.54 -19.14 16.65
C ILE A 425 -28.00 -19.05 16.24
N VAL A 426 -28.91 -19.58 17.08
CA VAL A 426 -30.32 -19.63 16.72
C VAL A 426 -31.19 -19.01 17.81
N ALA A 427 -32.35 -18.52 17.39
CA ALA A 427 -33.32 -17.91 18.28
C ALA A 427 -34.69 -17.99 17.62
N ASP A 428 -35.71 -17.78 18.45
CA ASP A 428 -37.08 -17.60 17.97
C ASP A 428 -37.11 -16.56 16.85
N ALA A 429 -37.70 -16.92 15.70
CA ALA A 429 -37.74 -16.00 14.57
C ALA A 429 -38.90 -15.01 14.63
N ARG A 430 -39.81 -15.14 15.59
CA ARG A 430 -41.05 -14.36 15.59
C ARG A 430 -40.92 -12.92 16.08
N PRO A 431 -40.23 -12.61 17.20
CA PRO A 431 -40.30 -11.23 17.71
C PRO A 431 -39.28 -10.33 17.02
N GLU A 432 -39.78 -9.21 16.47
CA GLU A 432 -38.92 -8.23 15.83
C GLU A 432 -37.82 -7.75 16.78
N GLU A 433 -38.11 -7.72 18.09
CA GLU A 433 -37.12 -7.33 19.08
C GLU A 433 -35.90 -8.26 19.11
N ASN A 434 -36.04 -9.52 18.66
CA ASN A 434 -34.88 -10.40 18.61
C ASN A 434 -33.86 -9.94 17.57
N ARG A 435 -34.33 -9.39 16.45
CA ARG A 435 -33.39 -8.79 15.49
C ARG A 435 -32.68 -7.59 16.12
N THR A 436 -33.43 -6.73 16.81
CA THR A 436 -32.83 -5.55 17.42
C THR A 436 -31.73 -5.95 18.38
N ARG A 437 -32.00 -6.94 19.24
CA ARG A 437 -31.07 -7.27 20.30
C ARG A 437 -29.92 -8.14 19.81
N ILE A 438 -30.21 -9.12 18.93
CA ILE A 438 -29.12 -9.97 18.47
C ILE A 438 -28.15 -9.17 17.62
N ASN A 439 -28.63 -8.18 16.85
CA ASN A 439 -27.74 -7.20 16.22
C ASN A 439 -26.95 -6.41 17.27
N ALA A 440 -27.65 -5.81 18.24
CA ALA A 440 -26.99 -4.84 19.14
C ALA A 440 -26.13 -5.52 20.21
N MET A 441 -26.64 -6.58 20.83
CA MET A 441 -26.05 -7.15 22.04
C MET A 441 -25.23 -8.41 21.77
N VAL A 442 -25.66 -9.24 20.82
CA VAL A 442 -25.04 -10.54 20.62
C VAL A 442 -23.97 -10.44 19.53
N LYS A 443 -24.37 -10.14 18.28
CA LYS A 443 -23.35 -10.02 17.22
C LYS A 443 -22.66 -8.67 17.24
N LYS A 444 -23.24 -7.68 17.92
CA LYS A 444 -22.68 -6.34 18.02
C LYS A 444 -22.43 -5.74 16.63
N ARG A 445 -23.51 -5.63 15.85
CA ARG A 445 -23.33 -5.08 14.51
C ARG A 445 -24.38 -4.01 14.23
N GLU A 446 -24.43 -3.56 12.99
CA GLU A 446 -25.25 -2.41 12.65
C GLU A 446 -26.73 -2.78 12.70
N GLY A 447 -27.56 -1.82 13.13
CA GLY A 447 -28.97 -2.06 13.31
C GLY A 447 -29.72 -2.32 12.03
N PHE A 448 -29.14 -1.99 10.88
CA PHE A 448 -29.84 -2.23 9.62
C PHE A 448 -29.76 -3.69 9.15
N ARG A 449 -28.94 -4.50 9.80
CA ARG A 449 -28.58 -5.80 9.22
C ARG A 449 -29.73 -6.79 9.36
N PRO A 450 -30.05 -7.54 8.31
CA PRO A 450 -31.11 -8.54 8.39
C PRO A 450 -30.62 -9.79 9.11
N PHE A 451 -31.59 -10.65 9.48
CA PHE A 451 -31.31 -12.00 9.94
C PHE A 451 -32.05 -12.98 9.04
N ALA A 452 -31.40 -14.11 8.77
CA ALA A 452 -31.82 -15.14 7.84
C ALA A 452 -32.57 -16.25 8.58
N PRO A 453 -33.66 -16.74 7.99
CA PRO A 453 -34.42 -17.83 8.63
C PRO A 453 -34.06 -19.21 8.11
N VAL A 454 -34.19 -20.21 8.97
CA VAL A 454 -34.25 -21.61 8.55
C VAL A 454 -35.67 -22.12 8.78
N VAL A 455 -36.23 -22.80 7.77
CA VAL A 455 -37.57 -23.38 7.82
C VAL A 455 -37.46 -24.84 7.43
N THR A 456 -38.36 -25.67 7.97
CA THR A 456 -38.42 -27.06 7.49
C THR A 456 -38.86 -27.11 6.02
N ALA A 457 -38.36 -28.12 5.31
CA ALA A 457 -38.75 -28.31 3.92
C ALA A 457 -40.26 -28.50 3.79
N GLU A 458 -40.89 -29.11 4.80
CA GLU A 458 -42.32 -29.37 4.75
C GLU A 458 -43.14 -28.09 4.93
N ALA A 459 -42.62 -27.10 5.64
CA ALA A 459 -43.38 -25.89 5.87
C ALA A 459 -42.91 -24.71 5.03
N ALA A 460 -41.87 -24.89 4.21
CA ALA A 460 -41.27 -23.75 3.52
C ALA A 460 -42.31 -22.97 2.71
N ARG A 461 -43.15 -23.68 1.96
CA ARG A 461 -44.09 -22.95 1.12
C ARG A 461 -45.27 -22.39 1.91
N ASP A 462 -45.39 -22.72 3.20
CA ASP A 462 -46.35 -22.00 4.05
C ASP A 462 -45.87 -20.59 4.39
N TYR A 463 -44.58 -20.32 4.26
CA TYR A 463 -43.99 -19.06 4.72
C TYR A 463 -43.28 -18.25 3.64
N PHE A 464 -42.74 -18.89 2.62
CA PHE A 464 -41.91 -18.22 1.64
C PHE A 464 -42.45 -18.44 0.23
N ASP A 465 -42.26 -17.43 -0.62
CA ASP A 465 -42.63 -17.49 -2.03
C ASP A 465 -41.46 -18.07 -2.80
N LEU A 466 -41.50 -19.37 -3.05
CA LEU A 466 -40.43 -20.02 -3.78
C LEU A 466 -40.69 -20.08 -5.28
N SER A 467 -41.81 -19.50 -5.75
CA SER A 467 -42.23 -19.58 -7.13
C SER A 467 -41.17 -19.02 -8.09
N GLY A 468 -41.36 -19.31 -9.36
CA GLY A 468 -40.34 -19.07 -10.35
C GLY A 468 -39.59 -20.36 -10.64
N ALA A 469 -38.30 -20.25 -10.92
CA ALA A 469 -37.50 -21.43 -11.13
C ALA A 469 -37.41 -22.27 -9.86
N ASP A 470 -36.96 -23.51 -10.01
CA ASP A 470 -36.59 -24.33 -8.86
C ASP A 470 -35.15 -24.00 -8.48
N GLY A 471 -34.96 -23.29 -7.38
CA GLY A 471 -33.64 -23.03 -6.86
C GLY A 471 -33.33 -23.96 -5.71
N ASN A 472 -32.04 -24.10 -5.40
CA ASN A 472 -31.61 -24.88 -4.25
C ASN A 472 -31.49 -23.94 -3.05
N HIS A 473 -32.21 -24.26 -1.98
CA HIS A 473 -32.23 -23.40 -0.80
C HIS A 473 -31.51 -24.00 0.41
N GLU A 474 -30.72 -25.06 0.20
CA GLU A 474 -30.04 -25.69 1.33
C GLU A 474 -28.92 -24.85 1.90
N PHE A 475 -28.46 -23.82 1.17
CA PHE A 475 -27.29 -23.03 1.58
C PHE A 475 -27.58 -21.53 1.67
N MET A 476 -28.84 -21.11 1.78
CA MET A 476 -29.18 -19.68 1.82
C MET A 476 -28.60 -18.95 0.61
N SER A 477 -28.67 -19.57 -0.56
CA SER A 477 -28.18 -18.92 -1.76
C SER A 477 -29.14 -17.84 -2.27
N PHE A 478 -30.44 -17.94 -1.94
CA PHE A 478 -31.47 -17.09 -2.55
C PHE A 478 -32.19 -16.25 -1.52
N VAL A 479 -32.33 -14.96 -1.80
CA VAL A 479 -33.33 -14.14 -1.15
C VAL A 479 -34.69 -14.42 -1.81
N VAL A 480 -35.73 -14.65 -1.00
CA VAL A 480 -37.08 -14.88 -1.50
C VAL A 480 -38.05 -14.01 -0.72
N PRO A 481 -39.23 -13.73 -1.28
CA PRO A 481 -40.24 -13.01 -0.50
C PRO A 481 -40.78 -13.86 0.64
N VAL A 482 -40.99 -13.20 1.78
CA VAL A 482 -41.83 -13.79 2.82
C VAL A 482 -43.28 -13.53 2.42
N LEU A 483 -44.12 -14.54 2.52
CA LEU A 483 -45.51 -14.37 2.09
C LEU A 483 -46.11 -13.21 2.86
N PRO A 484 -46.84 -12.30 2.22
CA PRO A 484 -47.39 -11.13 2.93
C PRO A 484 -48.08 -11.48 4.23
N GLU A 485 -48.88 -12.55 4.22
CA GLU A 485 -49.67 -12.89 5.38
C GLU A 485 -48.83 -13.50 6.51
N ARG A 486 -47.54 -13.70 6.31
CA ARG A 486 -46.68 -14.26 7.36
C ARG A 486 -45.64 -13.28 7.87
N ARG A 487 -45.58 -12.07 7.32
CA ARG A 487 -44.48 -11.15 7.64
C ARG A 487 -44.55 -10.71 9.09
N THR A 488 -45.76 -10.41 9.59
CA THR A 488 -45.90 -10.03 10.98
C THR A 488 -45.51 -11.17 11.90
N GLU A 489 -45.87 -12.41 11.53
CA GLU A 489 -45.50 -13.56 12.34
C GLU A 489 -43.99 -13.72 12.45
N LEU A 490 -43.28 -13.51 11.34
CA LEU A 490 -41.82 -13.70 11.27
C LEU A 490 -41.08 -12.38 11.43
N GLY A 491 -41.26 -11.76 12.59
CA GLY A 491 -40.81 -10.39 12.77
C GLY A 491 -39.29 -10.22 12.78
N ALA A 492 -38.53 -11.24 13.21
CA ALA A 492 -37.08 -11.08 13.30
C ALA A 492 -36.34 -11.39 12.01
N VAL A 493 -36.96 -12.09 11.07
CA VAL A 493 -36.31 -12.63 9.88
C VAL A 493 -36.94 -12.11 8.59
N THR A 494 -37.84 -11.13 8.68
CA THR A 494 -38.40 -10.49 7.50
C THR A 494 -37.70 -9.15 7.31
N HIS A 495 -37.01 -8.98 6.18
CA HIS A 495 -36.23 -7.77 6.00
C HIS A 495 -37.18 -6.60 5.71
N VAL A 496 -36.62 -5.38 5.66
CA VAL A 496 -37.44 -4.18 5.49
C VAL A 496 -38.27 -4.24 4.21
N ASP A 497 -37.80 -4.97 3.19
CA ASP A 497 -38.53 -5.10 1.94
C ASP A 497 -39.34 -6.39 1.85
N GLY A 498 -39.54 -7.09 2.97
CA GLY A 498 -40.40 -8.26 2.96
C GLY A 498 -39.75 -9.53 2.44
N THR A 499 -38.42 -9.58 2.38
CA THR A 499 -37.70 -10.74 1.85
C THR A 499 -36.89 -11.42 2.95
N ALA A 500 -36.36 -12.60 2.63
CA ALA A 500 -35.53 -13.34 3.57
C ALA A 500 -34.59 -14.27 2.79
N ARG A 501 -33.33 -14.32 3.25
CA ARG A 501 -32.33 -15.23 2.70
C ARG A 501 -32.52 -16.59 3.37
N VAL A 502 -33.41 -17.41 2.80
CA VAL A 502 -33.96 -18.56 3.51
C VAL A 502 -33.03 -19.78 3.41
N GLN A 503 -32.92 -20.52 4.51
CA GLN A 503 -32.41 -21.88 4.47
C GLN A 503 -33.59 -22.82 4.60
N VAL A 504 -33.78 -23.68 3.62
CA VAL A 504 -34.76 -24.76 3.72
C VAL A 504 -34.00 -26.00 4.15
N VAL A 505 -34.26 -26.49 5.35
CA VAL A 505 -33.57 -27.66 5.87
C VAL A 505 -34.49 -28.88 5.78
N SER A 506 -33.92 -30.01 5.41
CA SER A 506 -34.67 -31.25 5.27
C SER A 506 -33.97 -32.34 6.07
N ALA A 507 -34.68 -33.44 6.29
CA ALA A 507 -34.06 -34.59 6.94
C ALA A 507 -32.82 -35.04 6.20
N GLU A 508 -32.76 -34.83 4.88
CA GLU A 508 -31.61 -35.24 4.09
C GLU A 508 -30.47 -34.23 4.13
N SER A 509 -30.76 -32.92 4.14
CA SER A 509 -29.68 -31.94 4.14
C SER A 509 -29.04 -31.79 5.51
N GLY A 510 -29.81 -31.95 6.57
CA GLY A 510 -29.30 -31.82 7.93
C GLY A 510 -30.30 -32.37 8.91
N GLU A 511 -30.19 -33.67 9.20
CA GLU A 511 -31.24 -34.36 9.95
C GLU A 511 -31.44 -33.76 11.33
N ARG A 512 -30.35 -33.47 12.04
CA ARG A 512 -30.48 -32.99 13.40
C ARG A 512 -31.10 -31.58 13.45
N PHE A 513 -30.62 -30.69 12.59
CA PHE A 513 -31.13 -29.31 12.58
C PHE A 513 -32.60 -29.28 12.15
N HIS A 514 -32.96 -30.10 11.14
CA HIS A 514 -34.35 -30.25 10.74
C HIS A 514 -35.22 -30.71 11.90
N ARG A 515 -34.74 -31.70 12.67
CA ARG A 515 -35.47 -32.13 13.87
C ARG A 515 -35.64 -30.97 14.86
N LEU A 516 -34.59 -30.17 15.07
CA LEU A 516 -34.72 -29.03 15.98
C LEU A 516 -35.79 -28.05 15.48
N VAL A 517 -35.75 -27.68 14.20
CA VAL A 517 -36.71 -26.71 13.70
C VAL A 517 -38.13 -27.28 13.72
N ARG A 518 -38.28 -28.56 13.37
CA ARG A 518 -39.61 -29.14 13.34
C ARG A 518 -40.19 -29.19 14.75
N ARG A 519 -39.38 -29.59 15.73
CA ARG A 519 -39.87 -29.65 17.11
C ARG A 519 -40.23 -28.27 17.63
N PHE A 520 -39.39 -27.27 17.35
CA PHE A 520 -39.76 -25.91 17.70
C PHE A 520 -41.12 -25.53 17.12
N GLY A 521 -41.35 -25.89 15.84
CA GLY A 521 -42.63 -25.62 15.20
C GLY A 521 -43.79 -26.36 15.87
N GLU A 522 -43.57 -27.61 16.29
CA GLU A 522 -44.60 -28.31 17.04
C GLU A 522 -44.92 -27.61 18.35
N LEU A 523 -43.91 -27.04 19.01
CA LEU A 523 -44.12 -26.37 20.30
C LEU A 523 -44.80 -25.02 20.14
N THR A 524 -44.46 -24.27 19.09
CA THR A 524 -44.91 -22.89 18.98
C THR A 524 -45.95 -22.66 17.92
N GLY A 525 -46.10 -23.57 16.96
CA GLY A 525 -46.88 -23.28 15.78
C GLY A 525 -46.10 -22.68 14.63
N THR A 526 -44.83 -22.33 14.83
CA THR A 526 -44.02 -21.67 13.80
C THR A 526 -42.74 -22.44 13.57
N PRO A 527 -42.65 -23.28 12.52
CA PRO A 527 -41.42 -24.07 12.26
C PRO A 527 -40.34 -23.28 11.53
N VAL A 528 -39.92 -22.16 12.12
CA VAL A 528 -38.93 -21.26 11.55
C VAL A 528 -38.04 -20.77 12.69
N LEU A 529 -36.73 -20.78 12.48
CA LEU A 529 -35.81 -20.19 13.46
C LEU A 529 -34.93 -19.13 12.79
N LEU A 530 -34.49 -18.17 13.59
CA LEU A 530 -33.41 -17.29 13.17
C LEU A 530 -32.11 -18.06 13.24
N ASN A 531 -31.28 -17.91 12.20
CA ASN A 531 -30.03 -18.68 12.10
C ASN A 531 -28.94 -17.74 11.60
N THR A 532 -28.05 -17.33 12.51
CA THR A 532 -26.91 -16.50 12.15
C THR A 532 -25.63 -17.27 12.45
N SER A 533 -24.53 -16.83 11.87
CA SER A 533 -23.31 -17.60 12.00
C SER A 533 -22.72 -17.47 13.42
N PHE A 534 -22.08 -18.54 13.87
CA PHE A 534 -21.58 -18.63 15.25
C PHE A 534 -20.16 -18.06 15.24
N ASN A 535 -20.07 -16.75 15.47
CA ASN A 535 -18.82 -15.99 15.57
C ASN A 535 -19.15 -14.59 16.08
N ASN A 536 -18.23 -14.01 16.86
CA ASN A 536 -18.36 -12.60 17.17
C ASN A 536 -17.74 -11.76 16.04
N ASN A 537 -17.72 -10.46 16.23
CA ASN A 537 -17.22 -9.62 15.12
C ASN A 537 -15.71 -9.68 14.96
N ALA A 538 -14.97 -10.43 15.79
CA ALA A 538 -13.51 -10.48 15.69
C ALA A 538 -12.99 -11.78 15.11
N GLU A 539 -13.85 -12.57 14.47
CA GLU A 539 -13.42 -13.93 14.14
C GLU A 539 -14.28 -14.50 13.03
N PRO A 540 -13.75 -15.45 12.27
CA PRO A 540 -14.60 -16.26 11.38
C PRO A 540 -15.37 -17.28 12.19
N ILE A 541 -16.28 -17.96 11.50
CA ILE A 541 -17.08 -19.05 12.07
C ILE A 541 -16.21 -19.95 12.95
N VAL A 542 -16.69 -20.27 14.16
CA VAL A 542 -15.90 -21.06 15.09
C VAL A 542 -15.72 -22.47 14.53
N GLN A 543 -14.57 -23.07 14.84
CA GLN A 543 -14.24 -24.38 14.30
C GLN A 543 -14.18 -25.44 15.40
N SER A 544 -13.23 -25.36 16.32
CA SER A 544 -12.98 -26.40 17.31
C SER A 544 -13.86 -26.21 18.54
N LEU A 545 -13.85 -27.22 19.42
CA LEU A 545 -14.60 -27.10 20.66
C LEU A 545 -14.12 -25.91 21.49
N ASP A 546 -12.79 -25.76 21.63
CA ASP A 546 -12.27 -24.57 22.31
C ASP A 546 -12.73 -23.27 21.65
N ASP A 547 -12.73 -23.24 20.30
CA ASP A 547 -13.29 -22.08 19.59
C ASP A 547 -14.72 -21.80 20.01
N VAL A 548 -15.53 -22.85 20.04
CA VAL A 548 -16.96 -22.74 20.35
C VAL A 548 -17.15 -22.23 21.77
N VAL A 549 -16.42 -22.80 22.72
CA VAL A 549 -16.59 -22.40 24.12
C VAL A 549 -16.06 -20.99 24.34
N THR A 550 -14.90 -20.66 23.77
CA THR A 550 -14.38 -19.31 23.86
C THR A 550 -15.40 -18.31 23.32
N SER A 551 -15.97 -18.60 22.16
CA SER A 551 -16.94 -17.69 21.56
C SER A 551 -18.20 -17.60 22.41
N PHE A 552 -18.70 -18.73 22.92
CA PHE A 552 -19.83 -18.67 23.84
C PHE A 552 -19.55 -17.75 25.03
N LEU A 553 -18.37 -17.87 25.62
CA LEU A 553 -18.09 -17.12 26.85
C LEU A 553 -17.83 -15.63 26.60
N THR A 554 -17.54 -15.23 25.35
CA THR A 554 -17.23 -13.83 25.06
C THR A 554 -18.28 -13.16 24.21
N THR A 555 -19.38 -13.83 23.92
CA THR A 555 -20.55 -13.19 23.35
C THR A 555 -21.70 -13.41 24.32
N ASP A 556 -22.77 -12.62 24.18
CA ASP A 556 -23.88 -12.69 25.14
C ASP A 556 -24.92 -13.70 24.68
N LEU A 557 -24.52 -14.97 24.68
CA LEU A 557 -25.40 -16.08 24.42
C LEU A 557 -25.97 -16.63 25.73
N ASP A 558 -27.21 -17.12 25.68
CA ASP A 558 -27.85 -17.64 26.88
C ASP A 558 -27.35 -19.04 27.23
N VAL A 559 -27.19 -19.90 26.23
CA VAL A 559 -26.81 -21.28 26.46
C VAL A 559 -26.15 -21.79 25.20
N LEU A 560 -25.27 -22.77 25.36
CA LEU A 560 -24.57 -23.40 24.26
C LEU A 560 -24.99 -24.86 24.22
N VAL A 561 -25.45 -25.31 23.06
CA VAL A 561 -25.69 -26.73 22.81
C VAL A 561 -24.57 -27.22 21.93
N VAL A 562 -23.68 -28.04 22.48
CA VAL A 562 -22.53 -28.54 21.72
C VAL A 562 -22.48 -30.06 21.88
N GLU A 563 -22.72 -30.78 20.78
CA GLU A 563 -22.70 -32.25 20.73
C GLU A 563 -23.44 -32.85 21.93
N ASP A 564 -24.67 -32.38 22.13
CA ASP A 564 -25.64 -32.88 23.10
C ASP A 564 -25.31 -32.48 24.54
N CYS A 565 -24.33 -31.60 24.74
CA CYS A 565 -24.04 -31.05 26.06
C CYS A 565 -24.63 -29.65 26.15
N LEU A 566 -25.27 -29.36 27.28
CA LEU A 566 -25.86 -28.06 27.56
C LEU A 566 -24.86 -27.29 28.43
N VAL A 567 -24.28 -26.23 27.87
CA VAL A 567 -23.22 -25.46 28.52
C VAL A 567 -23.74 -24.08 28.87
N ARG A 568 -23.50 -23.65 30.11
CA ARG A 568 -23.80 -22.30 30.55
C ARG A 568 -22.59 -21.72 31.28
N GLY A 569 -22.44 -20.39 31.23
CA GLY A 569 -21.31 -19.76 31.89
C GLY A 569 -21.54 -19.73 33.39
N LYS A 570 -20.49 -20.04 34.16
CA LYS A 570 -20.58 -20.03 35.60
C LYS A 570 -20.93 -18.63 36.12
N ALA A 571 -21.50 -18.59 37.33
CA ALA A 571 -21.83 -17.31 37.96
C ALA A 571 -20.60 -16.43 38.07
N SER A 572 -19.54 -16.93 38.70
CA SER A 572 -18.26 -16.23 38.75
C SER A 572 -17.19 -17.09 38.08
N PRO A 573 -16.85 -16.83 36.82
CA PRO A 573 -15.87 -17.67 36.13
C PRO A 573 -14.44 -17.30 36.49
N ASP A 574 -13.59 -18.32 36.60
CA ASP A 574 -12.19 -18.13 36.98
C ASP A 574 -11.31 -18.07 35.75
N LEU A 575 -11.06 -16.84 35.26
CA LEU A 575 -10.13 -16.63 34.15
C LEU A 575 -8.70 -17.02 34.51
N GLY A 576 -8.35 -17.07 35.79
CA GLY A 576 -6.98 -17.37 36.19
C GLY A 576 -6.51 -18.74 35.77
N VAL A 577 -7.43 -19.67 35.52
CA VAL A 577 -6.97 -21.01 35.13
C VAL A 577 -6.70 -21.13 33.64
N LEU A 578 -7.09 -20.15 32.84
CA LEU A 578 -6.81 -20.19 31.40
C LEU A 578 -5.33 -19.94 31.14
N VAL A 579 -4.77 -20.65 30.16
CA VAL A 579 -3.37 -20.53 29.79
C VAL A 579 -3.27 -19.60 28.58
N PRO A 580 -2.69 -18.40 28.71
CA PRO A 580 -2.57 -17.52 27.53
C PRO A 580 -1.56 -18.09 26.54
N ARG A 581 -1.88 -17.97 25.25
CA ARG A 581 -0.95 -18.33 24.20
C ARG A 581 -0.97 -17.23 23.13
N PHE A 582 0.20 -16.86 22.62
CA PHE A 582 0.27 -15.96 21.47
C PHE A 582 -0.26 -16.68 20.24
N ARG A 583 -0.95 -15.95 19.37
CA ARG A 583 -1.16 -16.42 18.01
C ARG A 583 0.12 -16.16 17.21
N PRO A 584 0.32 -16.89 16.10
CA PRO A 584 1.53 -16.64 15.30
C PRO A 584 1.66 -15.20 14.82
N VAL A 585 0.55 -14.45 14.75
CA VAL A 585 0.58 -13.05 14.34
C VAL A 585 0.48 -12.07 15.52
N THR A 586 0.38 -12.56 16.75
CA THR A 586 0.32 -11.63 17.89
C THR A 586 1.65 -10.91 18.06
N ARG A 587 1.58 -9.59 18.32
CA ARG A 587 2.75 -8.75 18.59
C ARG A 587 2.45 -7.83 19.77
N LEU A 588 3.48 -7.55 20.56
CA LEU A 588 3.40 -6.66 21.71
C LEU A 588 4.42 -5.54 21.53
N VAL A 589 4.04 -4.29 21.79
CA VAL A 589 4.93 -3.17 21.49
C VAL A 589 4.84 -2.11 22.58
N GLU A 590 6.00 -1.65 23.04
CA GLU A 590 6.14 -0.43 23.81
C GLU A 590 6.72 0.63 22.89
N ARG A 591 6.08 1.78 22.81
CA ARG A 591 6.37 2.73 21.74
C ARG A 591 6.45 4.15 22.28
N ARG A 592 7.43 4.91 21.78
CA ARG A 592 7.49 6.35 21.99
C ARG A 592 7.58 7.05 20.65
N THR A 593 6.77 8.09 20.43
CA THR A 593 6.93 9.01 19.32
C THR A 593 7.71 10.21 19.81
N ALA A 594 7.77 11.26 19.00
CA ALA A 594 8.36 12.50 19.46
C ALA A 594 7.38 13.23 20.37
N GLY A 595 7.91 14.04 21.27
CA GLY A 595 7.09 14.79 22.18
C GLY A 595 7.37 16.27 22.10
N PRO A 596 6.81 17.06 23.02
CA PRO A 596 7.02 18.51 22.97
C PRO A 596 8.49 18.86 23.12
N ASP A 597 8.92 19.88 22.39
CA ASP A 597 10.32 20.34 22.37
C ASP A 597 11.27 19.23 21.92
N ALA A 598 10.83 18.38 21.00
CA ALA A 598 11.64 17.34 20.39
C ALA A 598 12.16 16.34 21.43
N SER A 599 11.41 16.17 22.52
CA SER A 599 11.67 15.12 23.49
C SER A 599 11.22 13.77 22.94
N ALA A 600 11.59 12.71 23.66
CA ALA A 600 10.90 11.44 23.50
C ALA A 600 9.52 11.56 24.12
N GLY A 601 8.49 11.14 23.38
CA GLY A 601 7.16 11.15 23.93
C GLY A 601 6.99 10.13 25.05
N ALA A 602 5.86 10.24 25.75
CA ALA A 602 5.51 9.26 26.78
C ALA A 602 5.25 7.90 26.16
N LYS A 603 5.70 6.85 26.86
CA LYS A 603 5.52 5.49 26.34
C LYS A 603 4.05 5.12 26.27
N THR A 604 3.70 4.35 25.25
CA THR A 604 2.44 3.63 25.19
C THR A 604 2.70 2.17 24.90
N HIS A 605 1.72 1.33 25.23
CA HIS A 605 1.82 -0.11 25.07
C HIS A 605 0.64 -0.58 24.24
N GLU A 606 0.90 -1.51 23.31
CA GLU A 606 -0.12 -2.01 22.41
C GLU A 606 0.05 -3.50 22.18
N ILE A 607 -1.06 -4.15 21.86
CA ILE A 607 -1.03 -5.48 21.28
C ILE A 607 -1.66 -5.35 19.90
N HIS A 608 -1.13 -6.08 18.93
CA HIS A 608 -1.75 -6.03 17.61
C HIS A 608 -1.53 -7.36 16.89
N LEU A 609 -2.28 -7.56 15.83
CA LEU A 609 -2.17 -8.74 14.98
C LEU A 609 -1.48 -8.32 13.69
N ASP A 610 -0.35 -8.97 13.38
CA ASP A 610 0.54 -8.55 12.30
C ASP A 610 0.13 -9.20 10.97
N TYR A 611 -0.92 -8.65 10.37
CA TYR A 611 -1.28 -8.93 8.99
C TYR A 611 -2.06 -7.73 8.49
N ASP A 612 -2.18 -7.61 7.18
CA ASP A 612 -2.80 -6.43 6.60
C ASP A 612 -4.26 -6.33 7.04
N GLY A 613 -4.62 -5.22 7.68
CA GLY A 613 -5.95 -5.10 8.24
C GLY A 613 -6.11 -5.66 9.64
N GLY A 614 -5.04 -6.11 10.27
CA GLY A 614 -5.13 -6.62 11.63
C GLY A 614 -5.45 -5.55 12.64
N PRO A 615 -6.20 -5.90 13.67
CA PRO A 615 -6.54 -4.94 14.73
C PRO A 615 -5.34 -4.68 15.65
N SER A 616 -5.53 -3.65 16.47
CA SER A 616 -4.59 -3.28 17.53
C SER A 616 -5.38 -2.72 18.69
N ALA A 617 -4.77 -2.74 19.87
CA ALA A 617 -5.43 -2.25 21.08
C ALA A 617 -4.38 -1.76 22.07
N LYS A 618 -4.69 -0.68 22.78
CA LYS A 618 -3.82 -0.24 23.87
C LYS A 618 -3.92 -1.23 25.03
N VAL A 619 -2.81 -1.37 25.75
CA VAL A 619 -2.81 -2.17 26.97
C VAL A 619 -2.12 -1.39 28.08
N SER A 620 -2.51 -1.69 29.32
CA SER A 620 -1.87 -1.09 30.49
C SER A 620 -0.40 -1.50 30.57
N PRO A 621 0.45 -0.68 31.21
CA PRO A 621 1.82 -1.13 31.51
C PRO A 621 1.86 -2.45 32.27
N GLU A 622 0.91 -2.67 33.19
CA GLU A 622 0.89 -3.90 33.98
C GLU A 622 0.57 -5.11 33.10
N LEU A 623 -0.45 -5.00 32.25
CA LEU A 623 -0.75 -6.11 31.35
C LEU A 623 0.38 -6.31 30.35
N TYR A 624 0.99 -5.23 29.87
CA TYR A 624 2.14 -5.36 28.98
C TYR A 624 3.23 -6.22 29.62
N GLU A 625 3.57 -5.92 30.89
CA GLU A 625 4.56 -6.72 31.60
C GLU A 625 4.10 -8.17 31.76
N LEU A 626 2.82 -8.39 32.08
CA LEU A 626 2.30 -9.74 32.23
C LEU A 626 2.40 -10.53 30.92
N LEU A 627 1.95 -9.95 29.81
CA LEU A 627 1.93 -10.67 28.54
C LEU A 627 3.34 -10.96 28.04
N GLY A 628 4.32 -10.13 28.39
CA GLY A 628 5.70 -10.39 28.03
C GLY A 628 6.23 -11.69 28.61
N ALA A 629 5.60 -12.20 29.66
CA ALA A 629 6.04 -13.44 30.30
C ALA A 629 5.30 -14.66 29.77
N VAL A 630 4.36 -14.49 28.84
CA VAL A 630 3.58 -15.61 28.33
C VAL A 630 4.52 -16.68 27.80
N ASP A 631 4.33 -17.92 28.25
CA ASP A 631 5.18 -19.03 27.81
C ASP A 631 4.39 -20.15 27.14
N GLY A 632 3.06 -20.07 27.11
CA GLY A 632 2.26 -21.09 26.49
C GLY A 632 1.88 -22.24 27.39
N THR A 633 2.37 -22.26 28.63
CA THR A 633 2.08 -23.38 29.52
C THR A 633 1.61 -22.87 30.87
N THR A 634 2.14 -21.74 31.33
CA THR A 634 1.75 -21.16 32.61
C THR A 634 0.37 -20.50 32.54
N THR A 635 -0.44 -20.69 33.59
CA THR A 635 -1.77 -20.09 33.63
C THR A 635 -1.72 -18.58 33.84
N LEU A 636 -2.81 -17.93 33.46
CA LEU A 636 -2.95 -16.48 33.64
C LEU A 636 -2.82 -16.07 35.11
N GLY A 637 -3.38 -16.89 36.02
CA GLY A 637 -3.25 -16.57 37.43
C GLY A 637 -1.81 -16.59 37.90
N ASP A 638 -1.06 -17.61 37.51
CA ASP A 638 0.34 -17.68 37.89
C ASP A 638 1.16 -16.56 37.24
N LEU A 639 0.89 -16.25 35.96
CA LEU A 639 1.61 -15.17 35.30
C LEU A 639 1.38 -13.83 36.02
N ALA A 640 0.16 -13.61 36.49
CA ALA A 640 -0.18 -12.32 37.09
C ALA A 640 0.52 -12.10 38.43
N LYS A 641 1.03 -13.16 39.07
CA LYS A 641 1.79 -13.02 40.30
C LYS A 641 2.89 -11.96 40.17
N THR A 642 3.62 -11.98 39.04
CA THR A 642 4.77 -11.08 38.87
C THR A 642 4.36 -9.61 38.84
N VAL A 643 3.12 -9.29 38.45
CA VAL A 643 2.61 -7.93 38.60
C VAL A 643 1.69 -7.82 39.82
N GLY A 644 1.85 -8.71 40.79
CA GLY A 644 1.12 -8.59 42.04
C GLY A 644 -0.27 -9.20 42.04
N GLY A 645 -0.52 -10.19 41.19
CA GLY A 645 -1.76 -10.93 41.28
C GLY A 645 -2.82 -10.53 40.28
N LEU A 646 -3.61 -11.51 39.83
CA LEU A 646 -4.67 -11.24 38.88
C LEU A 646 -5.74 -10.40 39.55
N SER A 647 -5.58 -9.09 39.51
CA SER A 647 -6.59 -8.22 40.09
C SER A 647 -7.84 -8.24 39.22
N ASP A 648 -8.91 -7.61 39.74
CA ASP A 648 -10.14 -7.44 38.98
C ASP A 648 -9.90 -6.63 37.71
N ALA A 649 -9.06 -5.60 37.80
CA ALA A 649 -8.82 -4.75 36.64
C ALA A 649 -8.05 -5.50 35.56
N LEU A 650 -7.09 -6.35 35.96
CA LEU A 650 -6.32 -7.10 34.97
C LEU A 650 -7.17 -8.18 34.31
N ALA A 651 -8.00 -8.87 35.09
CA ALA A 651 -8.89 -9.86 34.52
C ALA A 651 -9.84 -9.24 33.51
N THR A 652 -10.43 -8.08 33.86
CA THR A 652 -11.31 -7.39 32.93
C THR A 652 -10.56 -6.94 31.68
N GLU A 653 -9.33 -6.43 31.84
CA GLU A 653 -8.55 -6.03 30.66
C GLU A 653 -8.24 -7.23 29.79
N VAL A 654 -7.84 -8.34 30.40
CA VAL A 654 -7.52 -9.56 29.66
C VAL A 654 -8.76 -10.05 28.92
N PHE A 655 -9.91 -9.99 29.59
CA PHE A 655 -11.15 -10.46 28.97
C PHE A 655 -11.45 -9.69 27.69
N ALA A 656 -11.23 -8.38 27.69
CA ALA A 656 -11.56 -7.61 26.51
C ALA A 656 -10.58 -7.91 25.38
N LEU A 657 -9.31 -8.19 25.69
CA LEU A 657 -8.38 -8.65 24.65
C LEU A 657 -8.79 -10.02 24.11
N TRP A 658 -9.28 -10.90 24.98
CA TRP A 658 -9.73 -12.23 24.59
C TRP A 658 -10.88 -12.13 23.60
N GLU A 659 -11.82 -11.23 23.89
CA GLU A 659 -12.99 -11.03 23.07
C GLU A 659 -12.61 -10.55 21.68
N GLN A 660 -11.53 -9.79 21.55
CA GLN A 660 -11.06 -9.37 20.25
C GLN A 660 -10.05 -10.34 19.65
N ARG A 661 -9.77 -11.46 20.33
CA ARG A 661 -8.94 -12.55 19.81
C ARG A 661 -7.48 -12.16 19.60
N PHE A 662 -6.96 -11.21 20.39
CA PHE A 662 -5.56 -10.83 20.25
C PHE A 662 -4.62 -11.94 20.66
N LEU A 663 -5.10 -12.84 21.52
CA LEU A 663 -4.32 -13.97 21.99
C LEU A 663 -5.30 -15.12 22.25
N THR A 664 -4.75 -16.31 22.38
CA THR A 664 -5.52 -17.50 22.69
C THR A 664 -5.57 -17.70 24.20
N LEU A 665 -6.78 -17.85 24.74
CA LEU A 665 -6.99 -18.11 26.16
C LEU A 665 -7.84 -19.37 26.28
N ALA A 666 -7.28 -20.43 26.81
CA ALA A 666 -7.98 -21.70 26.91
C ALA A 666 -7.34 -22.51 28.01
N PRO A 667 -8.05 -23.51 28.55
CA PRO A 667 -7.47 -24.31 29.64
C PRO A 667 -6.20 -25.00 29.16
N ALA A 668 -5.35 -25.36 30.12
CA ALA A 668 -4.15 -26.13 29.83
C ALA A 668 -4.48 -27.35 28.99
N GLY A 669 -3.58 -27.70 28.07
CA GLY A 669 -3.77 -28.85 27.23
C GLY A 669 -4.66 -28.55 26.03
N ASP A 670 -5.06 -29.61 25.36
CA ASP A 670 -5.97 -29.47 24.23
C ASP A 670 -6.79 -30.75 24.13
N ILE A 671 -7.73 -30.74 23.18
CA ILE A 671 -8.67 -31.84 23.03
C ILE A 671 -8.03 -33.08 22.42
N GLY A 672 -6.86 -32.94 21.78
CA GLY A 672 -6.20 -34.05 21.15
C GLY A 672 -6.65 -34.27 19.72
N PRO A 673 -6.02 -35.22 19.02
CA PRO A 673 -6.44 -35.52 17.65
C PRO A 673 -7.91 -35.92 17.64
N LEU A 674 -8.64 -35.38 16.68
CA LEU A 674 -10.07 -35.62 16.61
C LEU A 674 -10.31 -37.09 16.28
N ALA A 675 -11.19 -37.73 17.04
CA ALA A 675 -11.36 -39.17 16.94
C ALA A 675 -12.06 -39.54 15.65
N MET B 1 3.00 42.69 -6.25
CA MET B 1 2.52 41.37 -6.64
C MET B 1 3.39 40.23 -6.06
N LEU B 2 3.02 39.74 -4.87
CA LEU B 2 3.80 38.74 -4.15
C LEU B 2 3.01 37.43 -4.12
N VAL B 3 3.51 36.41 -4.83
CA VAL B 3 2.75 35.19 -5.07
C VAL B 3 3.54 33.99 -4.58
N LEU B 4 2.89 33.18 -3.75
CA LEU B 4 3.47 31.94 -3.23
C LEU B 4 3.07 30.76 -4.10
N GLY B 5 4.04 29.95 -4.49
CA GLY B 5 3.79 28.70 -5.20
C GLY B 5 3.94 27.51 -4.26
N LEU B 6 2.97 26.57 -4.33
CA LEU B 6 2.93 25.40 -3.47
C LEU B 6 2.82 24.12 -4.31
N ASN B 7 3.55 23.09 -3.87
CA ASN B 7 3.39 21.74 -4.38
C ASN B 7 3.63 20.75 -3.24
N GLY B 8 3.08 19.56 -3.38
CA GLY B 8 3.20 18.51 -2.38
C GLY B 8 1.86 18.15 -1.76
N ASN B 9 1.91 17.20 -0.82
CA ASN B 9 0.75 16.76 -0.08
C ASN B 9 0.57 17.64 1.17
N PHE B 10 -0.28 17.22 2.11
CA PHE B 10 -0.73 18.11 3.17
C PHE B 10 -0.45 17.59 4.56
N SER B 11 0.39 16.57 4.69
CA SER B 11 0.64 15.95 5.98
C SER B 11 1.40 16.90 6.91
N ALA B 12 1.09 16.78 8.20
CA ALA B 12 1.82 17.44 9.27
C ALA B 12 3.23 16.86 9.40
N ALA B 13 4.02 17.46 10.29
CA ALA B 13 5.40 17.02 10.52
C ALA B 13 5.46 15.59 11.04
N ASP B 14 4.57 15.21 11.96
CA ASP B 14 4.73 13.95 12.70
C ASP B 14 3.86 12.81 12.21
N THR B 15 2.82 13.10 11.42
CA THR B 15 1.91 12.10 10.89
C THR B 15 1.68 12.40 9.42
N ASP B 16 1.07 11.45 8.71
CA ASP B 16 0.70 11.66 7.31
C ASP B 16 -0.83 11.69 7.20
N VAL B 17 -1.33 12.26 6.09
CA VAL B 17 -2.78 12.43 5.95
C VAL B 17 -3.50 11.08 6.06
N VAL B 18 -2.88 10.02 5.53
CA VAL B 18 -3.30 8.65 5.83
C VAL B 18 -2.04 7.92 6.29
N PRO B 19 -2.16 6.90 7.15
CA PRO B 19 -0.96 6.25 7.68
C PRO B 19 -0.12 5.65 6.57
N GLN B 20 1.19 5.86 6.67
CA GLN B 20 2.16 5.32 5.71
C GLN B 20 1.87 5.78 4.28
N LEU B 21 1.23 6.94 4.12
CA LEU B 21 1.02 7.57 2.81
C LEU B 21 2.21 7.29 1.89
N GLY B 22 1.92 6.72 0.71
CA GLY B 22 3.01 6.29 -0.16
C GLY B 22 3.88 7.45 -0.62
N GLU B 23 5.17 7.17 -0.80
CA GLU B 23 6.16 8.21 -1.08
C GLU B 23 5.92 8.93 -2.41
N VAL B 24 5.09 8.38 -3.31
CA VAL B 24 4.85 9.05 -4.60
C VAL B 24 3.61 9.93 -4.59
N PHE B 25 2.90 10.03 -3.46
CA PHE B 25 1.64 10.77 -3.42
C PHE B 25 1.93 12.24 -3.15
N PHE B 26 2.29 12.95 -4.23
CA PHE B 26 2.53 14.39 -4.21
C PHE B 26 3.80 14.71 -3.44
N HIS B 27 4.92 14.40 -4.08
CA HIS B 27 6.26 14.36 -3.52
C HIS B 27 7.03 15.62 -3.87
N ASP B 28 8.25 15.72 -3.32
CA ASP B 28 9.12 16.88 -3.54
C ASP B 28 8.42 18.18 -3.17
N SER B 29 7.66 18.16 -2.08
CA SER B 29 7.02 19.35 -1.54
C SER B 29 8.00 20.50 -1.49
N ALA B 30 7.53 21.69 -1.83
CA ALA B 30 8.40 22.85 -1.90
C ALA B 30 7.54 24.10 -1.80
N ALA B 31 8.18 25.21 -1.47
CA ALA B 31 7.53 26.51 -1.53
C ALA B 31 8.42 27.46 -2.32
N SER B 32 7.78 28.29 -3.14
CA SER B 32 8.45 29.29 -3.96
C SER B 32 7.75 30.62 -3.77
N LEU B 33 8.50 31.71 -3.81
CA LEU B 33 7.93 33.05 -3.72
C LEU B 33 8.41 33.87 -4.91
N ILE B 34 7.47 34.44 -5.64
CA ILE B 34 7.80 35.37 -6.72
C ILE B 34 7.30 36.75 -6.31
N ARG B 35 8.05 37.78 -6.70
CA ARG B 35 7.68 39.16 -6.41
C ARG B 35 7.96 40.00 -7.63
N ASP B 36 6.95 40.72 -8.10
CA ASP B 36 7.06 41.54 -9.31
C ASP B 36 7.66 40.73 -10.46
N GLY B 37 7.31 39.44 -10.49
CA GLY B 37 7.70 38.55 -11.57
C GLY B 37 9.05 37.90 -11.43
N GLU B 38 9.81 38.20 -10.38
CA GLU B 38 11.10 37.56 -10.15
C GLU B 38 10.95 36.51 -9.05
N LEU B 39 11.67 35.41 -9.20
CA LEU B 39 11.76 34.37 -8.17
C LEU B 39 12.67 34.86 -7.05
N VAL B 40 12.10 35.30 -5.94
CA VAL B 40 12.93 35.82 -4.84
C VAL B 40 13.43 34.72 -3.89
N ALA B 41 12.67 33.62 -3.73
CA ALA B 41 13.08 32.56 -2.83
C ALA B 41 12.40 31.26 -3.25
N ALA B 42 13.07 30.14 -3.01
CA ALA B 42 12.55 28.82 -3.30
C ALA B 42 13.37 27.80 -2.53
N VAL B 43 12.68 26.85 -1.90
CA VAL B 43 13.36 25.79 -1.17
C VAL B 43 12.44 24.58 -1.10
N GLU B 44 13.02 23.41 -1.24
CA GLU B 44 12.27 22.18 -1.09
C GLU B 44 12.15 21.81 0.38
N GLU B 45 10.98 21.29 0.76
CA GLU B 45 10.74 20.93 2.15
C GLU B 45 11.72 19.86 2.62
N GLU B 46 12.18 18.99 1.71
CA GLU B 46 13.14 17.95 2.06
C GLU B 46 14.39 18.52 2.74
N ARG B 47 14.82 19.74 2.38
CA ARG B 47 16.01 20.32 3.00
C ARG B 47 15.75 20.68 4.45
N LEU B 48 14.49 20.92 4.80
CA LEU B 48 14.14 21.43 6.12
C LEU B 48 13.60 20.34 7.05
N ASN B 49 12.81 19.37 6.57
CA ASN B 49 12.43 18.26 7.44
C ASN B 49 13.36 17.06 7.31
N ARG B 50 14.32 17.11 6.38
CA ARG B 50 15.41 16.15 6.21
C ARG B 50 14.93 14.81 5.67
N ILE B 51 13.78 14.79 4.99
CA ILE B 51 13.23 13.58 4.39
C ILE B 51 13.32 13.73 2.89
N LYS B 52 14.18 12.94 2.25
CA LYS B 52 14.36 13.01 0.80
C LYS B 52 13.02 13.00 0.06
N LYS B 53 12.81 14.00 -0.79
CA LYS B 53 11.65 14.05 -1.71
C LYS B 53 10.32 14.00 -0.95
N THR B 54 10.32 14.54 0.26
CA THR B 54 9.19 14.46 1.17
C THR B 54 7.88 14.87 0.51
N THR B 55 6.79 14.20 0.93
CA THR B 55 5.44 14.54 0.52
C THR B 55 4.75 15.46 1.51
N LYS B 56 5.39 15.74 2.65
CA LYS B 56 4.70 16.46 3.71
C LYS B 56 4.46 17.91 3.29
N PHE B 57 3.48 18.55 3.92
CA PHE B 57 3.15 19.93 3.58
C PHE B 57 4.38 20.80 3.81
N PRO B 58 4.72 21.71 2.87
CA PRO B 58 5.98 22.46 2.94
C PRO B 58 5.88 23.71 3.82
N LEU B 59 5.41 23.52 5.06
CA LEU B 59 5.17 24.64 5.95
C LEU B 59 6.46 25.39 6.27
N ASN B 60 7.54 24.65 6.59
CA ASN B 60 8.81 25.30 6.87
C ASN B 60 9.33 26.02 5.65
N ALA B 61 9.17 25.42 4.47
CA ALA B 61 9.60 26.07 3.23
C ALA B 61 8.89 27.42 3.06
N VAL B 62 7.58 27.47 3.34
CA VAL B 62 6.84 28.73 3.25
C VAL B 62 7.37 29.73 4.27
N ARG B 63 7.64 29.28 5.49
CA ARG B 63 8.18 30.17 6.51
C ARG B 63 9.52 30.75 6.06
N GLU B 64 10.41 29.90 5.56
CA GLU B 64 11.73 30.37 5.11
C GLU B 64 11.61 31.34 3.94
N CYS B 65 10.70 31.07 3.00
CA CYS B 65 10.52 31.95 1.84
C CYS B 65 10.02 33.33 2.26
N LEU B 66 9.04 33.37 3.17
CA LEU B 66 8.51 34.64 3.64
C LEU B 66 9.59 35.47 4.32
N ALA B 67 10.49 34.81 5.06
CA ALA B 67 11.55 35.52 5.75
C ALA B 67 12.62 36.02 4.79
N LEU B 68 12.92 35.26 3.74
CA LEU B 68 13.86 35.77 2.76
C LEU B 68 13.31 36.99 2.02
N ALA B 69 12.00 37.08 1.88
CA ALA B 69 11.37 38.19 1.19
C ALA B 69 11.04 39.37 2.10
N GLY B 70 11.24 39.22 3.41
CA GLY B 70 10.87 40.25 4.34
C GLY B 70 9.38 40.48 4.43
N ALA B 71 8.59 39.42 4.25
CA ALA B 71 7.15 39.54 4.11
C ALA B 71 6.46 38.91 5.31
N ARG B 72 5.33 39.48 5.70
CA ARG B 72 4.42 38.77 6.56
C ARG B 72 3.60 37.81 5.70
N PRO B 73 3.04 36.75 6.29
CA PRO B 73 2.08 35.93 5.53
C PRO B 73 1.00 36.77 4.89
N GLU B 74 0.47 37.72 5.65
CA GLU B 74 -0.60 38.57 5.18
C GLU B 74 -0.18 39.44 4.00
N ASP B 75 1.12 39.59 3.76
CA ASP B 75 1.57 40.32 2.58
C ASP B 75 1.31 39.58 1.27
N VAL B 76 1.14 38.26 1.33
CA VAL B 76 1.04 37.47 0.10
C VAL B 76 -0.26 37.80 -0.62
N ASP B 77 -0.15 38.11 -1.91
CA ASP B 77 -1.31 38.48 -2.72
C ASP B 77 -2.07 37.28 -3.25
N ALA B 78 -1.38 36.18 -3.58
CA ALA B 78 -2.07 34.99 -4.07
C ALA B 78 -1.20 33.76 -3.81
N VAL B 79 -1.86 32.61 -3.75
CA VAL B 79 -1.22 31.31 -3.57
C VAL B 79 -1.62 30.42 -4.74
N GLY B 80 -0.64 29.86 -5.43
CA GLY B 80 -0.89 28.93 -6.53
C GLY B 80 -0.53 27.52 -6.13
N TYR B 81 -1.42 26.56 -6.43
CA TYR B 81 -1.18 25.14 -6.18
C TYR B 81 -1.09 24.39 -7.50
N TYR B 82 -0.10 23.50 -7.59
CA TYR B 82 0.38 22.93 -8.86
C TYR B 82 -0.51 21.81 -9.47
N PHE B 83 -1.76 21.63 -9.03
CA PHE B 83 -2.71 20.71 -9.65
C PHE B 83 -4.09 21.36 -9.58
N PRO B 84 -5.00 21.01 -10.50
CA PRO B 84 -6.38 21.48 -10.35
C PRO B 84 -7.04 20.90 -9.11
N GLU B 85 -7.95 21.70 -8.54
CA GLU B 85 -8.54 21.36 -7.25
C GLU B 85 -9.28 20.04 -7.29
N ASN B 86 -10.03 19.79 -8.35
CA ASN B 86 -10.80 18.56 -8.45
C ASN B 86 -9.89 17.33 -8.53
N HIS B 87 -8.71 17.47 -9.14
CA HIS B 87 -7.84 16.31 -9.26
C HIS B 87 -7.23 15.93 -7.91
N ILE B 88 -6.60 16.88 -7.22
CA ILE B 88 -6.02 16.56 -5.92
C ILE B 88 -7.11 16.12 -4.95
N ASP B 89 -8.29 16.71 -5.03
CA ASP B 89 -9.34 16.36 -4.09
C ASP B 89 -9.91 14.97 -4.38
N THR B 90 -9.94 14.57 -5.66
CA THR B 90 -10.39 13.23 -6.01
C THR B 90 -9.37 12.18 -5.57
N VAL B 91 -8.08 12.48 -5.67
CA VAL B 91 -7.06 11.56 -5.17
C VAL B 91 -7.15 11.47 -3.64
N LEU B 92 -7.24 12.61 -2.95
CA LEU B 92 -7.45 12.55 -1.51
C LEU B 92 -8.70 11.76 -1.17
N ASN B 93 -9.79 11.99 -1.90
CA ASN B 93 -11.01 11.24 -1.68
C ASN B 93 -10.76 9.73 -1.78
N HIS B 94 -9.95 9.31 -2.76
CA HIS B 94 -9.64 7.90 -2.90
C HIS B 94 -8.85 7.38 -1.70
N LEU B 95 -7.84 8.12 -1.24
CA LEU B 95 -7.14 7.72 -0.03
C LEU B 95 -8.10 7.61 1.15
N TYR B 96 -9.09 8.49 1.22
CA TYR B 96 -10.06 8.43 2.31
C TYR B 96 -11.00 7.22 2.20
N THR B 97 -11.30 6.74 0.98
CA THR B 97 -12.07 5.50 0.90
C THR B 97 -11.25 4.31 1.38
N GLU B 98 -9.94 4.33 1.15
CA GLU B 98 -9.07 3.25 1.61
C GLU B 98 -8.82 3.29 3.11
N TYR B 99 -8.96 4.44 3.76
CA TYR B 99 -8.72 4.59 5.19
C TYR B 99 -9.97 5.20 5.83
N PRO B 100 -10.98 4.37 6.14
CA PRO B 100 -12.29 4.92 6.52
C PRO B 100 -12.30 5.67 7.84
N ARG B 101 -11.25 5.60 8.67
CA ARG B 101 -11.21 6.40 9.88
C ARG B 101 -10.69 7.81 9.65
N ALA B 102 -10.04 8.06 8.51
CA ALA B 102 -9.46 9.37 8.27
C ALA B 102 -10.55 10.42 8.03
N PRO B 103 -10.52 11.55 8.75
CA PRO B 103 -11.52 12.60 8.52
C PRO B 103 -11.44 13.15 7.11
N LEU B 104 -12.58 13.61 6.61
CA LEU B 104 -12.65 14.05 5.22
C LEU B 104 -12.19 15.51 5.14
N ARG B 105 -10.91 15.71 4.84
CA ARG B 105 -10.34 17.05 4.69
C ARG B 105 -9.73 17.17 3.29
N TYR B 106 -10.29 18.06 2.48
CA TYR B 106 -9.80 18.22 1.11
C TYR B 106 -8.78 19.36 1.04
N SER B 107 -8.26 19.62 -0.17
CA SER B 107 -6.99 20.36 -0.27
C SER B 107 -7.14 21.81 0.19
N ARG B 108 -8.24 22.46 -0.17
CA ARG B 108 -8.43 23.86 0.20
C ARG B 108 -8.52 24.03 1.70
N GLU B 109 -9.30 23.18 2.36
CA GLU B 109 -9.40 23.22 3.81
C GLU B 109 -8.07 22.83 4.47
N LEU B 110 -7.32 21.89 3.89
CA LEU B 110 -6.04 21.52 4.50
C LEU B 110 -5.02 22.63 4.34
N ILE B 111 -4.93 23.23 3.15
CA ILE B 111 -4.03 24.36 2.95
C ILE B 111 -4.35 25.47 3.95
N ARG B 112 -5.63 25.83 4.07
CA ARG B 112 -6.02 26.88 5.01
C ARG B 112 -5.65 26.51 6.44
N GLN B 113 -5.80 25.23 6.79
CA GLN B 113 -5.51 24.81 8.16
C GLN B 113 -4.01 24.81 8.46
N ARG B 114 -3.19 24.35 7.51
CA ARG B 114 -1.75 24.34 7.77
C ARG B 114 -1.20 25.75 7.91
N LEU B 115 -1.68 26.67 7.06
CA LEU B 115 -1.19 28.04 7.11
C LEU B 115 -1.70 28.76 8.36
N LYS B 116 -2.96 28.52 8.73
CA LYS B 116 -3.50 29.15 9.93
C LYS B 116 -2.80 28.63 11.19
N GLU B 117 -2.65 27.31 11.31
CA GLU B 117 -2.03 26.76 12.50
C GLU B 117 -0.52 26.98 12.51
N GLY B 118 0.11 26.88 11.36
CA GLY B 118 1.56 26.91 11.28
C GLY B 118 2.13 28.31 11.21
N LEU B 119 1.32 29.27 10.75
CA LEU B 119 1.82 30.63 10.57
C LEU B 119 0.85 31.71 11.05
N GLY B 120 -0.27 31.38 11.65
CA GLY B 120 -1.25 32.39 12.01
C GLY B 120 -1.85 33.14 10.84
N TRP B 121 -1.74 32.58 9.64
CA TRP B 121 -2.21 33.20 8.41
C TRP B 121 -3.61 32.69 8.06
N ASP B 122 -4.59 33.59 8.06
CA ASP B 122 -5.94 33.32 7.56
C ASP B 122 -5.94 33.55 6.05
N LEU B 123 -5.82 32.48 5.26
CA LEU B 123 -5.78 32.64 3.81
C LEU B 123 -7.21 32.80 3.26
N PRO B 124 -7.55 33.95 2.68
CA PRO B 124 -8.88 34.09 2.09
C PRO B 124 -9.02 33.20 0.85
N ASP B 125 -10.21 32.59 0.72
CA ASP B 125 -10.44 31.62 -0.35
C ASP B 125 -10.12 32.18 -1.72
N GLU B 126 -10.37 33.47 -1.93
CA GLU B 126 -10.19 34.06 -3.25
C GLU B 126 -8.72 34.21 -3.62
N LYS B 127 -7.80 34.06 -2.67
CA LYS B 127 -6.38 34.14 -2.99
C LYS B 127 -5.76 32.81 -3.39
N LEU B 128 -6.48 31.70 -3.23
CA LEU B 128 -5.95 30.37 -3.55
C LEU B 128 -6.32 30.01 -4.98
N VAL B 129 -5.31 29.79 -5.83
CA VAL B 129 -5.50 29.45 -7.24
C VAL B 129 -4.92 28.07 -7.51
N TYR B 130 -5.72 27.20 -8.11
CA TYR B 130 -5.28 25.87 -8.51
C TYR B 130 -4.95 25.88 -9.99
N VAL B 131 -3.92 25.13 -10.37
CA VAL B 131 -3.32 25.32 -11.69
C VAL B 131 -3.19 23.98 -12.40
N PRO B 132 -3.48 23.90 -13.70
CA PRO B 132 -3.15 22.69 -14.47
C PRO B 132 -1.68 22.33 -14.33
N HIS B 133 -1.41 21.04 -14.11
CA HIS B 133 -0.08 20.64 -13.67
C HIS B 133 0.99 20.92 -14.72
N HIS B 134 0.73 20.58 -15.98
CA HIS B 134 1.77 20.80 -16.97
C HIS B 134 1.86 22.27 -17.37
N GLU B 135 0.81 23.04 -17.14
CA GLU B 135 0.90 24.48 -17.29
C GLU B 135 1.87 25.08 -16.29
N ALA B 136 1.81 24.63 -15.03
CA ALA B 136 2.77 25.09 -14.03
C ALA B 136 4.20 24.76 -14.43
N HIS B 137 4.44 23.52 -14.88
CA HIS B 137 5.75 23.16 -15.39
C HIS B 137 6.20 24.12 -16.50
N ALA B 138 5.33 24.33 -17.48
CA ALA B 138 5.73 25.07 -18.68
C ALA B 138 6.10 26.50 -18.33
N TYR B 139 5.35 27.13 -17.43
CA TYR B 139 5.66 28.49 -17.00
C TYR B 139 7.03 28.56 -16.36
N SER B 140 7.32 27.63 -15.44
CA SER B 140 8.60 27.62 -14.75
C SER B 140 9.76 27.44 -15.74
N SER B 141 9.62 26.45 -16.63
CA SER B 141 10.69 26.17 -17.59
C SER B 141 10.89 27.33 -18.58
N TYR B 142 9.80 27.90 -19.08
CA TYR B 142 9.92 28.92 -20.12
C TYR B 142 10.24 30.31 -19.56
N LEU B 143 9.66 30.69 -18.43
CA LEU B 143 9.85 32.06 -17.99
C LEU B 143 11.28 32.34 -17.53
N HIS B 144 12.03 31.30 -17.11
CA HIS B 144 13.42 31.48 -16.68
C HIS B 144 14.41 31.30 -17.81
N SER B 145 13.97 31.03 -19.03
CA SER B 145 14.89 30.71 -20.12
C SER B 145 15.51 31.95 -20.76
N GLY B 146 14.95 33.13 -20.49
CA GLY B 146 15.31 34.33 -21.23
C GLY B 146 14.95 34.35 -22.70
N MET B 147 14.26 33.33 -23.22
CA MET B 147 13.80 33.36 -24.60
C MET B 147 12.48 34.14 -24.70
N ASP B 148 12.30 34.84 -25.82
CA ASP B 148 11.07 35.58 -26.04
C ASP B 148 10.01 34.75 -26.74
N SER B 149 10.37 33.55 -27.20
CA SER B 149 9.42 32.56 -27.68
C SER B 149 10.14 31.23 -27.74
N ALA B 150 9.38 30.14 -27.59
CA ALA B 150 9.99 28.81 -27.63
C ALA B 150 8.92 27.74 -27.81
N LEU B 151 9.34 26.63 -28.40
CA LEU B 151 8.64 25.36 -28.20
C LEU B 151 8.91 24.87 -26.78
N VAL B 152 7.85 24.50 -26.05
CA VAL B 152 7.97 24.07 -24.66
C VAL B 152 7.43 22.64 -24.54
N LEU B 153 8.29 21.70 -24.17
CA LEU B 153 7.90 20.31 -23.97
C LEU B 153 7.91 19.95 -22.49
N VAL B 154 6.81 19.41 -21.99
CA VAL B 154 6.73 18.93 -20.61
C VAL B 154 6.49 17.42 -20.63
N LEU B 155 7.38 16.65 -20.00
CA LEU B 155 7.21 15.21 -19.83
C LEU B 155 7.45 14.82 -18.38
N ASP B 156 6.52 14.09 -17.77
CA ASP B 156 6.77 13.61 -16.42
C ASP B 156 6.05 12.27 -16.26
N GLY B 157 5.76 11.89 -15.02
CA GLY B 157 4.93 10.73 -14.77
C GLY B 157 3.49 11.00 -15.21
N ARG B 158 2.88 12.05 -14.66
CA ARG B 158 1.55 12.45 -15.09
C ARG B 158 1.19 13.75 -14.40
N GLY B 159 0.43 14.58 -15.11
CA GLY B 159 -0.40 15.59 -14.50
C GLY B 159 -1.81 15.04 -14.30
N GLU B 160 -2.78 15.95 -14.24
CA GLU B 160 -4.16 15.52 -13.97
C GLU B 160 -4.72 14.68 -15.11
N LEU B 161 -4.33 14.98 -16.36
CA LEU B 161 -4.90 14.31 -17.53
C LEU B 161 -3.88 13.78 -18.51
N HIS B 162 -2.62 14.20 -18.44
CA HIS B 162 -1.64 13.94 -19.48
C HIS B 162 -0.33 13.50 -18.85
N SER B 163 0.45 12.73 -19.60
CA SER B 163 1.83 12.44 -19.22
C SER B 163 2.83 13.31 -19.96
N GLY B 164 2.42 13.97 -21.03
CA GLY B 164 3.28 14.89 -21.75
C GLY B 164 2.43 15.96 -22.41
N THR B 165 2.98 17.17 -22.51
CA THR B 165 2.29 18.29 -23.14
C THR B 165 3.30 19.12 -23.93
N VAL B 166 2.85 19.64 -25.08
CA VAL B 166 3.65 20.50 -25.94
C VAL B 166 2.97 21.86 -26.04
N TYR B 167 3.73 22.93 -25.80
CA TYR B 167 3.23 24.29 -25.91
C TYR B 167 4.09 25.10 -26.89
N ARG B 168 3.51 26.18 -27.41
CA ARG B 168 4.27 27.30 -27.96
C ARG B 168 4.19 28.46 -26.99
N ALA B 169 5.34 28.99 -26.59
CA ALA B 169 5.37 30.13 -25.67
C ALA B 169 5.81 31.38 -26.42
N GLU B 170 5.15 32.51 -26.14
CA GLU B 170 5.47 33.80 -26.76
C GLU B 170 5.24 34.88 -25.71
N GLY B 171 6.28 35.63 -25.37
CA GLY B 171 6.14 36.63 -24.33
C GLY B 171 5.79 36.00 -23.01
N THR B 172 4.53 36.15 -22.58
CA THR B 172 4.03 35.49 -21.38
C THR B 172 2.82 34.60 -21.68
N ARG B 173 2.62 34.22 -22.93
CA ARG B 173 1.46 33.44 -23.33
C ARG B 173 1.89 32.02 -23.68
N LEU B 174 1.24 31.05 -23.07
CA LEU B 174 1.39 29.65 -23.45
C LEU B 174 0.21 29.24 -24.31
N GLU B 175 0.49 28.58 -25.43
CA GLU B 175 -0.52 27.99 -26.31
C GLU B 175 -0.27 26.50 -26.41
N LYS B 176 -1.24 25.68 -26.03
CA LYS B 176 -1.04 24.25 -26.02
C LYS B 176 -1.18 23.69 -27.43
N LEU B 177 -0.20 22.91 -27.88
CA LEU B 177 -0.20 22.33 -29.22
C LEU B 177 -0.56 20.85 -29.24
N ALA B 178 -0.34 20.14 -28.14
CA ALA B 178 -0.48 18.69 -28.17
C ALA B 178 -0.43 18.18 -26.74
N ASP B 179 -0.91 16.96 -26.55
CA ASP B 179 -0.77 16.30 -25.26
C ASP B 179 -0.68 14.80 -25.51
N TYR B 180 -0.17 14.08 -24.51
CA TYR B 180 -0.07 12.64 -24.55
C TYR B 180 -0.71 12.07 -23.29
N PRO B 181 -1.51 11.00 -23.39
CA PRO B 181 -2.33 10.58 -22.25
C PRO B 181 -1.50 9.89 -21.18
N VAL B 182 -2.14 9.74 -20.02
CA VAL B 182 -1.46 9.13 -18.87
C VAL B 182 -0.85 7.78 -19.18
N PRO B 183 -1.53 6.83 -19.84
CA PRO B 183 -0.91 5.50 -20.03
C PRO B 183 0.33 5.51 -20.94
N LYS B 184 0.64 6.61 -21.60
CA LYS B 184 1.84 6.72 -22.42
C LYS B 184 3.01 7.29 -21.65
N SER B 185 2.91 7.33 -20.32
CA SER B 185 3.90 8.01 -19.48
C SER B 185 5.29 7.44 -19.67
N LEU B 186 6.23 8.33 -20.02
CA LEU B 186 7.63 7.95 -20.09
C LEU B 186 8.28 7.97 -18.70
N GLY B 187 7.88 8.92 -17.85
CA GLY B 187 8.29 8.85 -16.46
C GLY B 187 7.76 7.61 -15.78
N GLY B 188 6.52 7.22 -16.11
CA GLY B 188 5.99 5.95 -15.66
C GLY B 188 6.79 4.76 -16.15
N LEU B 189 7.14 4.77 -17.44
CA LEU B 189 7.95 3.68 -17.98
C LEU B 189 9.29 3.59 -17.27
N TYR B 190 9.96 4.73 -17.08
CA TYR B 190 11.28 4.73 -16.47
C TYR B 190 11.23 4.22 -15.04
N LEU B 191 10.24 4.66 -14.26
CA LEU B 191 10.12 4.22 -12.87
C LEU B 191 9.73 2.74 -12.78
N ASN B 192 8.82 2.27 -13.63
CA ASN B 192 8.51 0.84 -13.72
C ASN B 192 9.80 0.03 -13.91
N ALA B 193 10.62 0.46 -14.87
CA ALA B 193 11.87 -0.23 -15.17
C ALA B 193 12.86 -0.15 -14.02
N THR B 194 12.91 1.01 -13.36
CA THR B 194 13.80 1.19 -12.23
C THR B 194 13.53 0.16 -11.14
N TYR B 195 12.27 -0.22 -10.95
CA TYR B 195 11.95 -1.23 -9.94
C TYR B 195 12.60 -2.56 -10.26
N LEU B 196 12.69 -2.91 -11.56
CA LEU B 196 13.33 -4.17 -11.92
C LEU B 196 14.80 -4.21 -11.55
N LEU B 197 15.41 -3.07 -11.25
CA LEU B 197 16.81 -3.02 -10.89
C LEU B 197 17.02 -2.96 -9.38
N GLY B 198 16.04 -3.40 -8.60
CA GLY B 198 16.17 -3.31 -7.16
C GLY B 198 16.18 -1.90 -6.62
N TYR B 199 15.75 -0.94 -7.43
CA TYR B 199 15.75 0.47 -7.08
C TYR B 199 14.31 0.95 -6.95
N GLY B 200 14.13 2.21 -6.56
CA GLY B 200 12.78 2.70 -6.40
C GLY B 200 12.65 4.16 -6.76
N PHE B 201 11.54 4.79 -6.35
CA PHE B 201 11.34 6.19 -6.67
C PHE B 201 12.50 7.03 -6.15
N GLY B 202 13.00 7.92 -7.00
CA GLY B 202 14.15 8.73 -6.67
C GLY B 202 15.49 8.13 -7.07
N ASP B 203 15.50 6.89 -7.57
CA ASP B 203 16.72 6.23 -8.01
C ASP B 203 16.91 6.26 -9.53
N GLU B 204 16.01 6.93 -10.26
CA GLU B 204 16.12 6.97 -11.72
C GLU B 204 17.49 7.46 -12.17
N TYR B 205 18.05 8.42 -11.44
CA TYR B 205 19.36 8.94 -11.81
C TYR B 205 20.44 7.87 -11.70
N LYS B 206 20.29 6.92 -10.78
CA LYS B 206 21.25 5.82 -10.69
C LYS B 206 21.13 4.90 -11.89
N VAL B 207 19.90 4.70 -12.39
CA VAL B 207 19.71 3.87 -13.58
C VAL B 207 20.35 4.53 -14.80
N MET B 208 20.17 5.84 -14.94
CA MET B 208 20.79 6.59 -16.02
C MET B 208 22.31 6.56 -15.92
N GLY B 209 22.84 6.66 -14.69
CA GLY B 209 24.26 6.46 -14.47
C GLY B 209 24.76 5.08 -14.85
N LEU B 210 23.92 4.05 -14.70
CA LEU B 210 24.33 2.68 -15.03
C LEU B 210 24.31 2.40 -16.54
N ALA B 211 23.42 3.07 -17.28
CA ALA B 211 23.19 2.70 -18.69
C ALA B 211 24.44 2.65 -19.55
N PRO B 212 25.40 3.58 -19.49
CA PRO B 212 26.59 3.48 -20.34
C PRO B 212 27.41 2.21 -20.12
N TRP B 213 27.31 1.56 -18.97
CA TRP B 213 28.00 0.29 -18.76
C TRP B 213 27.33 -0.87 -19.49
N GLY B 214 26.20 -0.65 -20.15
CA GLY B 214 25.48 -1.77 -20.72
C GLY B 214 25.45 -1.73 -22.22
N ASN B 215 25.10 -2.87 -22.84
CA ASN B 215 24.94 -2.98 -24.29
C ASN B 215 23.46 -2.87 -24.61
N PRO B 216 23.01 -1.80 -25.26
CA PRO B 216 21.57 -1.63 -25.53
C PRO B 216 21.01 -2.66 -26.49
N GLU B 217 21.85 -3.46 -27.14
CA GLU B 217 21.38 -4.39 -28.15
C GLU B 217 20.70 -5.61 -27.54
N THR B 218 21.12 -6.01 -26.33
CA THR B 218 20.64 -7.26 -25.73
C THR B 218 19.12 -7.26 -25.58
N TYR B 219 18.56 -6.19 -25.03
CA TYR B 219 17.11 -6.17 -24.78
C TYR B 219 16.38 -5.23 -25.75
N ARG B 220 17.04 -4.81 -26.83
CA ARG B 220 16.41 -3.88 -27.76
C ARG B 220 15.12 -4.45 -28.34
N ASP B 221 15.13 -5.72 -28.74
CA ASP B 221 13.93 -6.31 -29.32
C ASP B 221 12.87 -6.62 -28.26
N THR B 222 13.24 -6.73 -26.99
CA THR B 222 12.23 -6.89 -25.95
C THR B 222 11.49 -5.59 -25.68
N PHE B 223 12.22 -4.49 -25.46
CA PHE B 223 11.59 -3.18 -25.29
C PHE B 223 10.78 -2.78 -26.50
N ALA B 224 11.20 -3.21 -27.70
CA ALA B 224 10.45 -2.88 -28.91
C ALA B 224 9.04 -3.46 -28.88
N LYS B 225 8.79 -4.49 -28.08
CA LYS B 225 7.42 -5.00 -27.92
C LYS B 225 6.58 -4.13 -27.00
N LEU B 226 7.19 -3.20 -26.25
CA LEU B 226 6.47 -2.35 -25.30
C LEU B 226 6.14 -0.96 -25.83
N TYR B 227 6.69 -0.56 -26.99
CA TYR B 227 6.34 0.71 -27.60
C TYR B 227 6.33 0.59 -29.11
N THR B 228 5.50 1.42 -29.75
CA THR B 228 5.46 1.60 -31.21
C THR B 228 5.51 3.08 -31.51
N LEU B 229 6.49 3.50 -32.31
CA LEU B 229 6.51 4.87 -32.82
C LEU B 229 5.55 4.96 -33.99
N GLN B 230 4.81 6.06 -34.05
CA GLN B 230 3.74 6.20 -35.04
C GLN B 230 3.85 7.55 -35.76
N ASP B 231 3.00 7.72 -36.77
CA ASP B 231 3.04 8.91 -37.60
C ASP B 231 2.72 10.15 -36.78
N ASN B 232 3.24 11.28 -37.26
CA ASN B 232 2.89 12.59 -36.72
C ASN B 232 3.29 12.73 -35.26
N GLY B 233 4.50 12.27 -34.93
CA GLY B 233 5.01 12.39 -33.58
C GLY B 233 4.23 11.63 -32.53
N GLU B 234 3.41 10.68 -32.94
CA GLU B 234 2.68 9.87 -31.99
C GLU B 234 3.50 8.64 -31.60
N TYR B 235 3.05 7.99 -30.52
CA TYR B 235 3.63 6.73 -30.09
C TYR B 235 2.63 6.05 -29.19
N GLU B 236 2.84 4.76 -29.00
CA GLU B 236 2.00 3.96 -28.12
C GLU B 236 2.89 3.20 -27.15
N LEU B 237 2.44 3.04 -25.91
CA LEU B 237 3.03 2.09 -24.99
C LEU B 237 2.05 0.93 -24.82
N HIS B 238 2.55 -0.29 -24.91
CA HIS B 238 1.69 -1.47 -24.92
C HIS B 238 1.57 -2.03 -23.50
N GLY B 239 0.41 -1.80 -22.89
CA GLY B 239 0.18 -2.19 -21.52
C GLY B 239 -0.22 -3.64 -21.40
N ASN B 240 -0.61 -4.01 -20.18
CA ASN B 240 -1.00 -5.39 -19.90
C ASN B 240 -2.00 -5.34 -18.76
N ILE B 241 -2.78 -6.42 -18.63
CA ILE B 241 -3.76 -6.51 -17.57
C ILE B 241 -3.26 -7.35 -16.39
N MET B 242 -1.97 -7.65 -16.35
CA MET B 242 -1.46 -8.53 -15.30
C MET B 242 -1.13 -7.74 -14.03
N VAL B 243 -0.26 -6.75 -14.13
CA VAL B 243 0.22 -6.01 -12.95
C VAL B 243 0.37 -4.55 -13.30
N PRO B 244 0.35 -3.65 -12.28
CA PRO B 244 0.54 -2.21 -12.53
C PRO B 244 2.01 -1.84 -12.77
N ASN B 245 2.59 -2.48 -13.79
CA ASN B 245 3.96 -2.22 -14.20
C ASN B 245 4.03 -2.61 -15.67
N LEU B 246 4.49 -1.67 -16.50
CA LEU B 246 4.50 -1.86 -17.95
C LEU B 246 5.51 -2.91 -18.36
N VAL B 247 6.55 -3.08 -17.57
CA VAL B 247 7.77 -3.72 -18.00
C VAL B 247 7.91 -5.13 -17.42
N SER B 248 7.47 -5.34 -16.17
CA SER B 248 7.87 -6.55 -15.48
C SER B 248 7.29 -7.84 -16.08
N PRO B 249 6.02 -7.88 -16.54
CA PRO B 249 5.51 -9.16 -17.07
C PRO B 249 6.28 -9.70 -18.26
N LEU B 250 6.61 -8.86 -19.24
CA LEU B 250 7.31 -9.38 -20.41
C LEU B 250 8.71 -9.84 -20.06
N PHE B 251 9.41 -9.05 -19.23
CA PHE B 251 10.77 -9.43 -18.85
C PHE B 251 10.78 -10.67 -17.99
N TYR B 252 9.76 -10.86 -17.12
CA TYR B 252 9.66 -12.11 -16.39
C TYR B 252 9.47 -13.28 -17.34
N ALA B 253 8.60 -13.13 -18.35
CA ALA B 253 8.36 -14.21 -19.30
C ALA B 253 9.62 -14.60 -20.07
N GLU B 254 10.56 -13.68 -20.22
CA GLU B 254 11.80 -13.97 -20.93
C GLU B 254 12.93 -14.33 -19.97
N GLY B 255 12.61 -14.59 -18.70
CA GLY B 255 13.62 -15.06 -17.77
C GLY B 255 14.41 -13.99 -17.05
N PHE B 256 14.11 -12.72 -17.28
CA PHE B 256 14.78 -11.67 -16.52
C PHE B 256 14.23 -11.69 -15.10
N ARG B 257 15.13 -11.68 -14.11
CA ARG B 257 14.56 -11.60 -12.77
C ARG B 257 15.17 -10.42 -12.01
N PRO B 258 14.33 -9.65 -11.31
CA PRO B 258 14.77 -8.37 -10.76
C PRO B 258 15.89 -8.49 -9.74
N ARG B 259 16.76 -7.48 -9.73
CA ARG B 259 17.88 -7.44 -8.81
C ARG B 259 17.37 -7.36 -7.38
N ARG B 260 18.04 -8.09 -6.48
CA ARG B 260 17.75 -8.07 -5.06
C ARG B 260 18.64 -7.04 -4.35
N LYS B 261 18.18 -6.60 -3.17
CA LYS B 261 18.96 -5.64 -2.40
C LYS B 261 20.30 -6.23 -2.05
N GLY B 262 21.36 -5.44 -2.23
CA GLY B 262 22.69 -5.92 -1.96
C GLY B 262 23.26 -6.88 -2.98
N GLU B 263 22.51 -7.21 -4.03
CA GLU B 263 23.11 -8.03 -5.08
C GLU B 263 23.84 -7.12 -6.08
N PRO B 264 25.03 -7.50 -6.53
CA PRO B 264 25.74 -6.65 -7.50
C PRO B 264 25.06 -6.69 -8.85
N PHE B 265 25.25 -5.62 -9.62
CA PHE B 265 24.65 -5.52 -10.95
C PHE B 265 25.27 -6.54 -11.89
N THR B 266 24.45 -7.41 -12.47
CA THR B 266 24.99 -8.31 -13.48
C THR B 266 25.06 -7.62 -14.84
N GLN B 267 25.69 -8.29 -15.79
CA GLN B 267 25.72 -7.76 -17.16
C GLN B 267 24.33 -7.59 -17.72
N ALA B 268 23.40 -8.49 -17.35
CA ALA B 268 22.01 -8.34 -17.79
C ALA B 268 21.38 -7.07 -17.21
N HIS B 269 21.69 -6.75 -15.95
CA HIS B 269 21.17 -5.53 -15.34
C HIS B 269 21.72 -4.29 -16.04
N ARG B 270 23.01 -4.27 -16.33
CA ARG B 270 23.59 -3.14 -17.02
C ARG B 270 23.00 -3.00 -18.42
N ASP B 271 22.81 -4.12 -19.11
CA ASP B 271 22.23 -4.09 -20.44
C ASP B 271 20.78 -3.63 -20.39
N PHE B 272 20.03 -4.06 -19.38
CA PHE B 272 18.65 -3.61 -19.21
C PHE B 272 18.59 -2.10 -19.08
N ALA B 273 19.43 -1.53 -18.22
CA ALA B 273 19.49 -0.08 -18.07
C ALA B 273 19.81 0.60 -19.41
N ALA B 274 20.71 0.01 -20.19
CA ALA B 274 21.08 0.63 -21.46
C ALA B 274 19.91 0.64 -22.42
N ALA B 275 19.21 -0.50 -22.56
CA ALA B 275 18.09 -0.56 -23.49
C ALA B 275 16.93 0.31 -23.02
N LEU B 276 16.75 0.45 -21.69
CA LEU B 276 15.73 1.36 -21.17
C LEU B 276 16.04 2.80 -21.56
N GLN B 277 17.28 3.24 -21.34
CA GLN B 277 17.68 4.60 -21.65
C GLN B 277 17.59 4.88 -23.14
N GLU B 278 18.02 3.92 -23.96
CA GLU B 278 17.88 4.04 -25.41
C GLU B 278 16.41 4.15 -25.82
N THR B 279 15.52 3.42 -25.15
CA THR B 279 14.11 3.43 -25.52
C THR B 279 13.50 4.81 -25.30
N VAL B 280 13.70 5.38 -24.11
CA VAL B 280 13.12 6.70 -23.81
C VAL B 280 13.74 7.76 -24.71
N GLU B 281 15.04 7.63 -25.00
CA GLU B 281 15.66 8.58 -25.91
C GLU B 281 15.00 8.53 -27.28
N LYS B 282 14.74 7.33 -27.79
CA LYS B 282 14.17 7.19 -29.12
C LYS B 282 12.78 7.77 -29.19
N ILE B 283 11.98 7.59 -28.14
CA ILE B 283 10.62 8.12 -28.15
C ILE B 283 10.65 9.64 -28.07
N VAL B 284 11.48 10.21 -27.20
CA VAL B 284 11.46 11.66 -27.01
C VAL B 284 12.01 12.37 -28.25
N LEU B 285 13.05 11.82 -28.87
CA LEU B 285 13.55 12.37 -30.13
C LEU B 285 12.53 12.21 -31.25
N HIS B 286 11.70 11.17 -31.21
CA HIS B 286 10.59 11.03 -32.15
C HIS B 286 9.59 12.17 -31.97
N ILE B 287 9.18 12.42 -30.72
CA ILE B 287 8.29 13.54 -30.41
C ILE B 287 8.89 14.86 -30.89
N LEU B 288 10.15 15.11 -30.54
CA LEU B 288 10.71 16.44 -30.77
C LEU B 288 11.01 16.69 -32.25
N GLU B 289 11.40 15.65 -33.00
CA GLU B 289 11.55 15.81 -34.45
C GLU B 289 10.25 16.27 -35.09
N TYR B 290 9.13 15.67 -34.69
CA TYR B 290 7.85 16.06 -35.26
C TYR B 290 7.47 17.47 -34.86
N TRP B 291 7.62 17.82 -33.58
CA TRP B 291 7.18 19.16 -33.17
C TRP B 291 8.16 20.28 -33.51
N ALA B 292 9.46 19.99 -33.67
CA ALA B 292 10.36 21.00 -34.21
C ALA B 292 9.95 21.36 -35.63
N LYS B 293 9.75 20.35 -36.47
CA LYS B 293 9.36 20.56 -37.87
C LYS B 293 7.98 21.22 -37.96
N THR B 294 7.01 20.71 -37.18
CA THR B 294 5.65 21.21 -37.31
C THR B 294 5.52 22.64 -36.81
N SER B 295 6.11 22.96 -35.65
CA SER B 295 6.03 24.33 -35.16
C SER B 295 7.02 25.26 -35.83
N GLY B 296 8.05 24.72 -36.46
CA GLY B 296 9.09 25.54 -37.05
C GLY B 296 9.97 26.27 -36.08
N HIS B 297 9.93 25.94 -34.78
CA HIS B 297 10.66 26.69 -33.79
C HIS B 297 12.10 26.20 -33.64
N SER B 298 13.02 27.13 -33.42
CA SER B 298 14.43 26.82 -33.24
C SER B 298 14.86 26.78 -31.77
N ARG B 299 13.97 27.15 -30.84
CA ARG B 299 14.29 27.14 -29.41
C ARG B 299 13.39 26.14 -28.68
N LEU B 300 13.95 25.46 -27.68
CA LEU B 300 13.21 24.49 -26.89
C LEU B 300 13.46 24.73 -25.40
N CYS B 301 12.39 24.76 -24.61
CA CYS B 301 12.46 24.57 -23.16
C CYS B 301 11.88 23.20 -22.85
N PHE B 302 12.57 22.45 -21.99
CA PHE B 302 12.21 21.08 -21.66
C PHE B 302 12.04 20.96 -20.15
N GLY B 303 10.85 20.58 -19.71
CA GLY B 303 10.52 20.51 -18.30
C GLY B 303 9.76 19.24 -17.97
N GLY B 304 9.38 19.13 -16.70
CA GLY B 304 8.92 17.88 -16.14
C GLY B 304 10.06 17.02 -15.62
N GLY B 305 9.71 16.10 -14.72
CA GLY B 305 10.72 15.25 -14.11
C GLY B 305 11.60 14.50 -15.09
N VAL B 306 11.02 14.09 -16.23
CA VAL B 306 11.83 13.39 -17.22
C VAL B 306 12.98 14.28 -17.71
N ALA B 307 12.81 15.61 -17.64
CA ALA B 307 13.90 16.50 -18.06
C ALA B 307 15.07 16.52 -17.10
N HIS B 308 15.05 15.74 -16.01
CA HIS B 308 16.28 15.57 -15.24
C HIS B 308 17.12 14.43 -15.77
N ASN B 309 16.71 13.83 -16.89
CA ASN B 309 17.51 12.80 -17.56
C ASN B 309 18.54 13.53 -18.41
N SER B 310 19.69 13.83 -17.79
CA SER B 310 20.68 14.68 -18.46
C SER B 310 21.29 13.97 -19.66
N SER B 311 21.30 12.64 -19.66
CA SER B 311 21.69 11.90 -20.86
C SER B 311 20.76 12.22 -22.02
N LEU B 312 19.44 12.15 -21.78
CA LEU B 312 18.49 12.52 -22.81
C LEU B 312 18.71 13.96 -23.26
N ASN B 313 18.99 14.85 -22.30
CA ASN B 313 19.15 16.26 -22.62
C ASN B 313 20.36 16.48 -23.53
N GLY B 314 21.47 15.80 -23.24
CA GLY B 314 22.64 15.91 -24.12
C GLY B 314 22.38 15.39 -25.52
N LEU B 315 21.51 14.39 -25.67
CA LEU B 315 21.13 13.92 -27.00
C LEU B 315 20.27 14.94 -27.73
N ILE B 316 19.34 15.58 -27.01
CA ILE B 316 18.56 16.66 -27.61
C ILE B 316 19.48 17.78 -28.08
N LEU B 317 20.50 18.10 -27.27
CA LEU B 317 21.45 19.14 -27.63
C LEU B 317 22.19 18.80 -28.92
N LYS B 318 22.61 17.56 -29.07
CA LYS B 318 23.37 17.13 -30.23
C LYS B 318 22.51 16.81 -31.43
N SER B 319 21.18 16.85 -31.31
CA SER B 319 20.34 16.35 -32.38
C SER B 319 20.28 17.31 -33.57
N GLY B 320 20.69 18.56 -33.39
CA GLY B 320 20.53 19.57 -34.41
C GLY B 320 19.11 20.04 -34.64
N LEU B 321 18.14 19.55 -33.86
CA LEU B 321 16.74 19.98 -34.06
C LEU B 321 16.53 21.41 -33.59
N PHE B 322 17.36 21.89 -32.67
CA PHE B 322 17.17 23.22 -32.11
C PHE B 322 18.49 23.98 -32.14
N ASP B 323 18.38 25.31 -32.16
CA ASP B 323 19.53 26.17 -31.96
C ASP B 323 19.83 26.43 -30.50
N GLU B 324 18.79 26.54 -29.65
CA GLU B 324 18.94 26.75 -28.23
C GLU B 324 18.04 25.79 -27.45
N VAL B 325 18.51 25.37 -26.28
CA VAL B 325 17.75 24.51 -25.38
C VAL B 325 17.98 24.99 -23.95
N PHE B 326 16.89 25.18 -23.20
CA PHE B 326 16.97 25.59 -21.81
C PHE B 326 16.25 24.58 -20.91
N VAL B 327 16.91 24.19 -19.81
CA VAL B 327 16.34 23.32 -18.78
C VAL B 327 16.53 23.98 -17.41
N HIS B 328 15.43 24.08 -16.64
CA HIS B 328 15.39 24.68 -15.31
C HIS B 328 16.13 23.79 -14.30
N PRO B 329 16.70 24.37 -13.24
CA PRO B 329 17.40 23.52 -12.25
C PRO B 329 16.46 22.62 -11.47
N ALA B 330 15.19 22.98 -11.33
CA ALA B 330 14.18 22.17 -10.65
C ALA B 330 13.08 21.90 -11.68
N SER B 331 13.30 20.90 -12.52
CA SER B 331 12.31 20.57 -13.54
C SER B 331 11.28 19.58 -13.04
N HIS B 332 11.50 18.99 -11.87
CA HIS B 332 10.55 18.11 -11.20
C HIS B 332 9.44 18.95 -10.57
N ASP B 333 8.58 18.29 -9.76
CA ASP B 333 7.40 18.94 -9.21
C ASP B 333 7.70 20.16 -8.33
N ALA B 334 8.90 20.26 -7.74
CA ALA B 334 9.21 21.50 -7.01
C ALA B 334 9.21 22.71 -7.95
N GLY B 335 9.64 22.52 -9.20
CA GLY B 335 9.53 23.60 -10.18
C GLY B 335 8.12 23.85 -10.65
N ALA B 336 7.27 22.81 -10.70
CA ALA B 336 5.85 23.06 -10.99
C ALA B 336 5.20 23.89 -9.90
N GLY B 337 5.66 23.73 -8.65
CA GLY B 337 5.19 24.61 -7.59
C GLY B 337 5.56 26.06 -7.86
N GLU B 338 6.80 26.30 -8.28
CA GLU B 338 7.17 27.64 -8.72
C GLU B 338 6.29 28.11 -9.86
N GLY B 339 6.19 27.30 -10.92
CA GLY B 339 5.34 27.64 -12.04
C GLY B 339 3.90 27.91 -11.67
N ALA B 340 3.41 27.25 -10.61
CA ALA B 340 2.04 27.52 -10.17
C ALA B 340 1.87 28.93 -9.66
N ALA B 341 2.93 29.53 -9.10
CA ALA B 341 2.84 30.92 -8.66
C ALA B 341 2.66 31.85 -9.87
N TYR B 342 3.44 31.64 -10.92
CA TYR B 342 3.28 32.44 -12.13
C TYR B 342 1.88 32.29 -12.72
N ALA B 343 1.38 31.05 -12.77
CA ALA B 343 0.05 30.84 -13.32
C ALA B 343 -1.01 31.52 -12.47
N ALA B 344 -0.82 31.52 -11.15
CA ALA B 344 -1.77 32.21 -10.29
C ALA B 344 -1.74 33.71 -10.54
N ALA B 345 -0.55 34.27 -10.70
CA ALA B 345 -0.44 35.68 -11.04
C ALA B 345 -1.12 35.99 -12.36
N ALA B 346 -0.96 35.11 -13.36
CA ALA B 346 -1.64 35.31 -14.63
C ALA B 346 -3.15 35.17 -14.48
N SER B 347 -3.61 34.17 -13.73
CA SER B 347 -5.03 33.98 -13.49
C SER B 347 -5.66 35.23 -12.90
N LEU B 348 -4.99 35.84 -11.92
CA LEU B 348 -5.42 37.11 -11.33
C LEU B 348 -4.88 38.32 -12.09
N GLY B 349 -4.69 38.21 -13.40
CA GLY B 349 -4.39 39.37 -14.23
C GLY B 349 -2.92 39.67 -14.45
N THR B 350 -2.19 39.94 -13.36
CA THR B 350 -0.88 40.59 -13.42
C THR B 350 0.24 39.55 -13.47
N LEU B 351 0.47 39.00 -14.68
CA LEU B 351 1.60 38.11 -14.92
C LEU B 351 2.80 38.94 -15.37
N GLU B 352 3.74 39.14 -14.43
CA GLU B 352 5.03 39.74 -14.70
C GLU B 352 6.10 38.65 -14.74
N ARG B 353 7.05 38.77 -15.64
CA ARG B 353 8.00 37.70 -15.91
C ARG B 353 9.42 38.11 -15.51
N PRO B 354 10.32 37.14 -15.31
CA PRO B 354 11.70 37.48 -14.96
C PRO B 354 12.41 38.25 -16.07
N GLY B 355 13.26 39.19 -15.67
CA GLY B 355 13.99 40.00 -16.61
C GLY B 355 15.16 39.30 -17.29
N LYS B 356 15.60 38.14 -16.79
CA LYS B 356 16.79 37.50 -17.32
C LYS B 356 16.62 35.99 -17.35
N ARG B 357 17.47 35.34 -18.15
CA ARG B 357 17.63 33.90 -18.05
C ARG B 357 18.22 33.53 -16.70
N LEU B 358 17.72 32.45 -16.11
CA LEU B 358 18.18 32.06 -14.78
C LEU B 358 19.59 31.50 -14.87
N LEU B 359 20.50 32.01 -14.04
CA LEU B 359 21.87 31.50 -13.99
C LEU B 359 22.26 30.85 -12.67
N SER B 360 21.66 31.23 -11.55
CA SER B 360 22.02 30.67 -10.27
C SER B 360 20.79 30.05 -9.61
N ALA B 361 20.96 28.83 -9.09
CA ALA B 361 19.91 28.15 -8.32
C ALA B 361 20.01 28.44 -6.83
N SER B 362 20.89 29.34 -6.43
CA SER B 362 21.14 29.64 -5.02
C SER B 362 19.98 30.45 -4.46
N LEU B 363 18.93 29.77 -3.97
CA LEU B 363 17.68 30.45 -3.64
C LEU B 363 17.09 30.07 -2.29
N GLY B 364 17.64 29.10 -1.58
CA GLY B 364 17.10 28.73 -0.28
C GLY B 364 17.53 29.68 0.83
N PRO B 365 17.31 29.29 2.08
CA PRO B 365 17.84 30.08 3.19
C PRO B 365 19.36 30.00 3.16
N ALA B 366 19.98 31.02 3.74
CA ALA B 366 21.43 31.07 3.85
C ALA B 366 21.87 30.32 5.10
N LEU B 367 23.19 30.33 5.37
CA LEU B 367 23.70 29.72 6.59
C LEU B 367 23.59 30.64 7.80
N GLY B 368 23.57 31.94 7.58
CA GLY B 368 23.46 32.93 8.65
C GLY B 368 24.52 34.01 8.51
N GLY B 369 24.37 35.05 9.33
CA GLY B 369 25.41 36.05 9.44
C GLY B 369 26.67 35.48 10.04
N ARG B 370 27.80 36.16 9.78
CA ARG B 370 29.07 35.57 10.17
C ARG B 370 29.26 35.61 11.70
N GLU B 371 28.65 36.58 12.38
CA GLU B 371 28.78 36.63 13.84
C GLU B 371 28.00 35.51 14.51
N GLN B 372 26.81 35.18 14.00
CA GLN B 372 26.09 34.04 14.55
C GLN B 372 26.68 32.71 14.07
N ILE B 373 27.33 32.69 12.91
CA ILE B 373 28.03 31.48 12.47
C ILE B 373 29.25 31.21 13.35
N ARG B 374 30.11 32.23 13.53
CA ARG B 374 31.23 32.10 14.46
C ARG B 374 30.75 31.64 15.83
N ALA B 375 29.72 32.29 16.37
CA ALA B 375 29.17 31.88 17.65
C ALA B 375 28.73 30.42 17.64
N ARG B 376 28.04 29.98 16.58
CA ARG B 376 27.53 28.60 16.56
C ARG B 376 28.67 27.59 16.43
N LEU B 377 29.68 27.89 15.61
CA LEU B 377 30.83 26.99 15.53
C LEU B 377 31.53 26.85 16.86
N ALA B 378 31.48 27.89 17.70
CA ALA B 378 32.04 27.76 19.05
C ALA B 378 31.27 26.74 19.88
N ASP B 379 29.94 26.65 19.67
CA ASP B 379 29.15 25.62 20.33
C ASP B 379 29.62 24.23 19.95
N TRP B 380 30.16 24.06 18.75
CA TRP B 380 30.67 22.78 18.31
C TRP B 380 32.10 22.52 18.75
N ALA B 381 32.73 23.43 19.48
CA ALA B 381 34.16 23.31 19.78
C ALA B 381 34.57 21.95 20.33
N PRO B 382 33.83 21.30 21.23
CA PRO B 382 34.27 19.99 21.71
C PRO B 382 34.40 18.94 20.62
N LEU B 383 33.93 19.23 19.40
CA LEU B 383 34.09 18.27 18.31
C LEU B 383 34.98 18.74 17.15
N ILE B 384 35.24 20.04 17.01
CA ILE B 384 35.93 20.57 15.84
C ILE B 384 37.01 21.58 16.24
N ASP B 385 37.96 21.78 15.33
CA ASP B 385 38.89 22.89 15.36
C ASP B 385 38.61 23.80 14.17
N VAL B 386 38.68 25.11 14.39
CA VAL B 386 38.30 26.10 13.38
C VAL B 386 39.46 27.05 13.12
N GLU B 387 39.76 27.29 11.85
CA GLU B 387 40.69 28.31 11.41
C GLU B 387 39.97 29.40 10.63
N PHE B 388 40.49 30.62 10.71
CA PHE B 388 39.87 31.78 10.08
C PHE B 388 40.86 32.43 9.10
N PRO B 389 41.14 31.77 7.96
CA PRO B 389 42.17 32.27 7.04
C PRO B 389 41.80 33.63 6.48
N ASP B 390 42.80 34.30 5.88
CA ASP B 390 42.56 35.63 5.35
C ASP B 390 41.87 35.56 3.99
N ASP B 391 42.24 34.57 3.17
CA ASP B 391 41.60 34.31 1.88
C ASP B 391 41.21 32.83 1.87
N ALA B 392 39.99 32.53 2.32
CA ALA B 392 39.54 31.14 2.41
C ALA B 392 39.53 30.47 1.04
N VAL B 393 39.12 31.20 0.00
CA VAL B 393 39.10 30.61 -1.35
C VAL B 393 40.51 30.24 -1.77
N GLU B 394 41.47 31.12 -1.51
CA GLU B 394 42.87 30.84 -1.83
C GLU B 394 43.36 29.60 -1.09
N THR B 395 43.10 29.54 0.21
CA THR B 395 43.49 28.35 0.99
C THR B 395 42.83 27.11 0.44
N ALA B 396 41.52 27.19 0.17
CA ALA B 396 40.79 26.02 -0.31
C ALA B 396 41.37 25.52 -1.62
N ALA B 397 41.73 26.44 -2.52
CA ALA B 397 42.32 26.03 -3.80
C ALA B 397 43.60 25.23 -3.60
N GLY B 398 44.46 25.66 -2.66
CA GLY B 398 45.69 24.92 -2.40
C GLY B 398 45.44 23.55 -1.80
N LEU B 399 44.55 23.49 -0.80
CA LEU B 399 44.15 22.19 -0.25
C LEU B 399 43.66 21.26 -1.35
N LEU B 400 42.82 21.78 -2.25
CA LEU B 400 42.37 20.97 -3.38
C LEU B 400 43.54 20.53 -4.26
N ALA B 401 44.47 21.46 -4.54
CA ALA B 401 45.65 21.11 -5.31
C ALA B 401 46.51 20.07 -4.57
N GLU B 402 46.57 20.13 -3.24
CA GLU B 402 47.27 19.11 -2.48
C GLU B 402 46.55 17.76 -2.47
N GLY B 403 45.30 17.69 -2.92
CA GLY B 403 44.61 16.43 -3.07
C GLY B 403 43.56 16.13 -2.02
N GLN B 404 43.17 17.12 -1.24
CA GLN B 404 42.19 16.91 -0.19
C GLN B 404 40.77 17.08 -0.73
N VAL B 405 39.83 16.37 -0.12
CA VAL B 405 38.41 16.45 -0.46
C VAL B 405 37.74 17.40 0.51
N LEU B 406 37.06 18.41 -0.01
CA LEU B 406 36.54 19.52 0.78
C LEU B 406 35.01 19.53 0.81
N GLY B 407 34.45 19.86 1.97
CA GLY B 407 33.08 20.31 2.04
C GLY B 407 33.05 21.81 1.83
N TRP B 408 32.04 22.27 1.09
CA TRP B 408 32.01 23.65 0.61
C TRP B 408 30.58 24.18 0.79
N ALA B 409 30.38 25.01 1.83
CA ALA B 409 29.07 25.50 2.20
C ALA B 409 29.09 27.02 2.25
N TYR B 410 28.33 27.65 1.35
CA TYR B 410 28.32 29.11 1.25
C TYR B 410 26.93 29.60 0.87
N GLY B 411 26.44 30.60 1.60
CA GLY B 411 25.28 31.37 1.14
C GLY B 411 24.00 30.56 1.06
N ARG B 412 23.19 30.86 0.04
CA ARG B 412 21.85 30.29 -0.09
C ARG B 412 21.89 28.93 -0.80
N SER B 413 21.11 27.98 -0.27
CA SER B 413 21.13 26.62 -0.77
C SER B 413 20.49 26.51 -2.16
N GLU B 414 20.97 25.52 -2.93
CA GLU B 414 20.50 25.28 -4.28
C GLU B 414 19.07 24.74 -4.33
N PHE B 415 18.26 25.34 -5.21
CA PHE B 415 16.94 24.83 -5.55
C PHE B 415 17.08 23.76 -6.63
N GLY B 416 16.47 22.59 -6.43
CA GLY B 416 16.66 21.48 -7.33
C GLY B 416 17.74 20.53 -6.82
N PRO B 417 17.89 19.36 -7.48
CA PRO B 417 18.71 18.28 -6.90
C PRO B 417 20.23 18.43 -7.02
N ARG B 418 20.74 19.31 -7.90
CA ARG B 418 22.18 19.43 -8.12
C ARG B 418 22.80 20.43 -7.15
N ALA B 419 23.92 20.05 -6.54
CA ALA B 419 24.78 21.01 -5.86
C ALA B 419 25.69 21.71 -6.86
N LEU B 420 25.84 23.03 -6.69
CA LEU B 420 26.46 23.89 -7.71
C LEU B 420 27.41 24.92 -7.11
N GLY B 421 27.95 24.67 -5.92
CA GLY B 421 28.87 25.58 -5.30
C GLY B 421 28.36 26.23 -4.04
N HIS B 422 27.22 25.79 -3.52
CA HIS B 422 26.73 26.31 -2.26
C HIS B 422 26.55 25.25 -1.18
N ARG B 423 26.24 24.01 -1.55
CA ARG B 423 26.23 22.89 -0.63
C ARG B 423 26.88 21.73 -1.35
N SER B 424 28.20 21.82 -1.50
CA SER B 424 28.94 20.95 -2.40
C SER B 424 30.07 20.24 -1.68
N ILE B 425 30.52 19.14 -2.27
CA ILE B 425 31.75 18.47 -1.92
C ILE B 425 32.64 18.49 -3.16
N VAL B 426 33.83 19.07 -3.05
CA VAL B 426 34.69 19.27 -4.21
C VAL B 426 36.04 18.63 -4.00
N ALA B 427 36.64 18.17 -5.10
CA ALA B 427 37.98 17.60 -5.11
C ALA B 427 38.55 17.70 -6.52
N ASP B 428 39.87 17.55 -6.60
CA ASP B 428 40.59 17.40 -7.87
C ASP B 428 39.86 16.45 -8.80
N ALA B 429 39.60 16.90 -10.03
CA ALA B 429 38.91 16.05 -10.99
C ALA B 429 39.83 15.11 -11.76
N ARG B 430 41.16 15.31 -11.72
CA ARG B 430 42.04 14.51 -12.56
C ARG B 430 42.19 13.06 -12.10
N PRO B 431 42.42 12.75 -10.82
CA PRO B 431 42.74 11.35 -10.46
C PRO B 431 41.52 10.44 -10.50
N GLU B 432 41.62 9.35 -11.28
CA GLU B 432 40.50 8.43 -11.43
C GLU B 432 40.17 7.72 -10.12
N GLU B 433 41.15 7.51 -9.26
CA GLU B 433 40.89 6.85 -7.99
C GLU B 433 40.02 7.69 -7.07
N ASN B 434 39.82 8.97 -7.37
CA ASN B 434 38.95 9.78 -6.54
C ASN B 434 37.51 9.29 -6.57
N ARG B 435 37.14 8.49 -7.58
CA ARG B 435 35.78 7.95 -7.65
C ARG B 435 35.52 6.94 -6.53
N THR B 436 36.34 5.88 -6.46
CA THR B 436 36.22 4.92 -5.36
C THR B 436 36.43 5.61 -4.03
N ARG B 437 37.37 6.55 -3.97
CA ARG B 437 37.72 7.22 -2.72
C ARG B 437 36.56 8.00 -2.14
N ILE B 438 36.00 8.93 -2.93
CA ILE B 438 34.99 9.82 -2.38
C ILE B 438 33.66 9.11 -2.19
N ASN B 439 33.41 8.04 -2.95
CA ASN B 439 32.23 7.22 -2.68
C ASN B 439 32.33 6.53 -1.32
N ALA B 440 33.46 5.89 -1.03
CA ALA B 440 33.67 5.35 0.31
C ALA B 440 33.64 6.44 1.37
N MET B 441 34.14 7.62 1.03
CA MET B 441 34.22 8.73 1.98
C MET B 441 32.85 9.14 2.50
N VAL B 442 31.83 9.09 1.63
CA VAL B 442 30.47 9.50 2.00
C VAL B 442 29.53 8.29 2.13
N LYS B 443 30.08 7.08 2.23
CA LYS B 443 29.34 5.84 2.42
C LYS B 443 28.31 5.59 1.31
N LYS B 444 28.53 6.14 0.12
CA LYS B 444 27.65 5.87 -1.01
C LYS B 444 28.19 4.69 -1.81
N ARG B 445 27.40 4.26 -2.79
CA ARG B 445 27.70 3.02 -3.50
C ARG B 445 27.58 3.19 -5.01
N GLU B 446 27.73 4.41 -5.52
CA GLU B 446 27.62 4.67 -6.96
C GLU B 446 28.98 4.70 -7.64
N GLY B 447 29.88 3.80 -7.24
CA GLY B 447 31.19 3.73 -7.88
C GLY B 447 31.11 3.55 -9.38
N PHE B 448 30.11 2.78 -9.85
CA PHE B 448 29.83 2.67 -11.27
C PHE B 448 29.51 4.02 -11.91
N ARG B 449 29.13 5.01 -11.11
CA ARG B 449 28.69 6.30 -11.61
C ARG B 449 29.78 7.32 -11.39
N PRO B 450 30.25 8.02 -12.42
CA PRO B 450 31.28 9.04 -12.22
C PRO B 450 30.68 10.27 -11.55
N PHE B 451 31.58 11.14 -11.12
CA PHE B 451 31.16 12.41 -10.56
C PHE B 451 31.07 13.44 -11.67
N ALA B 452 30.37 14.52 -11.38
CA ALA B 452 30.14 15.63 -12.29
C ALA B 452 31.28 16.65 -12.17
N PRO B 453 31.79 17.13 -13.31
CA PRO B 453 32.78 18.22 -13.28
C PRO B 453 32.15 19.61 -13.26
N VAL B 454 32.87 20.53 -12.61
CA VAL B 454 32.61 21.97 -12.76
C VAL B 454 33.83 22.60 -13.42
N VAL B 455 33.59 23.45 -14.44
CA VAL B 455 34.64 24.09 -15.21
C VAL B 455 34.31 25.57 -15.34
N THR B 456 35.36 26.40 -15.42
CA THR B 456 35.13 27.82 -15.67
C THR B 456 34.53 28.01 -17.06
N ALA B 457 33.75 29.10 -17.21
CA ALA B 457 33.23 29.47 -18.53
C ALA B 457 34.36 29.65 -19.53
N GLU B 458 35.49 30.23 -19.11
CA GLU B 458 36.61 30.51 -20.01
C GLU B 458 37.24 29.24 -20.54
N ALA B 459 37.45 28.25 -19.68
CA ALA B 459 38.11 27.03 -20.08
C ALA B 459 37.15 25.98 -20.63
N ALA B 460 35.84 26.24 -20.59
CA ALA B 460 34.85 25.18 -20.81
C ALA B 460 35.08 24.45 -22.14
N ARG B 461 35.31 25.19 -23.21
CA ARG B 461 35.48 24.57 -24.52
C ARG B 461 36.86 23.97 -24.73
N ASP B 462 37.80 24.19 -23.81
CA ASP B 462 39.08 23.48 -23.85
C ASP B 462 38.97 22.04 -23.39
N TYR B 463 37.87 21.67 -22.73
CA TYR B 463 37.69 20.33 -22.18
C TYR B 463 36.44 19.60 -22.66
N PHE B 464 35.36 20.31 -22.99
CA PHE B 464 34.08 19.68 -23.29
C PHE B 464 33.57 20.10 -24.66
N ASP B 465 32.93 19.15 -25.35
CA ASP B 465 32.30 19.36 -26.66
C ASP B 465 30.87 19.87 -26.42
N LEU B 466 30.74 21.19 -26.30
CA LEU B 466 29.44 21.81 -26.11
C LEU B 466 28.69 22.03 -27.42
N SER B 467 29.31 21.70 -28.57
CA SER B 467 28.77 22.03 -29.87
C SER B 467 27.43 21.35 -30.11
N GLY B 468 26.82 21.72 -31.23
CA GLY B 468 25.41 21.45 -31.43
C GLY B 468 24.63 22.70 -31.06
N ALA B 469 23.49 22.53 -30.41
CA ALA B 469 22.74 23.70 -29.98
C ALA B 469 23.47 24.42 -28.85
N ASP B 470 22.95 25.60 -28.52
CA ASP B 470 23.41 26.43 -27.41
C ASP B 470 22.57 26.07 -26.19
N GLY B 471 23.08 25.16 -25.34
CA GLY B 471 22.39 24.77 -24.13
C GLY B 471 22.93 25.50 -22.91
N ASN B 472 22.09 25.58 -21.86
CA ASN B 472 22.49 26.20 -20.60
C ASN B 472 23.15 25.16 -19.70
N HIS B 473 24.36 25.46 -19.23
CA HIS B 473 25.12 24.50 -18.45
C HIS B 473 25.36 24.96 -17.02
N GLU B 474 24.63 25.98 -16.55
CA GLU B 474 24.82 26.45 -15.18
C GLU B 474 24.29 25.45 -14.16
N PHE B 475 23.52 24.45 -14.57
CA PHE B 475 22.85 23.56 -13.62
C PHE B 475 23.12 22.08 -13.88
N MET B 476 24.10 21.75 -14.72
CA MET B 476 24.42 20.36 -15.04
C MET B 476 23.24 19.64 -15.71
N SER B 477 22.45 20.38 -16.51
CA SER B 477 21.30 19.78 -17.16
C SER B 477 21.67 18.87 -18.32
N PHE B 478 22.90 18.98 -18.85
CA PHE B 478 23.25 18.28 -20.08
C PHE B 478 24.48 17.42 -19.88
N VAL B 479 24.41 16.19 -20.36
CA VAL B 479 25.58 15.37 -20.58
C VAL B 479 26.21 15.79 -21.91
N VAL B 480 27.53 16.02 -21.90
CA VAL B 480 28.25 16.37 -23.12
C VAL B 480 29.48 15.49 -23.24
N PRO B 481 30.01 15.23 -24.44
CA PRO B 481 31.25 14.46 -24.54
C PRO B 481 32.41 15.23 -23.93
N VAL B 482 33.30 14.53 -23.25
CA VAL B 482 34.60 15.07 -22.92
C VAL B 482 35.48 14.96 -24.16
N LEU B 483 36.21 16.02 -24.49
CA LEU B 483 37.08 15.99 -25.66
C LEU B 483 38.02 14.79 -25.57
N PRO B 484 38.12 13.98 -26.63
CA PRO B 484 38.89 12.73 -26.53
C PRO B 484 40.30 12.91 -25.98
N GLU B 485 40.95 14.03 -26.26
CA GLU B 485 42.32 14.26 -25.82
C GLU B 485 42.40 14.88 -24.43
N ARG B 486 41.28 15.00 -23.72
CA ARG B 486 41.30 15.39 -22.33
C ARG B 486 40.74 14.29 -21.42
N ARG B 487 40.27 13.18 -21.99
CA ARG B 487 39.59 12.16 -21.20
C ARG B 487 40.49 11.59 -20.12
N THR B 488 41.73 11.24 -20.47
CA THR B 488 42.63 10.68 -19.46
C THR B 488 43.00 11.72 -18.41
N GLU B 489 43.09 13.00 -18.81
CA GLU B 489 43.37 14.05 -17.83
C GLU B 489 42.25 14.19 -16.81
N LEU B 490 41.00 13.95 -17.20
CA LEU B 490 39.83 14.15 -16.33
C LEU B 490 39.31 12.79 -15.88
N GLY B 491 40.10 12.12 -15.04
CA GLY B 491 39.84 10.72 -14.75
C GLY B 491 38.68 10.47 -13.81
N ALA B 492 38.41 11.40 -12.90
CA ALA B 492 37.35 11.22 -11.91
C ALA B 492 35.96 11.53 -12.46
N VAL B 493 35.87 12.30 -13.54
CA VAL B 493 34.62 12.91 -13.99
C VAL B 493 34.23 12.49 -15.39
N THR B 494 34.94 11.52 -15.99
CA THR B 494 34.64 11.07 -17.33
C THR B 494 34.04 9.67 -17.28
N HIS B 495 32.90 9.49 -17.92
CA HIS B 495 32.18 8.23 -17.90
C HIS B 495 32.85 7.20 -18.81
N VAL B 496 32.35 5.97 -18.74
CA VAL B 496 32.89 4.87 -19.55
C VAL B 496 32.69 5.13 -21.04
N ASP B 497 31.79 6.03 -21.42
CA ASP B 497 31.57 6.35 -22.82
C ASP B 497 32.09 7.73 -23.20
N GLY B 498 32.90 8.35 -22.35
CA GLY B 498 33.58 9.58 -22.69
C GLY B 498 32.80 10.84 -22.41
N THR B 499 31.71 10.77 -21.65
CA THR B 499 30.80 11.88 -21.44
C THR B 499 30.84 12.35 -19.98
N ALA B 500 30.24 13.51 -19.74
CA ALA B 500 30.23 14.11 -18.42
C ALA B 500 29.03 15.03 -18.29
N ARG B 501 28.55 15.20 -17.07
CA ARG B 501 27.40 16.05 -16.78
C ARG B 501 27.92 17.38 -16.22
N VAL B 502 28.29 18.30 -17.12
CA VAL B 502 29.17 19.41 -16.77
C VAL B 502 28.37 20.57 -16.20
N GLN B 503 28.89 21.17 -15.14
CA GLN B 503 28.51 22.51 -14.73
C GLN B 503 29.55 23.47 -15.28
N VAL B 504 29.10 24.46 -16.03
CA VAL B 504 29.94 25.57 -16.45
C VAL B 504 29.66 26.72 -15.50
N VAL B 505 30.63 27.07 -14.68
CA VAL B 505 30.47 28.17 -13.75
C VAL B 505 31.10 29.41 -14.38
N SER B 506 30.46 30.54 -14.15
CA SER B 506 30.91 31.81 -14.67
C SER B 506 30.92 32.79 -13.51
N ALA B 507 31.61 33.91 -13.69
CA ALA B 507 31.58 34.95 -12.66
C ALA B 507 30.14 35.40 -12.38
N GLU B 508 29.25 35.27 -13.36
CA GLU B 508 27.87 35.69 -13.20
C GLU B 508 27.03 34.62 -12.49
N SER B 509 27.24 33.35 -12.81
CA SER B 509 26.41 32.29 -12.23
C SER B 509 26.78 32.02 -10.77
N GLY B 510 28.07 32.05 -10.44
CA GLY B 510 28.54 31.89 -9.07
C GLY B 510 29.92 32.46 -8.86
N GLU B 511 30.01 33.72 -8.43
CA GLU B 511 31.29 34.43 -8.45
C GLU B 511 32.34 33.73 -7.58
N ARG B 512 31.97 33.36 -6.35
CA ARG B 512 32.93 32.75 -5.44
C ARG B 512 33.38 31.38 -5.93
N PHE B 513 32.42 30.55 -6.35
CA PHE B 513 32.75 29.24 -6.89
C PHE B 513 33.57 29.36 -8.18
N HIS B 514 33.28 30.38 -9.00
CA HIS B 514 34.09 30.58 -10.21
C HIS B 514 35.53 30.88 -9.84
N ARG B 515 35.73 31.81 -8.90
CA ARG B 515 37.07 32.15 -8.42
C ARG B 515 37.80 30.91 -7.89
N LEU B 516 37.07 30.04 -7.18
CA LEU B 516 37.68 28.82 -6.64
C LEU B 516 38.19 27.91 -7.76
N VAL B 517 37.37 27.69 -8.79
CA VAL B 517 37.79 26.78 -9.87
C VAL B 517 38.89 27.43 -10.72
N ARG B 518 38.77 28.73 -10.99
CA ARG B 518 39.83 29.42 -11.72
C ARG B 518 41.15 29.34 -10.96
N ARG B 519 41.12 29.69 -9.67
CA ARG B 519 42.33 29.65 -8.85
C ARG B 519 42.97 28.27 -8.85
N PHE B 520 42.17 27.22 -8.70
CA PHE B 520 42.70 25.86 -8.78
C PHE B 520 43.27 25.57 -10.16
N GLY B 521 42.69 26.19 -11.20
CA GLY B 521 43.24 26.01 -12.54
C GLY B 521 44.59 26.67 -12.69
N GLU B 522 44.75 27.87 -12.14
CA GLU B 522 46.05 28.52 -12.12
C GLU B 522 47.07 27.66 -11.38
N LEU B 523 46.67 27.01 -10.29
CA LEU B 523 47.63 26.28 -9.49
C LEU B 523 48.02 24.95 -10.14
N THR B 524 47.13 24.32 -10.90
CA THR B 524 47.40 23.00 -11.44
C THR B 524 47.43 22.92 -12.96
N GLY B 525 46.95 23.95 -13.66
CA GLY B 525 46.78 23.84 -15.10
C GLY B 525 45.52 23.11 -15.54
N THR B 526 44.69 22.65 -14.61
CA THR B 526 43.41 22.02 -14.93
C THR B 526 42.31 22.74 -14.17
N PRO B 527 41.59 23.70 -14.81
CA PRO B 527 40.52 24.44 -14.16
C PRO B 527 39.20 23.67 -14.08
N VAL B 528 39.28 22.41 -13.65
CA VAL B 528 38.15 21.50 -13.55
C VAL B 528 38.20 20.85 -12.16
N LEU B 529 37.13 20.99 -11.38
CA LEU B 529 36.94 20.26 -10.14
C LEU B 529 35.80 19.26 -10.29
N LEU B 530 35.83 18.19 -9.49
CA LEU B 530 34.63 17.40 -9.34
C LEU B 530 33.72 18.05 -8.30
N ASN B 531 32.42 17.94 -8.51
CA ASN B 531 31.43 18.62 -7.67
C ASN B 531 30.25 17.69 -7.47
N THR B 532 30.12 17.17 -6.26
CA THR B 532 29.02 16.30 -5.87
C THR B 532 28.27 16.97 -4.73
N SER B 533 27.05 16.52 -4.47
CA SER B 533 26.23 17.20 -3.47
C SER B 533 26.74 16.90 -2.06
N PHE B 534 26.52 17.87 -1.16
CA PHE B 534 26.95 17.77 0.24
C PHE B 534 25.86 17.06 1.04
N ASN B 535 25.94 15.73 1.05
CA ASN B 535 25.05 14.86 1.80
C ASN B 535 25.63 13.46 1.82
N ASN B 536 25.38 12.72 2.90
CA ASN B 536 25.70 11.31 2.91
C ASN B 536 24.50 10.54 2.34
N ASN B 537 24.53 9.20 2.45
CA ASN B 537 23.52 8.32 1.87
C ASN B 537 22.17 8.35 2.60
N ALA B 538 22.03 9.08 3.71
CA ALA B 538 20.83 9.02 4.54
C ALA B 538 20.13 10.37 4.65
N GLU B 539 20.38 11.29 3.73
CA GLU B 539 19.87 12.65 3.90
C GLU B 539 19.82 13.33 2.54
N PRO B 540 18.96 14.31 2.39
CA PRO B 540 19.05 15.21 1.23
C PRO B 540 20.20 16.19 1.45
N ILE B 541 20.38 17.11 0.50
CA ILE B 541 21.45 18.10 0.59
C ILE B 541 21.34 18.88 1.89
N VAL B 542 22.48 19.03 2.58
CA VAL B 542 22.48 19.74 3.86
C VAL B 542 22.00 21.18 3.67
N GLN B 543 21.29 21.70 4.67
CA GLN B 543 20.73 23.04 4.61
C GLN B 543 21.41 23.99 5.59
N SER B 544 21.26 23.77 6.89
CA SER B 544 21.71 24.72 7.90
C SER B 544 23.18 24.50 8.27
N LEU B 545 23.73 25.44 9.03
CA LEU B 545 25.08 25.27 9.53
C LEU B 545 25.19 23.98 10.34
N ASP B 546 24.22 23.75 11.23
CA ASP B 546 24.21 22.50 11.99
C ASP B 546 24.16 21.28 11.06
N ASP B 547 23.32 21.31 10.01
CA ASP B 547 23.31 20.20 9.05
C ASP B 547 24.70 20.00 8.44
N VAL B 548 25.34 21.10 8.05
CA VAL B 548 26.65 21.03 7.39
C VAL B 548 27.69 20.42 8.34
N VAL B 549 27.74 20.90 9.58
CA VAL B 549 28.74 20.39 10.52
C VAL B 549 28.46 18.92 10.85
N THR B 550 27.19 18.56 11.02
CA THR B 550 26.82 17.17 11.26
C THR B 550 27.29 16.26 10.16
N SER B 551 27.02 16.64 8.91
CA SER B 551 27.37 15.79 7.78
C SER B 551 28.88 15.68 7.64
N PHE B 552 29.60 16.78 7.89
CA PHE B 552 31.05 16.71 7.90
C PHE B 552 31.55 15.71 8.94
N LEU B 553 31.06 15.82 10.17
CA LEU B 553 31.52 14.95 11.25
C LEU B 553 31.11 13.49 11.07
N THR B 554 30.10 13.21 10.24
CA THR B 554 29.62 11.84 10.05
C THR B 554 30.04 11.27 8.70
N THR B 555 30.84 12.01 7.94
CA THR B 555 31.51 11.47 6.77
C THR B 555 33.00 11.62 6.95
N ASP B 556 33.76 11.19 5.95
CA ASP B 556 35.21 11.16 6.05
C ASP B 556 35.89 12.17 5.10
N LEU B 557 35.27 13.33 4.92
CA LEU B 557 35.93 14.41 4.19
C LEU B 557 37.12 14.94 4.97
N ASP B 558 38.12 15.46 4.23
CA ASP B 558 39.34 15.93 4.87
C ASP B 558 39.12 17.26 5.59
N VAL B 559 38.44 18.20 4.93
CA VAL B 559 38.26 19.54 5.48
C VAL B 559 36.88 20.05 5.10
N LEU B 560 36.33 20.93 5.95
CA LEU B 560 35.11 21.66 5.65
C LEU B 560 35.42 23.15 5.55
N VAL B 561 35.03 23.75 4.42
CA VAL B 561 35.08 25.20 4.22
C VAL B 561 33.64 25.68 4.28
N VAL B 562 33.31 26.48 5.30
CA VAL B 562 31.96 27.01 5.45
C VAL B 562 32.07 28.50 5.77
N GLU B 563 31.60 29.34 4.84
CA GLU B 563 31.57 30.79 5.05
C GLU B 563 32.91 31.31 5.57
N ASP B 564 33.98 30.96 4.86
CA ASP B 564 35.36 31.37 5.10
C ASP B 564 35.98 30.74 6.35
N CYS B 565 35.27 29.88 7.06
CA CYS B 565 35.84 29.17 8.22
C CYS B 565 36.31 27.79 7.78
N LEU B 566 37.51 27.43 8.21
CA LEU B 566 38.13 26.15 7.90
C LEU B 566 37.90 25.22 9.10
N VAL B 567 37.18 24.12 8.88
CA VAL B 567 36.73 23.26 9.98
C VAL B 567 37.32 21.87 9.79
N ARG B 568 37.87 21.33 10.87
CA ARG B 568 38.35 19.95 10.90
C ARG B 568 37.91 19.31 12.21
N GLY B 569 37.67 18.00 12.17
CA GLY B 569 37.25 17.30 13.37
C GLY B 569 38.41 17.07 14.32
N LYS B 570 38.16 17.30 15.61
CA LYS B 570 39.14 17.00 16.64
C LYS B 570 39.58 15.54 16.57
N ALA B 571 40.77 15.27 17.13
CA ALA B 571 41.30 13.92 17.11
C ALA B 571 40.38 12.96 17.87
N SER B 572 39.78 13.44 18.96
CA SER B 572 38.79 12.67 19.72
C SER B 572 37.60 13.59 19.98
N PRO B 573 36.59 13.55 19.10
CA PRO B 573 35.43 14.43 19.29
C PRO B 573 34.58 13.98 20.46
N ASP B 574 34.14 14.93 21.26
CA ASP B 574 33.37 14.64 22.48
C ASP B 574 31.89 14.63 22.14
N LEU B 575 31.35 13.43 21.86
CA LEU B 575 29.93 13.28 21.57
C LEU B 575 29.04 13.64 22.75
N GLY B 576 29.58 13.60 23.97
CA GLY B 576 28.75 13.76 25.15
C GLY B 576 28.15 15.13 25.32
N VAL B 577 28.72 16.15 24.65
CA VAL B 577 28.16 17.50 24.75
C VAL B 577 26.97 17.72 23.83
N LEU B 578 26.73 16.82 22.88
CA LEU B 578 25.62 16.93 21.94
C LEU B 578 24.30 16.62 22.63
N VAL B 579 23.29 17.43 22.32
CA VAL B 579 21.96 17.27 22.90
C VAL B 579 21.11 16.48 21.91
N PRO B 580 20.69 15.26 22.25
CA PRO B 580 19.82 14.52 21.33
C PRO B 580 18.41 15.08 21.32
N ARG B 581 17.81 15.11 20.12
CA ARG B 581 16.42 15.52 19.95
C ARG B 581 15.76 14.55 18.99
N PHE B 582 14.55 14.11 19.33
CA PHE B 582 13.75 13.35 18.37
C PHE B 582 13.40 14.23 17.17
N ARG B 583 13.45 13.65 15.96
CA ARG B 583 12.74 14.23 14.84
C ARG B 583 11.25 13.93 14.98
N PRO B 584 10.38 14.71 14.33
CA PRO B 584 8.94 14.45 14.47
C PRO B 584 8.54 13.05 14.02
N VAL B 585 9.32 12.41 13.14
CA VAL B 585 9.03 11.05 12.69
C VAL B 585 9.81 9.98 13.44
N THR B 586 10.65 10.36 14.42
CA THR B 586 11.41 9.34 15.15
C THR B 586 10.46 8.49 16.01
N ARG B 587 10.62 7.17 15.95
CA ARG B 587 9.89 6.24 16.81
C ARG B 587 10.87 5.30 17.48
N LEU B 588 10.65 5.04 18.76
CA LEU B 588 11.50 4.17 19.56
C LEU B 588 10.64 3.07 20.15
N VAL B 589 11.01 1.81 19.89
CA VAL B 589 10.09 0.70 20.08
C VAL B 589 10.79 -0.48 20.74
N GLU B 590 10.12 -1.07 21.74
CA GLU B 590 10.41 -2.42 22.22
C GLU B 590 9.34 -3.36 21.68
N ARG B 591 9.76 -4.45 21.05
CA ARG B 591 8.82 -5.35 20.38
C ARG B 591 8.97 -6.78 20.88
N ARG B 592 7.84 -7.48 21.01
CA ARG B 592 7.83 -8.92 21.22
C ARG B 592 6.99 -9.56 20.11
N THR B 593 7.59 -10.54 19.44
CA THR B 593 6.87 -11.28 18.43
C THR B 593 6.37 -12.58 19.06
N ALA B 594 5.79 -13.46 18.24
CA ALA B 594 5.34 -14.76 18.73
C ALA B 594 6.52 -15.73 18.73
N GLY B 595 6.56 -16.59 19.74
CA GLY B 595 7.64 -17.54 19.87
C GLY B 595 7.16 -18.96 19.70
N PRO B 596 8.09 -19.91 19.76
CA PRO B 596 7.72 -21.33 19.65
C PRO B 596 6.83 -21.76 20.80
N ASP B 597 5.94 -22.71 20.52
CA ASP B 597 4.96 -23.20 21.47
C ASP B 597 4.02 -22.08 21.95
N ALA B 598 3.79 -21.10 21.06
CA ALA B 598 2.84 -20.01 21.29
C ALA B 598 3.21 -19.15 22.49
N SER B 599 4.50 -19.05 22.78
CA SER B 599 4.97 -18.17 23.83
C SER B 599 5.15 -16.76 23.28
N ALA B 600 5.31 -15.81 24.20
CA ALA B 600 5.79 -14.48 23.83
C ALA B 600 7.23 -14.61 23.37
N GLY B 601 7.52 -14.11 22.19
CA GLY B 601 8.77 -14.41 21.52
C GLY B 601 9.87 -13.41 21.78
N ALA B 602 10.75 -13.28 20.78
CA ALA B 602 11.98 -12.49 20.91
C ALA B 602 11.64 -11.04 21.19
N LYS B 603 12.35 -10.47 22.17
CA LYS B 603 12.15 -9.10 22.63
C LYS B 603 13.31 -8.23 22.16
N THR B 604 13.04 -7.39 21.17
CA THR B 604 14.04 -6.57 20.49
C THR B 604 13.71 -5.08 20.68
N HIS B 605 14.71 -4.24 20.46
CA HIS B 605 14.56 -2.80 20.60
C HIS B 605 14.99 -2.16 19.29
N GLU B 606 14.23 -1.18 18.82
CA GLU B 606 14.59 -0.57 17.55
C GLU B 606 14.21 0.89 17.51
N ILE B 607 14.91 1.63 16.66
CA ILE B 607 14.55 3.00 16.33
C ILE B 607 14.17 3.03 14.86
N HIS B 608 13.17 3.84 14.50
CA HIS B 608 12.87 3.96 13.09
C HIS B 608 12.24 5.32 12.80
N LEU B 609 12.11 5.60 11.51
CA LEU B 609 11.53 6.85 11.04
C LEU B 609 10.18 6.52 10.40
N ASP B 610 9.12 7.13 10.92
CA ASP B 610 7.74 6.76 10.62
C ASP B 610 7.24 7.51 9.37
N TYR B 611 7.70 7.04 8.21
CA TYR B 611 7.18 7.47 6.93
C TYR B 611 7.49 6.37 5.94
N ASP B 612 6.75 6.36 4.83
CA ASP B 612 6.88 5.30 3.84
C ASP B 612 8.28 5.28 3.27
N GLY B 613 8.94 4.12 3.36
CA GLY B 613 10.34 4.00 3.01
C GLY B 613 11.33 4.45 4.06
N GLY B 614 10.89 4.77 5.28
CA GLY B 614 11.80 5.30 6.28
C GLY B 614 12.68 4.19 6.83
N PRO B 615 13.91 4.51 7.24
CA PRO B 615 14.82 3.47 7.71
C PRO B 615 14.49 3.03 9.14
N SER B 616 15.13 1.94 9.57
CA SER B 616 14.99 1.44 10.92
C SER B 616 16.27 0.72 11.33
N ALA B 617 16.57 0.74 12.63
CA ALA B 617 17.80 0.11 13.11
C ALA B 617 17.56 -0.53 14.47
N LYS B 618 18.15 -1.70 14.68
CA LYS B 618 18.17 -2.29 16.02
C LYS B 618 19.03 -1.45 16.95
N VAL B 619 18.64 -1.42 18.24
CA VAL B 619 19.43 -0.78 19.29
C VAL B 619 19.53 -1.69 20.50
N SER B 620 20.60 -1.51 21.26
CA SER B 620 20.82 -2.30 22.47
C SER B 620 19.83 -1.91 23.57
N PRO B 621 19.60 -2.82 24.53
CA PRO B 621 18.75 -2.45 25.67
C PRO B 621 19.21 -1.19 26.35
N GLU B 622 20.53 -0.96 26.42
CA GLU B 622 21.05 0.19 27.14
C GLU B 622 20.72 1.48 26.39
N LEU B 623 20.98 1.50 25.09
CA LEU B 623 20.67 2.71 24.31
C LEU B 623 19.18 2.96 24.28
N TYR B 624 18.37 1.89 24.23
CA TYR B 624 16.91 2.02 24.33
C TYR B 624 16.52 2.78 25.59
N GLU B 625 17.12 2.40 26.72
CA GLU B 625 16.83 3.07 27.99
C GLU B 625 17.28 4.53 27.95
N LEU B 626 18.48 4.77 27.42
CA LEU B 626 18.98 6.14 27.26
C LEU B 626 18.07 6.97 26.38
N LEU B 627 17.77 6.49 25.17
CA LEU B 627 16.98 7.28 24.22
C LEU B 627 15.56 7.55 24.73
N GLY B 628 15.00 6.62 25.52
CA GLY B 628 13.69 6.83 26.11
C GLY B 628 13.64 8.00 27.07
N ALA B 629 14.79 8.46 27.55
CA ALA B 629 14.89 9.60 28.45
C ALA B 629 15.22 10.90 27.73
N VAL B 630 15.30 10.90 26.39
CA VAL B 630 15.59 12.13 25.68
C VAL B 630 14.52 13.17 26.00
N ASP B 631 14.96 14.35 26.40
CA ASP B 631 14.03 15.42 26.73
C ASP B 631 14.22 16.64 25.84
N GLY B 632 15.17 16.60 24.90
CA GLY B 632 15.42 17.73 24.03
C GLY B 632 16.32 18.80 24.59
N THR B 633 16.74 18.69 25.87
CA THR B 633 17.63 19.67 26.46
C THR B 633 18.85 19.04 27.14
N THR B 634 18.68 17.89 27.79
CA THR B 634 19.80 17.24 28.46
C THR B 634 20.79 16.64 27.46
N THR B 635 22.08 16.83 27.71
CA THR B 635 23.10 16.35 26.77
C THR B 635 23.18 14.83 26.79
N LEU B 636 23.77 14.29 25.73
CA LEU B 636 23.95 12.85 25.61
C LEU B 636 24.78 12.29 26.77
N GLY B 637 25.86 12.98 27.12
CA GLY B 637 26.67 12.54 28.25
C GLY B 637 25.90 12.51 29.55
N ASP B 638 25.07 13.53 29.80
CA ASP B 638 24.29 13.54 31.03
C ASP B 638 23.24 12.45 31.04
N LEU B 639 22.56 12.24 29.88
CA LEU B 639 21.61 11.14 29.76
C LEU B 639 22.28 9.79 29.97
N ALA B 640 23.49 9.62 29.43
CA ALA B 640 24.19 8.34 29.55
C ALA B 640 24.54 8.00 31.00
N LYS B 641 24.58 8.99 31.90
CA LYS B 641 24.88 8.67 33.29
C LYS B 641 23.87 7.69 33.86
N THR B 642 22.62 7.74 33.39
CA THR B 642 21.60 6.86 33.94
C THR B 642 21.80 5.41 33.54
N VAL B 643 22.68 5.11 32.58
CA VAL B 643 22.93 3.73 32.22
C VAL B 643 24.42 3.44 32.37
N GLY B 644 25.10 4.19 33.24
CA GLY B 644 26.46 3.89 33.60
C GLY B 644 27.52 4.78 32.99
N GLY B 645 27.12 5.77 32.19
CA GLY B 645 28.07 6.64 31.54
C GLY B 645 28.21 6.32 30.06
N LEU B 646 28.70 7.32 29.31
CA LEU B 646 28.88 7.20 27.86
C LEU B 646 30.14 6.39 27.59
N SER B 647 29.99 5.08 27.59
CA SER B 647 31.10 4.19 27.29
C SER B 647 31.50 4.34 25.82
N ASP B 648 32.66 3.80 25.48
CA ASP B 648 33.07 3.81 24.07
C ASP B 648 32.09 3.02 23.23
N ALA B 649 31.57 1.92 23.76
CA ALA B 649 30.60 1.12 23.01
C ALA B 649 29.33 1.92 22.72
N LEU B 650 28.76 2.56 23.75
CA LEU B 650 27.55 3.35 23.56
C LEU B 650 27.78 4.51 22.61
N ALA B 651 28.90 5.23 22.78
CA ALA B 651 29.20 6.36 21.89
C ALA B 651 29.30 5.91 20.44
N THR B 652 29.89 4.73 20.22
CA THR B 652 29.95 4.17 18.88
C THR B 652 28.57 3.76 18.39
N GLU B 653 27.74 3.20 19.26
CA GLU B 653 26.39 2.84 18.85
C GLU B 653 25.61 4.10 18.47
N VAL B 654 25.67 5.12 19.31
CA VAL B 654 25.00 6.40 19.03
C VAL B 654 25.49 6.98 17.72
N PHE B 655 26.81 6.96 17.50
CA PHE B 655 27.37 7.58 16.31
C PHE B 655 26.81 6.94 15.04
N ALA B 656 26.67 5.61 15.03
CA ALA B 656 26.10 4.94 13.86
C ALA B 656 24.65 5.34 13.63
N LEU B 657 23.88 5.56 14.71
CA LEU B 657 22.52 6.09 14.58
C LEU B 657 22.54 7.52 14.05
N TRP B 658 23.50 8.32 14.53
CA TRP B 658 23.67 9.68 14.03
C TRP B 658 23.91 9.68 12.52
N GLU B 659 24.78 8.79 12.04
CA GLU B 659 25.09 8.70 10.62
C GLU B 659 23.83 8.46 9.78
N GLN B 660 22.90 7.65 10.29
CA GLN B 660 21.65 7.35 9.59
C GLN B 660 20.56 8.36 9.88
N ARG B 661 20.86 9.39 10.69
CA ARG B 661 19.97 10.51 10.97
C ARG B 661 18.67 10.09 11.69
N PHE B 662 18.71 9.02 12.49
CA PHE B 662 17.51 8.63 13.25
C PHE B 662 17.06 9.68 14.24
N LEU B 663 17.95 10.56 14.66
CA LEU B 663 17.56 11.63 15.55
C LEU B 663 18.55 12.77 15.36
N THR B 664 18.21 13.93 15.90
CA THR B 664 19.07 15.09 15.79
C THR B 664 20.06 15.10 16.94
N LEU B 665 21.34 15.31 16.62
CA LEU B 665 22.41 15.43 17.60
C LEU B 665 23.19 16.70 17.28
N ALA B 666 23.09 17.71 18.15
CA ALA B 666 23.72 19.01 17.95
C ALA B 666 23.94 19.63 19.32
N PRO B 667 24.88 20.58 19.44
CA PRO B 667 25.06 21.26 20.73
C PRO B 667 23.77 21.95 21.16
N ALA B 668 23.67 22.23 22.46
CA ALA B 668 22.50 22.86 23.03
C ALA B 668 22.21 24.20 22.36
N GLY B 669 20.95 24.59 22.36
CA GLY B 669 20.52 25.80 21.68
C GLY B 669 20.51 25.63 20.16
N ASP B 670 20.64 26.76 19.47
CA ASP B 670 20.66 26.76 18.01
C ASP B 670 21.38 28.03 17.56
N ILE B 671 21.44 28.23 16.23
CA ILE B 671 22.09 29.41 15.69
C ILE B 671 21.24 30.66 15.84
N GLY B 672 19.94 30.51 16.09
CA GLY B 672 19.04 31.64 16.21
C GLY B 672 18.49 32.06 14.86
N PRO B 673 17.60 33.06 14.87
CA PRO B 673 17.03 33.54 13.61
C PRO B 673 18.13 33.97 12.64
N LEU B 674 18.00 33.56 11.38
CA LEU B 674 19.00 33.90 10.37
C LEU B 674 19.07 35.41 10.19
N ALA B 675 20.30 35.94 10.17
CA ALA B 675 20.49 37.38 10.19
C ALA B 675 20.04 38.04 8.88
N ASP B 676 19.50 39.24 8.99
CA ASP B 676 19.29 40.11 7.83
C ASP B 676 20.66 40.64 7.43
N ASP B 677 21.25 40.03 6.41
CA ASP B 677 22.58 40.41 5.97
C ASP B 677 22.58 41.60 5.01
N GLY B 678 21.42 42.20 4.76
CA GLY B 678 21.33 43.37 3.91
C GLY B 678 21.40 43.12 2.42
N THR B 679 21.06 41.92 1.95
CA THR B 679 21.07 41.61 0.52
C THR B 679 19.72 41.08 0.04
FE FE C . -12.86 -16.13 -8.21
C19 83Z D . -6.55 -11.92 -7.85
C22 83Z D . -8.76 -11.64 -6.88
C01 83Z D . -6.00 -4.80 -5.74
C02 83Z D . -6.27 -4.90 -7.24
C03 83Z D . -5.47 -4.04 -8.21
C04 83Z D . -4.21 -4.85 -8.51
C05 83Z D . -3.04 -4.55 -7.84
C06 83Z D . -1.89 -5.30 -8.10
C08 83Z D . -0.70 -3.74 -6.80
C09 83Z D . -1.94 -6.34 -9.01
C11 83Z D . -3.13 -6.65 -9.65
C13 83Z D . -3.85 -8.98 -10.44
C14 83Z D . -4.59 -9.32 -9.15
C15 83Z D . -4.65 -10.84 -9.00
C17 83Z D . -5.48 -11.15 -7.75
C18 83Z D . -5.02 -10.56 -6.42
C20 83Z D . -7.43 -12.30 -6.65
C21 83Z D . -7.51 -13.82 -6.51
C24 83Z D . -8.70 -10.30 -6.20
C25 83Z D . -9.83 -9.38 -6.58
C28 83Z D . -4.27 -5.91 -9.42
C29 83Z D . -7.17 -5.74 -7.72
C30 83Z D . -7.95 -6.63 -6.79
C31 83Z D . -9.16 -7.06 -7.07
C32 83Z D . -9.71 -7.98 -5.99
C34 83Z D . -11.27 -8.45 -4.40
N12 83Z D . -3.15 -7.72 -10.62
O07 83Z D . -0.69 -4.99 -7.43
O16 83Z D . -5.14 -11.60 -10.07
O23 83Z D . -9.76 -12.39 -6.23
O26 83Z D . -10.73 -9.70 -7.29
O27 83Z D . -3.82 -9.78 -11.33
O33 83Z D . -10.84 -7.49 -5.33
CL1 83Z D . -0.48 -7.31 -9.36
N1 CA0 E . -22.09 -8.83 -4.49
C2 CA0 E . -21.29 -8.51 -5.52
N3 CA0 E . -20.03 -8.89 -5.57
C4 CA0 E . -19.51 -9.63 -4.58
C5 CA0 E . -20.28 -9.99 -3.48
C6 CA0 E . -21.62 -9.55 -3.46
N6 CA0 E . -22.49 -9.89 -2.35
N7 CA0 E . -19.51 -10.71 -2.65
C8 CA0 E . -18.30 -10.79 -3.18
N9 CA0 E . -18.29 -10.16 -4.36
PA CA0 E . -13.84 -14.46 -5.89
CB CA0 E . -11.90 -13.47 -7.61
C1' CA0 E . -17.16 -10.03 -5.23
O1A CA0 E . -14.52 -15.52 -6.72
O1B CA0 E . -12.28 -12.37 -7.98
C2' CA0 E . -15.90 -9.28 -4.47
O2' CA0 E . -16.23 -7.85 -4.32
O2A CA0 E . -13.64 -15.06 -4.53
N2B CA0 E . -10.90 -14.25 -8.36
C3' CA0 E . -14.89 -9.53 -5.22
O3' CA0 E . -14.75 -8.57 -6.35
O3A CA0 E . -12.32 -14.04 -6.38
C4' CA0 E . -15.19 -10.94 -5.85
O4' CA0 E . -16.70 -11.19 -5.57
C5' CA0 E . -14.40 -11.95 -5.30
O5' CA0 E . -14.86 -13.17 -5.79
C1 PEG F . -8.37 -23.18 18.13
O1 PEG F . -8.50 -24.58 18.52
C2 PEG F . -7.74 -22.33 19.23
O2 PEG F . -8.49 -22.44 20.46
C3 PEG F . -7.65 -22.59 21.63
C4 PEG F . -7.30 -24.06 21.91
O4 PEG F . -6.36 -24.21 22.99
C1 EDO G . -18.79 13.44 8.73
O1 EDO G . -18.52 13.67 10.11
C2 EDO G . -17.62 12.65 8.15
O2 EDO G . -17.40 12.99 6.79
C1 EDO H . -9.27 -1.91 29.03
O1 EDO H . -10.18 -2.99 28.77
C2 EDO H . -9.10 -1.81 30.55
O2 EDO H . -10.11 -2.63 31.16
C1 EDO I . 1.14 -35.09 9.09
O1 EDO I . 1.06 -36.50 9.30
C2 EDO I . -0.20 -34.63 8.53
O2 EDO I . -0.44 -35.28 7.26
C1 EDO J . -29.87 -2.31 -24.41
O1 EDO J . -31.24 -1.89 -24.35
C2 EDO J . -29.34 -2.17 -25.83
O2 EDO J . -29.68 -3.35 -26.58
C1 EDO K . -18.35 -31.16 32.61
O1 EDO K . -18.07 -32.52 32.95
C2 EDO K . -17.39 -30.27 33.38
O2 EDO K . -17.34 -28.96 32.80
C1 EDO L . 4.66 -36.93 6.72
O1 EDO L . 3.69 -36.47 7.66
C2 EDO L . 3.98 -37.58 5.52
O2 EDO L . 4.93 -37.72 4.46
C1 EDO M . -12.74 -18.88 18.74
O1 EDO M . -13.90 -18.36 19.35
C2 EDO M . -11.58 -18.73 19.72
O2 EDO M . -10.62 -19.70 19.35
C1 EDO N . -17.40 -16.05 8.46
O1 EDO N . -16.37 -17.04 8.54
C2 EDO N . -18.36 -16.48 7.36
O2 EDO N . -19.57 -15.71 7.44
C1 GOL O . -15.16 -9.02 32.88
O1 GOL O . -15.31 -9.93 33.94
C2 GOL O . -16.59 -8.62 32.35
O2 GOL O . -17.14 -9.58 31.48
C3 GOL O . -16.43 -7.24 31.66
O3 GOL O . -16.36 -6.27 32.68
N CP P . -22.06 -12.69 11.06
C CP P . -21.11 -11.63 10.92
O CP P . -19.97 -11.91 10.95
O4P CP P . -21.52 -10.29 10.77
P CP P . -20.54 -9.13 11.43
O1P CP P . -20.65 -9.25 12.94
O2P CP P . -19.11 -9.36 10.96
O3P CP P . -20.92 -7.74 11.01
S SO4 Q . -25.30 -13.67 9.02
O1 SO4 Q . -24.89 -15.01 9.39
O2 SO4 Q . -24.18 -12.76 9.22
O3 SO4 Q . -25.69 -13.67 7.61
O4 SO4 Q . -26.41 -13.24 9.89
S SO4 R . 7.46 7.70 30.42
O1 SO4 R . 7.77 9.14 30.57
O2 SO4 R . 8.69 6.96 30.17
O3 SO4 R . 6.83 7.17 31.63
O4 SO4 R . 6.55 7.55 29.31
FE FE S . 5.34 16.92 -12.67
C19 83Z T . 0.76 12.43 -8.93
C22 83Z T . 3.13 12.19 -9.61
C01 83Z T . 1.20 5.58 -7.69
C02 83Z T . 0.56 5.50 -9.09
C03 83Z T . -0.67 4.64 -9.32
C04 83Z T . -1.82 5.40 -8.66
C05 83Z T . -2.38 4.95 -7.47
C06 83Z T . -3.43 5.67 -6.88
C08 83Z T . -3.62 4.02 -5.17
C09 83Z T . -3.89 6.80 -7.49
C11 83Z T . -3.33 7.26 -8.67
C13 83Z T . -3.14 9.68 -9.60
C14 83Z T . -1.68 9.89 -9.15
C15 83Z T . -1.46 11.35 -8.73
C17 83Z T . -0.02 11.58 -8.28
C18 83Z T . 0.47 10.83 -7.04
C20 83Z T . 2.21 12.75 -8.55
C21 83Z T . 2.30 14.26 -8.30
C24 83Z T . 3.48 10.75 -9.27
C25 83Z T . 3.88 9.89 -10.46
C28 83Z T . -2.30 6.55 -9.26
C29 83Z T . 1.07 6.20 -10.07
C30 83Z T . 2.29 7.07 -9.77
C31 83Z T . 3.05 7.59 -10.71
C32 83Z T . 4.21 8.43 -10.18
C34 83Z T . 6.45 8.70 -9.94
N12 83Z T . -3.85 8.45 -9.33
O07 83Z T . -4.02 5.27 -5.68
O16 83Z T . -1.75 12.34 -9.68
O23 83Z T . 4.32 12.93 -9.55
O26 83Z T . 3.98 10.30 -11.56
O27 83Z T . -3.72 10.55 -10.18
O33 83Z T . 5.45 8.00 -10.63
CL1 83Z T . -5.23 7.69 -6.73
N1 CA0 U . 14.75 9.62 -16.40
C2 CA0 U . 13.48 9.41 -16.72
N3 CA0 U . 12.47 9.76 -15.92
C4 CA0 U . 12.72 10.35 -14.74
C5 CA0 U . 14.02 10.61 -14.39
C6 CA0 U . 15.05 10.22 -15.26
N6 CA0 U . 16.45 10.45 -14.91
N7 CA0 U . 13.97 11.21 -13.18
C8 CA0 U . 12.71 11.32 -12.81
N9 CA0 U . 11.93 10.81 -13.75
PA CA0 U . 7.61 15.08 -11.68
CB CA0 U . 4.94 14.19 -11.88
C1' CA0 U . 10.51 10.75 -13.74
O1A CA0 U . 7.59 16.28 -12.60
O1B CA0 U . 4.96 13.19 -12.56
C2' CA0 U . 10.05 9.88 -12.39
O2' CA0 U . 10.31 8.47 -12.66
O2A CA0 U . 8.37 15.51 -10.46
N2B CA0 U . 3.67 14.94 -11.69
C3' CA0 U . 8.81 10.16 -12.24
O3' CA0 U . 7.95 9.27 -13.09
O3A CA0 U . 6.08 14.64 -11.15
C4' CA0 U . 8.65 11.62 -12.81
O4' CA0 U . 9.95 11.91 -13.62
C5' CA0 U . 8.45 12.55 -11.80
O5' CA0 U . 8.39 13.82 -12.40
C1 EDO V . 18.49 19.56 -14.80
O1 EDO V . 18.02 20.91 -14.86
C2 EDO V . 18.11 18.70 -15.98
O2 EDO V . 18.84 17.47 -15.96
C1 EDO W . -1.10 14.52 -30.00
O1 EDO W . 0.06 14.10 -29.25
C2 EDO W . -1.84 15.70 -29.37
O2 EDO W . -2.98 15.29 -28.60
C1 EDO X . 2.55 4.77 -38.09
O1 EDO X . 2.52 4.12 -39.37
C2 EDO X . 1.19 4.65 -37.42
O2 EDO X . 0.46 5.87 -37.62
C1 EDO Y . 8.97 1.30 -32.56
O1 EDO Y . 8.03 1.41 -33.63
C2 EDO Y . 9.55 -0.12 -32.44
O2 EDO Y . 8.62 -0.99 -31.78
C1 GOL Z . 1.56 7.07 11.12
O1 GOL Z . 2.06 7.36 12.38
C2 GOL Z . 1.34 8.43 10.41
O2 GOL Z . 0.11 8.54 9.82
C3 GOL Z . 2.57 8.61 9.44
O3 GOL Z . 2.61 7.56 8.46
S SO4 AA . -3.17 16.68 11.42
O1 SO4 AA . -1.89 16.90 12.11
O2 SO4 AA . -4.07 15.93 12.31
O3 SO4 AA . -3.78 17.97 11.12
O4 SO4 AA . -2.95 15.93 10.18
#